data_7CB2
#
_entry.id   7CB2
#
_cell.length_a   95.530
_cell.length_b   136.040
_cell.length_c   164.540
_cell.angle_alpha   90.000
_cell.angle_beta   90.000
_cell.angle_gamma   90.000
#
_symmetry.space_group_name_H-M   'P 21 21 21'
#
loop_
_entity.id
_entity.type
_entity.pdbx_description
1 polymer '6-phosphogluconate dehydrogenase, decarboxylating'
2 non-polymer 'NADP NICOTINAMIDE-ADENINE-DINUCLEOTIDE PHOSPHATE'
3 non-polymer 'NITRATE ION'
4 non-polymer 'CITRIC ACID'
5 water water
#
_entity_poly.entity_id   1
_entity_poly.type   'polypeptide(L)'
_entity_poly.pdbx_seq_one_letter_code
;MTQQIGVIGLAVMGKNLAWNIESRGYSVSVFNRSSEKTDLMVEESKGKNIHPTYSLEEFVNSLEKPRKILLMVQAGKATD
ATIDSLLPLLDDGDILIDGGNTNYQDTIRRNKALAQSAINFIGMGVSGGEIGALTGPSLMPGGQEEAYNKVADILDAIAA
KAKDGASCVTYIGPNGAGHYVKMVHNGIEYADMQLIAESYAMMKELLGMSHEDIAQTFKDWNAGELESYLIEITGDIFMK
LDENKEALVEKILDTAGQKGTGKWTSINALELGIPLTIITESVFARFISSIKEERVNASKELNGPKASFDGDKKDFLEKI
RKALYMSKICSYAQGFAQMRKASEDNEWNLKLGDLAMIWREGCIIRAQFLQKIKDAYDNNPGLQNLLLDPYFKNIVTEYQ
DALRDVVATGVQNGVPTPGFSSSINYYDSYRAADLPANLIQAQRDYFGAHTYERKDKEGVFHTQWIEE
;
_entity_poly.pdbx_strand_id   A,B,C,D
#
loop_
_chem_comp.id
_chem_comp.type
_chem_comp.name
_chem_comp.formula
CIT non-polymer 'CITRIC ACID' 'C6 H8 O7'
NAP non-polymer 'NADP NICOTINAMIDE-ADENINE-DINUCLEOTIDE PHOSPHATE' 'C21 H28 N7 O17 P3'
NO3 non-polymer 'NITRATE ION' 'N O3 -1'
#
# COMPACT_ATOMS: atom_id res chain seq x y z
N MET A 1 -20.82 -52.48 -14.39
CA MET A 1 -19.65 -51.83 -14.99
C MET A 1 -19.79 -50.32 -14.98
N THR A 2 -20.94 -49.82 -15.42
CA THR A 2 -21.22 -48.40 -15.47
C THR A 2 -22.22 -48.03 -14.37
N GLN A 3 -22.05 -46.84 -13.80
CA GLN A 3 -22.89 -46.37 -12.71
C GLN A 3 -23.84 -45.29 -13.21
N GLN A 4 -24.90 -45.05 -12.43
CA GLN A 4 -25.94 -44.13 -12.84
C GLN A 4 -25.61 -42.68 -12.52
N ILE A 5 -24.84 -42.44 -11.46
CA ILE A 5 -24.52 -41.07 -11.04
C ILE A 5 -23.18 -41.10 -10.32
N GLY A 6 -22.46 -39.98 -10.38
CA GLY A 6 -21.18 -39.86 -9.73
C GLY A 6 -21.15 -38.68 -8.77
N VAL A 7 -20.34 -38.83 -7.72
CA VAL A 7 -20.16 -37.80 -6.70
C VAL A 7 -18.68 -37.50 -6.57
N ILE A 8 -18.32 -36.22 -6.69
CA ILE A 8 -16.95 -35.76 -6.50
C ILE A 8 -16.89 -34.96 -5.20
N GLY A 9 -15.97 -35.32 -4.33
CA GLY A 9 -15.85 -34.64 -3.05
C GLY A 9 -16.44 -35.47 -1.93
N LEU A 10 -15.61 -36.22 -1.23
CA LEU A 10 -16.06 -37.18 -0.22
C LEU A 10 -15.85 -36.66 1.19
N ALA A 11 -16.04 -35.36 1.41
CA ALA A 11 -16.16 -34.82 2.75
C ALA A 11 -17.53 -35.24 3.31
N VAL A 12 -17.90 -34.67 4.45
CA VAL A 12 -19.09 -35.15 5.15
C VAL A 12 -20.35 -34.91 4.32
N MET A 13 -20.43 -33.77 3.63
CA MET A 13 -21.62 -33.47 2.84
C MET A 13 -21.70 -34.37 1.59
N GLY A 14 -20.57 -34.53 0.89
CA GLY A 14 -20.59 -35.36 -0.30
C GLY A 14 -20.76 -36.84 0.00
N LYS A 15 -20.13 -37.31 1.07
CA LYS A 15 -20.26 -38.72 1.45
C LYS A 15 -21.70 -39.07 1.79
N ASN A 16 -22.36 -38.23 2.59
CA ASN A 16 -23.72 -38.52 3.01
C ASN A 16 -24.70 -38.42 1.85
N LEU A 17 -24.48 -37.47 0.93
CA LEU A 17 -25.32 -37.38 -0.25
C LEU A 17 -25.15 -38.61 -1.13
N ALA A 18 -23.92 -39.11 -1.28
CA ALA A 18 -23.71 -40.33 -2.03
C ALA A 18 -24.42 -41.50 -1.37
N TRP A 19 -24.35 -41.60 -0.04
CA TRP A 19 -25.08 -42.63 0.68
C TRP A 19 -26.58 -42.45 0.52
N ASN A 20 -27.05 -41.20 0.54
CA ASN A 20 -28.47 -40.92 0.35
C ASN A 20 -28.93 -41.42 -1.01
N ILE A 21 -28.18 -41.09 -2.07
CA ILE A 21 -28.53 -41.56 -3.41
C ILE A 21 -28.53 -43.07 -3.47
N GLU A 22 -27.51 -43.71 -2.90
CA GLU A 22 -27.41 -45.17 -2.96
C GLU A 22 -28.58 -45.83 -2.25
N SER A 23 -29.01 -45.25 -1.12
CA SER A 23 -30.08 -45.87 -0.35
C SER A 23 -31.40 -45.90 -1.10
N ARG A 24 -31.56 -45.07 -2.13
CA ARG A 24 -32.77 -45.07 -2.94
C ARG A 24 -32.70 -46.06 -4.10
N GLY A 25 -31.63 -46.85 -4.19
CA GLY A 25 -31.51 -47.88 -5.21
C GLY A 25 -30.70 -47.51 -6.43
N TYR A 26 -29.97 -46.40 -6.40
CA TYR A 26 -29.14 -45.97 -7.51
C TYR A 26 -27.70 -46.42 -7.31
N SER A 27 -27.02 -46.70 -8.41
CA SER A 27 -25.60 -47.05 -8.39
C SER A 27 -24.79 -45.76 -8.45
N VAL A 28 -23.75 -45.67 -7.62
CA VAL A 28 -23.00 -44.44 -7.44
C VAL A 28 -21.52 -44.70 -7.62
N SER A 29 -20.86 -43.85 -8.40
CA SER A 29 -19.40 -43.77 -8.44
C SER A 29 -18.96 -42.59 -7.59
N VAL A 30 -17.83 -42.74 -6.88
CA VAL A 30 -17.33 -41.68 -6.02
C VAL A 30 -15.87 -41.42 -6.34
N PHE A 31 -15.44 -40.18 -6.06
CA PHE A 31 -14.07 -39.76 -6.28
C PHE A 31 -13.76 -38.61 -5.32
N ASN A 32 -12.55 -38.61 -4.80
CA ASN A 32 -12.05 -37.52 -3.98
C ASN A 32 -10.61 -37.25 -4.35
N ARG A 33 -10.20 -35.98 -4.25
CA ARG A 33 -8.83 -35.61 -4.59
C ARG A 33 -7.82 -36.42 -3.79
N SER A 34 -7.95 -36.38 -2.46
CA SER A 34 -7.14 -37.23 -1.60
C SER A 34 -7.82 -38.58 -1.48
N SER A 35 -7.12 -39.64 -1.92
CA SER A 35 -7.71 -40.98 -1.98
C SER A 35 -7.99 -41.58 -0.62
N GLU A 36 -7.48 -40.98 0.46
CA GLU A 36 -7.70 -41.53 1.79
C GLU A 36 -9.16 -41.38 2.20
N LYS A 37 -9.80 -40.27 1.83
CA LYS A 37 -11.23 -40.12 2.10
C LYS A 37 -12.05 -41.11 1.28
N THR A 38 -11.58 -41.42 0.07
CA THR A 38 -12.22 -42.45 -0.72
C THR A 38 -12.09 -43.81 -0.06
N ASP A 39 -10.89 -44.12 0.44
CA ASP A 39 -10.67 -45.42 1.08
C ASP A 39 -11.47 -45.55 2.36
N LEU A 40 -11.63 -44.46 3.12
CA LEU A 40 -12.43 -44.51 4.33
C LEU A 40 -13.90 -44.73 4.02
N MET A 41 -14.37 -44.23 2.86
CA MET A 41 -15.74 -44.48 2.47
C MET A 41 -15.95 -45.92 2.03
N VAL A 42 -14.95 -46.53 1.38
CA VAL A 42 -15.04 -47.94 1.05
C VAL A 42 -15.29 -48.77 2.30
N GLU A 43 -14.63 -48.41 3.40
CA GLU A 43 -14.79 -49.15 4.65
C GLU A 43 -16.22 -49.02 5.19
N GLU A 44 -16.80 -47.84 5.11
CA GLU A 44 -18.11 -47.56 5.67
C GLU A 44 -19.25 -47.81 4.68
N SER A 45 -18.96 -48.35 3.50
CA SER A 45 -19.97 -48.59 2.48
C SER A 45 -20.06 -50.07 2.10
N LYS A 46 -19.74 -50.96 3.02
CA LYS A 46 -19.85 -52.39 2.75
C LYS A 46 -21.31 -52.76 2.50
N GLY A 47 -21.54 -53.54 1.44
CA GLY A 47 -22.88 -53.92 1.06
C GLY A 47 -23.67 -52.84 0.34
N LYS A 48 -23.06 -51.70 0.03
CA LYS A 48 -23.72 -50.63 -0.70
C LYS A 48 -23.15 -50.53 -2.11
N ASN A 49 -23.97 -50.05 -3.04
CA ASN A 49 -23.57 -49.92 -4.44
C ASN A 49 -22.78 -48.63 -4.62
N ILE A 50 -21.60 -48.60 -4.01
CA ILE A 50 -20.66 -47.48 -4.10
C ILE A 50 -19.42 -47.98 -4.80
N HIS A 51 -19.08 -47.36 -5.93
CA HIS A 51 -17.91 -47.76 -6.71
C HIS A 51 -16.82 -46.70 -6.59
N PRO A 52 -15.71 -46.99 -5.91
CA PRO A 52 -14.67 -45.96 -5.74
C PRO A 52 -13.78 -45.84 -6.95
N THR A 53 -13.45 -44.61 -7.30
CA THR A 53 -12.52 -44.29 -8.37
C THR A 53 -11.43 -43.37 -7.82
N TYR A 54 -10.25 -43.42 -8.44
CA TYR A 54 -9.09 -42.70 -7.91
C TYR A 54 -8.44 -41.79 -8.94
N SER A 55 -9.15 -41.47 -10.01
CA SER A 55 -8.72 -40.48 -10.99
C SER A 55 -9.96 -39.97 -11.71
N LEU A 56 -9.88 -38.73 -12.18
CA LEU A 56 -11.01 -38.16 -12.90
C LEU A 56 -11.30 -38.92 -14.18
N GLU A 57 -10.27 -39.51 -14.80
CA GLU A 57 -10.47 -40.34 -15.98
C GLU A 57 -11.29 -41.58 -15.66
N GLU A 58 -10.86 -42.34 -14.64
CA GLU A 58 -11.62 -43.53 -14.25
C GLU A 58 -13.02 -43.15 -13.77
N PHE A 59 -13.13 -42.02 -13.07
CA PHE A 59 -14.42 -41.56 -12.57
C PHE A 59 -15.39 -41.32 -13.72
N VAL A 60 -14.96 -40.53 -14.72
CA VAL A 60 -15.84 -40.21 -15.84
C VAL A 60 -16.16 -41.45 -16.65
N ASN A 61 -15.19 -42.35 -16.82
CA ASN A 61 -15.39 -43.56 -17.61
C ASN A 61 -16.34 -44.55 -16.96
N SER A 62 -16.67 -44.37 -15.68
CA SER A 62 -17.50 -45.31 -14.95
C SER A 62 -18.97 -44.88 -14.88
N LEU A 63 -19.37 -43.88 -15.66
CA LEU A 63 -20.71 -43.31 -15.58
C LEU A 63 -21.45 -43.52 -16.89
N GLU A 64 -22.73 -43.86 -16.80
CA GLU A 64 -23.55 -44.00 -17.99
C GLU A 64 -23.94 -42.61 -18.51
N LYS A 65 -24.25 -42.57 -19.81
CA LYS A 65 -24.50 -41.29 -20.46
C LYS A 65 -25.99 -41.09 -20.75
N PRO A 66 -26.50 -39.86 -20.63
CA PRO A 66 -25.77 -38.63 -20.27
C PRO A 66 -25.26 -38.64 -18.83
N ARG A 67 -23.99 -38.32 -18.67
CA ARG A 67 -23.33 -38.42 -17.36
C ARG A 67 -23.94 -37.42 -16.39
N LYS A 68 -24.25 -37.91 -15.18
CA LYS A 68 -24.76 -37.09 -14.10
C LYS A 68 -23.72 -37.08 -13.00
N ILE A 69 -23.14 -35.90 -12.74
CA ILE A 69 -22.01 -35.76 -11.82
C ILE A 69 -22.38 -34.71 -10.79
N LEU A 70 -22.32 -35.09 -9.51
CA LEU A 70 -22.59 -34.17 -8.41
C LEU A 70 -21.27 -33.70 -7.82
N LEU A 71 -21.04 -32.39 -7.83
CA LEU A 71 -19.82 -31.78 -7.31
C LEU A 71 -20.08 -31.30 -5.89
N MET A 72 -19.37 -31.90 -4.93
CA MET A 72 -19.41 -31.42 -3.55
C MET A 72 -18.00 -31.01 -3.14
N VAL A 73 -17.48 -29.97 -3.80
CA VAL A 73 -16.12 -29.50 -3.63
C VAL A 73 -16.16 -28.18 -2.88
N GLN A 74 -15.07 -27.87 -2.18
CA GLN A 74 -14.92 -26.58 -1.52
C GLN A 74 -15.30 -25.45 -2.47
N ALA A 75 -16.12 -24.53 -1.98
CA ALA A 75 -16.58 -23.41 -2.79
C ALA A 75 -15.41 -22.51 -3.17
N GLY A 76 -15.51 -21.90 -4.35
CA GLY A 76 -14.48 -20.99 -4.82
C GLY A 76 -13.60 -21.58 -5.90
N LYS A 77 -12.29 -21.29 -5.83
CA LYS A 77 -11.37 -21.76 -6.86
C LYS A 77 -11.27 -23.28 -6.91
N ALA A 78 -11.53 -23.97 -5.80
CA ALA A 78 -11.49 -25.43 -5.82
C ALA A 78 -12.55 -26.00 -6.75
N THR A 79 -13.72 -25.35 -6.85
CA THR A 79 -14.76 -25.83 -7.74
C THR A 79 -14.40 -25.57 -9.20
N ASP A 80 -13.88 -24.38 -9.50
CA ASP A 80 -13.49 -24.08 -10.88
C ASP A 80 -12.34 -24.96 -11.34
N ALA A 81 -11.39 -25.25 -10.44
CA ALA A 81 -10.27 -26.11 -10.81
C ALA A 81 -10.74 -27.52 -11.14
N THR A 82 -11.74 -28.02 -10.39
CA THR A 82 -12.27 -29.34 -10.67
C THR A 82 -13.09 -29.34 -11.96
N ILE A 83 -13.87 -28.28 -12.19
CA ILE A 83 -14.65 -28.19 -13.42
C ILE A 83 -13.71 -28.12 -14.63
N ASP A 84 -12.70 -27.26 -14.56
CA ASP A 84 -11.77 -27.12 -15.68
C ASP A 84 -11.06 -28.44 -15.99
N SER A 85 -10.81 -29.26 -14.97
CA SER A 85 -10.21 -30.57 -15.20
C SER A 85 -11.21 -31.58 -15.74
N LEU A 86 -12.50 -31.38 -15.49
CA LEU A 86 -13.52 -32.31 -15.98
C LEU A 86 -13.89 -32.03 -17.44
N LEU A 87 -13.82 -30.77 -17.86
CA LEU A 87 -14.34 -30.38 -19.18
C LEU A 87 -13.81 -31.21 -20.34
N PRO A 88 -12.50 -31.43 -20.49
CA PRO A 88 -12.04 -32.22 -21.65
C PRO A 88 -12.52 -33.67 -21.64
N LEU A 89 -12.84 -34.22 -20.46
CA LEU A 89 -13.23 -35.62 -20.38
C LEU A 89 -14.72 -35.84 -20.66
N LEU A 90 -15.54 -34.80 -20.56
CA LEU A 90 -16.97 -34.95 -20.74
C LEU A 90 -17.33 -34.96 -22.22
N ASP A 91 -18.57 -35.36 -22.49
CA ASP A 91 -19.15 -35.35 -23.82
C ASP A 91 -20.36 -34.43 -23.84
N ASP A 92 -20.79 -34.07 -25.06
CA ASP A 92 -21.90 -33.15 -25.22
C ASP A 92 -23.15 -33.70 -24.54
N GLY A 93 -23.82 -32.86 -23.76
CA GLY A 93 -25.06 -33.22 -23.10
C GLY A 93 -24.90 -33.68 -21.66
N ASP A 94 -23.68 -33.87 -21.18
CA ASP A 94 -23.48 -34.28 -19.80
C ASP A 94 -23.97 -33.19 -18.84
N ILE A 95 -24.25 -33.59 -17.60
CA ILE A 95 -24.88 -32.73 -16.61
C ILE A 95 -23.98 -32.68 -15.38
N LEU A 96 -23.43 -31.50 -15.10
CA LEU A 96 -22.70 -31.24 -13.86
C LEU A 96 -23.61 -30.51 -12.90
N ILE A 97 -23.65 -30.98 -11.65
CA ILE A 97 -24.45 -30.37 -10.60
C ILE A 97 -23.50 -29.94 -9.49
N ASP A 98 -23.38 -28.62 -9.28
CA ASP A 98 -22.59 -28.09 -8.18
C ASP A 98 -23.50 -27.92 -6.97
N GLY A 99 -23.29 -28.74 -5.95
CA GLY A 99 -24.07 -28.69 -4.73
C GLY A 99 -23.45 -27.93 -3.59
N GLY A 100 -22.39 -27.14 -3.83
CA GLY A 100 -21.76 -26.40 -2.76
C GLY A 100 -22.48 -25.09 -2.45
N ASN A 101 -22.01 -24.42 -1.40
CA ASN A 101 -22.54 -23.11 -1.01
C ASN A 101 -21.83 -22.06 -1.86
N THR A 102 -22.27 -21.93 -3.11
CA THR A 102 -21.59 -21.14 -4.11
C THR A 102 -22.24 -19.78 -4.27
N ASN A 103 -21.41 -18.75 -4.48
CA ASN A 103 -21.91 -17.46 -4.91
C ASN A 103 -22.65 -17.62 -6.23
N TYR A 104 -23.90 -17.14 -6.27
CA TYR A 104 -24.74 -17.36 -7.45
C TYR A 104 -24.17 -16.71 -8.70
N GLN A 105 -23.32 -15.69 -8.54
CA GLN A 105 -22.67 -15.08 -9.70
C GLN A 105 -21.62 -16.00 -10.30
N ASP A 106 -20.96 -16.81 -9.47
CA ASP A 106 -20.07 -17.85 -10.01
C ASP A 106 -20.84 -18.88 -10.80
N THR A 107 -22.04 -19.23 -10.33
CA THR A 107 -22.87 -20.19 -11.05
C THR A 107 -23.32 -19.63 -12.40
N ILE A 108 -23.69 -18.35 -12.43
CA ILE A 108 -24.06 -17.70 -13.69
C ILE A 108 -22.90 -17.75 -14.67
N ARG A 109 -21.69 -17.45 -14.20
CA ARG A 109 -20.51 -17.48 -15.06
C ARG A 109 -20.24 -18.90 -15.56
N ARG A 110 -20.27 -19.89 -14.65
CA ARG A 110 -19.97 -21.26 -15.05
C ARG A 110 -21.04 -21.81 -16.00
N ASN A 111 -22.31 -21.48 -15.75
CA ASN A 111 -23.37 -21.95 -16.63
C ASN A 111 -23.23 -21.39 -18.04
N LYS A 112 -22.90 -20.10 -18.15
CA LYS A 112 -22.74 -19.49 -19.46
C LYS A 112 -21.53 -20.06 -20.19
N ALA A 113 -20.44 -20.31 -19.48
CA ALA A 113 -19.23 -20.80 -20.14
C ALA A 113 -19.36 -22.26 -20.54
N LEU A 114 -19.94 -23.09 -19.66
CA LEU A 114 -20.05 -24.52 -19.96
C LEU A 114 -21.07 -24.77 -21.06
N ALA A 115 -22.09 -23.90 -21.18
CA ALA A 115 -23.06 -24.04 -22.26
C ALA A 115 -22.43 -23.84 -23.63
N GLN A 116 -21.31 -23.12 -23.72
CA GLN A 116 -20.59 -23.03 -24.98
C GLN A 116 -19.91 -24.34 -25.35
N SER A 117 -19.64 -25.20 -24.38
CA SER A 117 -19.08 -26.52 -24.62
C SER A 117 -20.15 -27.61 -24.61
N ALA A 118 -21.42 -27.23 -24.76
CA ALA A 118 -22.55 -28.16 -24.79
C ALA A 118 -22.64 -28.99 -23.52
N ILE A 119 -22.20 -28.43 -22.39
CA ILE A 119 -22.26 -29.10 -21.10
C ILE A 119 -23.30 -28.40 -20.24
N ASN A 120 -24.27 -29.17 -19.74
CA ASN A 120 -25.26 -28.63 -18.83
C ASN A 120 -24.67 -28.46 -17.44
N PHE A 121 -25.10 -27.42 -16.73
CA PHE A 121 -24.56 -27.10 -15.42
C PHE A 121 -25.69 -26.64 -14.52
N ILE A 122 -25.95 -27.40 -13.47
CA ILE A 122 -26.99 -27.08 -12.51
C ILE A 122 -26.33 -26.61 -11.22
N GLY A 123 -26.60 -25.39 -10.83
CA GLY A 123 -26.21 -24.92 -9.52
C GLY A 123 -27.31 -25.21 -8.52
N MET A 124 -27.02 -26.03 -7.52
CA MET A 124 -28.05 -26.54 -6.61
C MET A 124 -27.69 -26.18 -5.18
N GLY A 125 -28.55 -25.41 -4.53
CA GLY A 125 -28.43 -25.18 -3.11
C GLY A 125 -28.85 -26.42 -2.33
N VAL A 126 -28.12 -26.70 -1.26
CA VAL A 126 -28.36 -27.86 -0.40
C VAL A 126 -28.38 -27.39 1.04
N SER A 127 -29.48 -27.65 1.74
CA SER A 127 -29.62 -27.23 3.14
C SER A 127 -30.07 -28.41 3.97
N GLY A 128 -29.58 -28.49 5.22
CA GLY A 128 -29.98 -29.55 6.10
C GLY A 128 -28.89 -30.11 6.97
N GLY A 129 -27.65 -29.68 6.75
CA GLY A 129 -26.54 -30.20 7.53
C GLY A 129 -26.23 -31.66 7.17
N GLU A 130 -25.42 -32.27 8.03
CA GLU A 130 -25.00 -33.66 7.81
C GLU A 130 -26.18 -34.60 7.85
N ILE A 131 -27.04 -34.47 8.87
CA ILE A 131 -28.21 -35.33 8.97
C ILE A 131 -29.14 -35.13 7.78
N GLY A 132 -29.29 -33.88 7.34
CA GLY A 132 -30.12 -33.62 6.18
C GLY A 132 -29.58 -34.24 4.92
N ALA A 133 -28.26 -34.15 4.71
CA ALA A 133 -27.68 -34.71 3.49
C ALA A 133 -27.83 -36.22 3.42
N LEU A 134 -27.85 -36.88 4.57
CA LEU A 134 -27.93 -38.34 4.58
C LEU A 134 -29.38 -38.83 4.43
N THR A 135 -30.34 -38.14 5.06
CA THR A 135 -31.70 -38.62 5.14
C THR A 135 -32.71 -37.86 4.29
N GLY A 136 -32.41 -36.60 3.93
CA GLY A 136 -33.34 -35.81 3.17
C GLY A 136 -33.12 -34.32 3.33
N PRO A 137 -32.43 -33.71 2.38
CA PRO A 137 -32.21 -32.27 2.43
C PRO A 137 -33.27 -31.52 1.62
N SER A 138 -33.25 -30.21 1.78
CA SER A 138 -33.96 -29.31 0.88
C SER A 138 -33.03 -28.97 -0.26
N LEU A 139 -33.51 -29.14 -1.49
CA LEU A 139 -32.69 -28.96 -2.68
C LEU A 139 -33.26 -27.84 -3.54
N MET A 140 -32.38 -26.95 -3.99
CA MET A 140 -32.75 -25.79 -4.80
C MET A 140 -31.95 -25.80 -6.08
N PRO A 141 -32.32 -26.63 -7.05
CA PRO A 141 -31.54 -26.71 -8.29
C PRO A 141 -31.92 -25.64 -9.30
N GLY A 142 -30.92 -24.97 -9.85
CA GLY A 142 -31.14 -24.01 -10.92
C GLY A 142 -30.17 -24.26 -12.07
N GLY A 143 -30.65 -24.04 -13.27
CA GLY A 143 -29.85 -24.26 -14.45
C GLY A 143 -30.74 -24.55 -15.65
N GLN A 144 -30.21 -25.36 -16.56
CA GLN A 144 -30.99 -25.77 -17.72
C GLN A 144 -32.20 -26.58 -17.28
N GLU A 145 -33.38 -26.15 -17.71
CA GLU A 145 -34.60 -26.86 -17.35
C GLU A 145 -34.60 -28.28 -17.92
N GLU A 146 -34.11 -28.45 -19.15
CA GLU A 146 -34.05 -29.80 -19.72
C GLU A 146 -33.12 -30.69 -18.90
N ALA A 147 -31.99 -30.15 -18.45
CA ALA A 147 -31.07 -30.94 -17.63
C ALA A 147 -31.68 -31.31 -16.27
N TYR A 148 -32.45 -30.39 -15.68
CA TYR A 148 -33.09 -30.70 -14.41
C TYR A 148 -34.06 -31.87 -14.56
N ASN A 149 -34.83 -31.89 -15.65
CA ASN A 149 -35.80 -32.95 -15.85
C ASN A 149 -35.14 -34.31 -16.04
N LYS A 150 -33.87 -34.34 -16.44
CA LYS A 150 -33.16 -35.61 -16.58
C LYS A 150 -32.66 -36.17 -15.26
N VAL A 151 -32.49 -35.32 -14.24
CA VAL A 151 -32.08 -35.76 -12.92
C VAL A 151 -33.16 -35.54 -11.87
N ALA A 152 -34.36 -35.12 -12.30
CA ALA A 152 -35.43 -34.79 -11.36
C ALA A 152 -35.82 -36.00 -10.50
N ASP A 153 -35.89 -37.19 -11.11
CA ASP A 153 -36.29 -38.37 -10.37
C ASP A 153 -35.29 -38.71 -9.28
N ILE A 154 -34.00 -38.49 -9.51
CA ILE A 154 -33.00 -38.73 -8.47
C ILE A 154 -33.15 -37.72 -7.35
N LEU A 155 -33.23 -36.43 -7.70
CA LEU A 155 -33.36 -35.39 -6.68
C LEU A 155 -34.64 -35.57 -5.88
N ASP A 156 -35.74 -35.92 -6.57
CA ASP A 156 -37.00 -36.17 -5.87
C ASP A 156 -36.87 -37.34 -4.91
N ALA A 157 -36.08 -38.36 -5.26
CA ALA A 157 -35.95 -39.52 -4.40
C ALA A 157 -35.20 -39.19 -3.11
N ILE A 158 -34.14 -38.37 -3.19
CA ILE A 158 -33.31 -38.11 -2.02
C ILE A 158 -33.79 -36.93 -1.17
N ALA A 159 -34.62 -36.05 -1.73
CA ALA A 159 -35.02 -34.84 -1.03
C ALA A 159 -35.92 -35.18 0.17
N ALA A 160 -35.95 -34.26 1.13
CA ALA A 160 -36.86 -34.38 2.26
C ALA A 160 -38.31 -34.40 1.78
N LYS A 161 -39.16 -35.06 2.54
CA LYS A 161 -40.58 -35.16 2.24
C LYS A 161 -41.37 -34.32 3.24
N ALA A 162 -42.19 -33.41 2.73
CA ALA A 162 -43.06 -32.63 3.59
C ALA A 162 -44.21 -33.49 4.10
N LYS A 163 -44.98 -32.92 5.03
CA LYS A 163 -46.05 -33.67 5.70
C LYS A 163 -47.15 -34.10 4.74
N ASP A 164 -47.28 -33.42 3.59
CA ASP A 164 -48.26 -33.81 2.59
C ASP A 164 -47.68 -34.78 1.55
N GLY A 165 -46.43 -35.19 1.71
CA GLY A 165 -45.80 -36.13 0.81
C GLY A 165 -44.96 -35.52 -0.29
N ALA A 166 -45.03 -34.20 -0.48
CA ALA A 166 -44.30 -33.56 -1.56
C ALA A 166 -42.81 -33.49 -1.22
N SER A 167 -41.98 -33.78 -2.22
CA SER A 167 -40.54 -33.68 -2.03
C SER A 167 -40.12 -32.23 -1.94
N CYS A 168 -39.10 -31.97 -1.12
CA CYS A 168 -38.61 -30.60 -0.93
C CYS A 168 -37.53 -30.28 -1.97
N VAL A 169 -37.94 -30.37 -3.23
CA VAL A 169 -37.10 -30.00 -4.36
C VAL A 169 -38.01 -29.63 -5.51
N THR A 170 -37.60 -28.62 -6.27
CA THR A 170 -38.30 -28.21 -7.48
C THR A 170 -37.34 -27.38 -8.30
N TYR A 171 -37.64 -27.29 -9.60
CA TYR A 171 -36.83 -26.46 -10.50
C TYR A 171 -37.00 -24.99 -10.10
N ILE A 172 -35.94 -24.38 -9.59
CA ILE A 172 -36.04 -22.99 -9.16
C ILE A 172 -36.11 -22.06 -10.37
N GLY A 173 -35.14 -22.17 -11.27
CA GLY A 173 -35.10 -21.33 -12.45
C GLY A 173 -33.79 -21.46 -13.21
N PRO A 174 -33.59 -20.59 -14.19
CA PRO A 174 -32.37 -20.67 -15.01
C PRO A 174 -31.11 -20.27 -14.26
N ASN A 175 -29.97 -20.61 -14.87
CA ASN A 175 -28.60 -20.42 -14.38
C ASN A 175 -28.47 -20.43 -12.86
N GLY A 176 -28.24 -19.26 -12.25
CA GLY A 176 -27.90 -19.20 -10.84
C GLY A 176 -29.05 -19.01 -9.88
N ALA A 177 -30.28 -19.23 -10.36
CA ALA A 177 -31.45 -19.00 -9.52
C ALA A 177 -31.46 -19.93 -8.31
N GLY A 178 -31.00 -21.17 -8.47
CA GLY A 178 -30.98 -22.10 -7.35
C GLY A 178 -30.03 -21.66 -6.26
N HIS A 179 -28.80 -21.30 -6.63
CA HIS A 179 -27.84 -20.85 -5.64
C HIS A 179 -28.25 -19.51 -5.04
N TYR A 180 -28.93 -18.66 -5.82
CA TYR A 180 -29.42 -17.40 -5.27
C TYR A 180 -30.44 -17.65 -4.16
N VAL A 181 -31.36 -18.59 -4.39
CA VAL A 181 -32.39 -18.90 -3.41
C VAL A 181 -31.77 -19.46 -2.14
N LYS A 182 -30.72 -20.29 -2.28
CA LYS A 182 -29.99 -20.80 -1.13
C LYS A 182 -29.38 -19.66 -0.31
N MET A 183 -28.82 -18.66 -0.99
CA MET A 183 -28.25 -17.51 -0.30
C MET A 183 -29.31 -16.78 0.52
N VAL A 184 -30.50 -16.60 -0.04
CA VAL A 184 -31.56 -15.92 0.70
C VAL A 184 -31.99 -16.73 1.90
N HIS A 185 -32.06 -18.05 1.75
CA HIS A 185 -32.34 -18.94 2.86
C HIS A 185 -31.37 -18.69 4.02
N ASN A 186 -30.09 -18.61 3.71
CA ASN A 186 -29.09 -18.39 4.75
C ASN A 186 -29.25 -17.00 5.39
N GLY A 187 -29.62 -16.01 4.59
CA GLY A 187 -29.91 -14.70 5.16
C GLY A 187 -31.09 -14.74 6.11
N ILE A 188 -32.17 -15.41 5.70
CA ILE A 188 -33.33 -15.60 6.58
C ILE A 188 -32.91 -16.34 7.85
N GLU A 189 -32.05 -17.35 7.70
CA GLU A 189 -31.56 -18.09 8.86
C GLU A 189 -30.81 -17.19 9.83
N TYR A 190 -29.99 -16.27 9.31
CA TYR A 190 -29.31 -15.30 10.16
C TYR A 190 -30.32 -14.53 11.02
N ALA A 191 -31.40 -14.06 10.41
CA ALA A 191 -32.37 -13.26 11.14
C ALA A 191 -33.11 -14.10 12.17
N ASP A 192 -33.50 -15.33 11.80
CA ASP A 192 -34.17 -16.20 12.75
C ASP A 192 -33.32 -16.44 13.98
N MET A 193 -32.02 -16.71 13.79
CA MET A 193 -31.15 -16.96 14.93
C MET A 193 -30.94 -15.70 15.77
N GLN A 194 -30.85 -14.54 15.11
CA GLN A 194 -30.68 -13.29 15.84
C GLN A 194 -31.92 -12.92 16.63
N LEU A 195 -33.10 -13.21 16.08
CA LEU A 195 -34.34 -12.94 16.81
C LEU A 195 -34.49 -13.87 18.01
N ILE A 196 -34.05 -15.13 17.87
CA ILE A 196 -34.04 -16.05 19.00
C ILE A 196 -33.02 -15.58 20.04
N ALA A 197 -31.86 -15.09 19.60
CA ALA A 197 -30.85 -14.61 20.53
C ALA A 197 -31.38 -13.42 21.33
N GLU A 198 -32.10 -12.50 20.67
CA GLU A 198 -32.65 -11.34 21.38
C GLU A 198 -33.72 -11.74 22.37
N SER A 199 -34.56 -12.72 22.02
CA SER A 199 -35.53 -13.24 22.98
C SER A 199 -34.82 -13.82 24.20
N TYR A 200 -33.74 -14.57 23.97
CA TYR A 200 -32.95 -15.09 25.07
C TYR A 200 -32.33 -13.97 25.89
N ALA A 201 -31.84 -12.93 25.21
CA ALA A 201 -31.26 -11.79 25.92
C ALA A 201 -32.27 -11.11 26.83
N MET A 202 -33.51 -10.95 26.35
CA MET A 202 -34.55 -10.37 27.19
C MET A 202 -34.88 -11.26 28.38
N MET A 203 -34.95 -12.58 28.16
CA MET A 203 -35.34 -13.48 29.23
C MET A 203 -34.30 -13.51 30.34
N LYS A 204 -33.02 -13.42 29.99
CA LYS A 204 -31.95 -13.55 30.98
C LYS A 204 -31.62 -12.21 31.64
N GLU A 205 -31.39 -11.18 30.86
CA GLU A 205 -30.92 -9.90 31.41
C GLU A 205 -32.04 -9.01 31.91
N LEU A 206 -33.26 -9.17 31.40
CA LEU A 206 -34.39 -8.35 31.84
C LEU A 206 -35.30 -9.08 32.82
N LEU A 207 -35.65 -10.32 32.53
CA LEU A 207 -36.51 -11.10 33.41
C LEU A 207 -35.74 -11.96 34.40
N GLY A 208 -34.42 -12.07 34.25
CA GLY A 208 -33.61 -12.82 35.21
C GLY A 208 -33.93 -14.30 35.28
N MET A 209 -34.21 -14.92 34.14
CA MET A 209 -34.62 -16.33 34.12
C MET A 209 -33.41 -17.25 34.07
N SER A 210 -33.51 -18.36 34.81
CA SER A 210 -32.47 -19.37 34.80
C SER A 210 -32.49 -20.16 33.50
N HIS A 211 -31.47 -20.99 33.30
CA HIS A 211 -31.40 -21.77 32.06
C HIS A 211 -32.48 -22.83 31.99
N GLU A 212 -32.91 -23.34 33.16
CA GLU A 212 -33.97 -24.35 33.16
C GLU A 212 -35.31 -23.76 32.72
N ASP A 213 -35.63 -22.55 33.18
CA ASP A 213 -36.86 -21.90 32.75
C ASP A 213 -36.75 -21.34 31.34
N ILE A 214 -35.54 -20.96 30.92
CA ILE A 214 -35.33 -20.55 29.53
C ILE A 214 -35.58 -21.72 28.60
N ALA A 215 -35.05 -22.90 28.95
CA ALA A 215 -35.27 -24.09 28.14
C ALA A 215 -36.74 -24.45 28.07
N GLN A 216 -37.45 -24.38 29.20
CA GLN A 216 -38.87 -24.72 29.22
C GLN A 216 -39.68 -23.73 28.39
N THR A 217 -39.30 -22.45 28.42
CA THR A 217 -40.01 -21.44 27.64
C THR A 217 -39.93 -21.75 26.15
N PHE A 218 -38.73 -22.06 25.66
CA PHE A 218 -38.58 -22.35 24.23
C PHE A 218 -39.31 -23.63 23.83
N LYS A 219 -39.35 -24.63 24.73
CA LYS A 219 -40.09 -25.85 24.42
C LYS A 219 -41.59 -25.58 24.36
N ASP A 220 -42.10 -24.72 25.25
CA ASP A 220 -43.50 -24.35 25.21
C ASP A 220 -43.81 -23.55 23.94
N TRP A 221 -42.90 -22.67 23.54
CA TRP A 221 -43.10 -21.89 22.31
C TRP A 221 -43.11 -22.82 21.09
N ASN A 222 -42.28 -23.87 21.11
CA ASN A 222 -42.23 -24.77 19.97
C ASN A 222 -43.54 -25.51 19.78
N ALA A 223 -44.31 -25.69 20.85
CA ALA A 223 -45.60 -26.37 20.77
C ALA A 223 -46.69 -25.52 20.14
N GLY A 224 -46.37 -24.30 19.71
CA GLY A 224 -47.38 -23.44 19.11
C GLY A 224 -47.05 -23.01 17.70
N GLU A 225 -47.56 -21.86 17.29
CA GLU A 225 -47.36 -21.36 15.93
C GLU A 225 -45.89 -21.10 15.62
N LEU A 226 -45.04 -21.00 16.63
CA LEU A 226 -43.61 -20.77 16.42
C LEU A 226 -42.83 -22.05 16.16
N GLU A 227 -43.52 -23.19 16.06
CA GLU A 227 -42.87 -24.48 15.81
C GLU A 227 -41.86 -24.36 14.68
N SER A 228 -40.60 -24.65 15.01
CA SER A 228 -39.51 -24.52 14.07
C SER A 228 -38.33 -25.35 14.57
N TYR A 229 -37.50 -25.77 13.62
CA TYR A 229 -36.29 -26.52 13.98
C TYR A 229 -35.35 -25.68 14.82
N LEU A 230 -35.21 -24.40 14.51
CA LEU A 230 -34.29 -23.55 15.27
C LEU A 230 -34.75 -23.37 16.71
N ILE A 231 -36.06 -23.22 16.93
CA ILE A 231 -36.55 -23.08 18.29
C ILE A 231 -36.47 -24.40 19.03
N GLU A 232 -36.70 -25.51 18.32
CA GLU A 232 -36.61 -26.84 18.94
C GLU A 232 -35.21 -27.12 19.46
N ILE A 233 -34.18 -26.85 18.64
CA ILE A 233 -32.81 -27.12 19.08
C ILE A 233 -32.39 -26.13 20.15
N THR A 234 -32.98 -24.93 20.16
CA THR A 234 -32.67 -23.95 21.20
C THR A 234 -33.11 -24.47 22.57
N GLY A 235 -34.25 -25.14 22.64
CA GLY A 235 -34.68 -25.74 23.90
C GLY A 235 -33.74 -26.84 24.36
N ASP A 236 -33.24 -27.65 23.43
CA ASP A 236 -32.28 -28.69 23.78
C ASP A 236 -30.95 -28.10 24.22
N ILE A 237 -30.54 -26.98 23.62
CA ILE A 237 -29.24 -26.40 23.94
C ILE A 237 -29.20 -25.93 25.39
N PHE A 238 -30.27 -25.30 25.86
CA PHE A 238 -30.29 -24.84 27.24
C PHE A 238 -30.47 -25.98 28.24
N MET A 239 -30.73 -27.20 27.76
CA MET A 239 -30.76 -28.37 28.63
C MET A 239 -29.40 -29.03 28.77
N LYS A 240 -28.42 -28.67 27.93
CA LYS A 240 -27.12 -29.31 27.94
C LYS A 240 -26.30 -28.77 29.11
N LEU A 241 -25.88 -29.66 30.01
CA LEU A 241 -25.16 -29.28 31.21
C LEU A 241 -23.73 -29.83 31.16
N ASP A 242 -22.82 -29.11 31.81
CA ASP A 242 -21.42 -29.50 31.86
C ASP A 242 -21.20 -30.42 33.07
N GLU A 243 -19.96 -30.48 33.59
CA GLU A 243 -19.67 -31.37 34.69
C GLU A 243 -20.32 -30.90 35.99
N ASN A 244 -20.25 -29.59 36.27
CA ASN A 244 -20.84 -29.00 37.47
C ASN A 244 -22.33 -28.69 37.28
N LYS A 245 -23.01 -29.38 36.37
CA LYS A 245 -24.45 -29.17 36.15
C LYS A 245 -24.78 -27.72 35.83
N GLU A 246 -23.86 -27.03 35.17
CA GLU A 246 -24.07 -25.67 34.71
C GLU A 246 -24.35 -25.67 33.21
N ALA A 247 -25.17 -24.71 32.77
CA ALA A 247 -25.51 -24.60 31.36
C ALA A 247 -24.27 -24.36 30.52
N LEU A 248 -23.95 -25.32 29.65
CA LEU A 248 -22.75 -25.22 28.82
C LEU A 248 -22.80 -24.02 27.89
N VAL A 249 -24.00 -23.61 27.46
CA VAL A 249 -24.13 -22.50 26.52
C VAL A 249 -23.64 -21.19 27.14
N GLU A 250 -23.72 -21.08 28.47
CA GLU A 250 -23.29 -19.85 29.13
C GLU A 250 -21.77 -19.69 29.15
N LYS A 251 -21.02 -20.78 28.96
CA LYS A 251 -19.57 -20.73 28.92
C LYS A 251 -19.01 -20.56 27.51
N ILE A 252 -19.86 -20.46 26.50
CA ILE A 252 -19.42 -20.38 25.12
C ILE A 252 -19.05 -18.95 24.78
N LEU A 253 -17.90 -18.77 24.13
CA LEU A 253 -17.45 -17.43 23.74
C LEU A 253 -18.40 -16.83 22.72
N ASP A 254 -18.86 -15.61 23.01
CA ASP A 254 -19.91 -14.96 22.22
C ASP A 254 -19.31 -14.20 21.04
N THR A 255 -18.73 -14.95 20.11
CA THR A 255 -18.14 -14.40 18.89
C THR A 255 -18.65 -15.20 17.71
N ALA A 256 -19.67 -14.67 17.01
CA ALA A 256 -20.20 -15.36 15.85
C ALA A 256 -19.26 -15.26 14.65
N GLY A 257 -18.51 -14.16 14.56
CA GLY A 257 -17.52 -14.00 13.51
C GLY A 257 -18.04 -13.24 12.30
N GLN A 258 -17.12 -13.01 11.36
CA GLN A 258 -17.44 -12.37 10.10
C GLN A 258 -17.19 -13.27 8.90
N LYS A 259 -16.81 -14.52 9.13
CA LYS A 259 -16.49 -15.48 8.07
C LYS A 259 -17.73 -16.05 7.39
N GLY A 260 -18.93 -15.67 7.81
CA GLY A 260 -20.13 -16.19 7.19
C GLY A 260 -20.43 -15.56 5.85
N THR A 261 -21.44 -16.12 5.19
CA THR A 261 -21.87 -15.66 3.87
C THR A 261 -23.22 -14.95 3.92
N GLY A 262 -23.72 -14.64 5.11
CA GLY A 262 -24.95 -13.86 5.20
C GLY A 262 -24.82 -12.47 4.62
N LYS A 263 -23.61 -11.92 4.63
CA LYS A 263 -23.39 -10.58 4.10
C LYS A 263 -23.75 -10.49 2.62
N TRP A 264 -23.65 -11.59 1.88
CA TRP A 264 -23.94 -11.55 0.46
C TRP A 264 -25.41 -11.27 0.20
N THR A 265 -26.31 -11.79 1.05
CA THR A 265 -27.73 -11.45 0.94
C THR A 265 -27.94 -9.95 1.10
N SER A 266 -27.33 -9.35 2.12
CA SER A 266 -27.49 -7.92 2.35
C SER A 266 -26.91 -7.11 1.20
N ILE A 267 -25.74 -7.50 0.69
CA ILE A 267 -25.14 -6.77 -0.41
C ILE A 267 -26.04 -6.83 -1.64
N ASN A 268 -26.59 -8.01 -1.93
CA ASN A 268 -27.50 -8.15 -3.06
C ASN A 268 -28.75 -7.28 -2.89
N ALA A 269 -29.32 -7.26 -1.68
CA ALA A 269 -30.48 -6.40 -1.44
C ALA A 269 -30.15 -4.94 -1.66
N LEU A 270 -28.94 -4.52 -1.28
CA LEU A 270 -28.55 -3.13 -1.49
C LEU A 270 -28.40 -2.82 -2.97
N GLU A 271 -27.86 -3.76 -3.75
CA GLU A 271 -27.77 -3.57 -5.19
C GLU A 271 -29.14 -3.57 -5.84
N LEU A 272 -30.07 -4.38 -5.33
CA LEU A 272 -31.41 -4.47 -5.89
C LEU A 272 -32.31 -3.31 -5.46
N GLY A 273 -31.93 -2.57 -4.43
CA GLY A 273 -32.81 -1.55 -3.89
C GLY A 273 -33.94 -2.10 -3.04
N ILE A 274 -33.68 -3.14 -2.28
CA ILE A 274 -34.70 -3.81 -1.46
C ILE A 274 -34.41 -3.52 0.01
N PRO A 275 -35.39 -3.10 0.81
CA PRO A 275 -35.19 -2.81 2.25
C PRO A 275 -35.06 -4.06 3.12
N LEU A 276 -33.86 -4.64 3.15
CA LEU A 276 -33.60 -5.87 3.91
C LEU A 276 -33.03 -5.53 5.29
N THR A 277 -33.79 -4.75 6.05
CA THR A 277 -33.24 -4.17 7.28
C THR A 277 -32.99 -5.23 8.35
N ILE A 278 -33.90 -6.20 8.48
CA ILE A 278 -33.82 -7.13 9.61
C ILE A 278 -32.65 -8.10 9.43
N ILE A 279 -32.55 -8.71 8.25
CA ILE A 279 -31.42 -9.60 7.98
C ILE A 279 -30.10 -8.83 8.09
N THR A 280 -30.07 -7.60 7.57
CA THR A 280 -28.82 -6.85 7.55
C THR A 280 -28.39 -6.47 8.96
N GLU A 281 -29.34 -6.08 9.82
CA GLU A 281 -29.01 -5.85 11.22
C GLU A 281 -28.51 -7.12 11.90
N SER A 282 -29.03 -8.28 11.48
CA SER A 282 -28.53 -9.55 12.02
C SER A 282 -27.11 -9.82 11.56
N VAL A 283 -26.79 -9.49 10.30
CA VAL A 283 -25.43 -9.63 9.82
C VAL A 283 -24.50 -8.69 10.58
N PHE A 284 -24.91 -7.44 10.76
CA PHE A 284 -24.10 -6.48 11.51
C PHE A 284 -23.94 -6.90 12.96
N ALA A 285 -24.95 -7.54 13.54
CA ALA A 285 -24.84 -7.99 14.93
C ALA A 285 -23.77 -9.05 15.09
N ARG A 286 -23.61 -9.91 14.07
CA ARG A 286 -22.50 -10.86 14.11
C ARG A 286 -21.17 -10.15 14.04
N PHE A 287 -21.08 -9.07 13.25
CA PHE A 287 -19.83 -8.29 13.19
C PHE A 287 -19.48 -7.72 14.56
N ILE A 288 -20.47 -7.14 15.27
CA ILE A 288 -20.20 -6.53 16.55
C ILE A 288 -19.78 -7.57 17.57
N SER A 289 -20.38 -8.76 17.52
CA SER A 289 -20.00 -9.81 18.46
C SER A 289 -18.57 -10.28 18.24
N SER A 290 -18.04 -10.13 17.03
CA SER A 290 -16.70 -10.63 16.73
C SER A 290 -15.61 -9.79 17.39
N ILE A 291 -15.85 -8.51 17.64
CA ILE A 291 -14.83 -7.67 18.26
C ILE A 291 -14.98 -7.75 19.78
N LYS A 292 -14.71 -8.94 20.33
CA LYS A 292 -14.97 -9.18 21.74
C LYS A 292 -14.07 -8.36 22.64
N GLU A 293 -12.77 -8.32 22.34
CA GLU A 293 -11.83 -7.57 23.16
C GLU A 293 -12.21 -6.09 23.21
N GLU A 294 -12.57 -5.53 22.06
CA GLU A 294 -12.99 -4.13 22.02
C GLU A 294 -14.24 -3.90 22.86
N ARG A 295 -15.18 -4.85 22.83
CA ARG A 295 -16.41 -4.71 23.61
C ARG A 295 -16.15 -4.80 25.10
N VAL A 296 -15.23 -5.68 25.51
CA VAL A 296 -14.88 -5.78 26.92
C VAL A 296 -14.28 -4.48 27.42
N ASN A 297 -13.43 -3.85 26.60
CA ASN A 297 -12.87 -2.56 27.01
C ASN A 297 -13.92 -1.47 27.01
N ALA A 298 -14.84 -1.50 26.04
CA ALA A 298 -15.89 -0.48 26.01
C ALA A 298 -16.85 -0.61 27.18
N SER A 299 -17.08 -1.83 27.67
CA SER A 299 -17.98 -2.03 28.80
C SER A 299 -17.47 -1.36 30.07
N LYS A 300 -16.16 -1.12 30.18
CA LYS A 300 -15.59 -0.46 31.35
C LYS A 300 -15.61 1.06 31.24
N GLU A 301 -15.91 1.61 30.05
CA GLU A 301 -15.93 3.05 29.85
C GLU A 301 -17.30 3.60 29.50
N LEU A 302 -18.15 2.83 28.81
CA LEU A 302 -19.46 3.29 28.40
C LEU A 302 -20.51 2.63 29.29
N ASN A 303 -21.19 3.43 30.09
CA ASN A 303 -22.19 2.91 31.02
C ASN A 303 -23.59 3.03 30.43
N GLY A 304 -24.49 2.21 30.95
CA GLY A 304 -25.87 2.23 30.55
C GLY A 304 -26.78 1.92 31.72
N PRO A 305 -28.09 1.92 31.48
CA PRO A 305 -29.04 1.68 32.56
C PRO A 305 -28.92 0.26 33.10
N LYS A 306 -29.21 0.11 34.38
CA LYS A 306 -29.30 -1.21 34.98
C LYS A 306 -30.67 -1.79 34.69
N ALA A 307 -30.70 -2.93 34.02
CA ALA A 307 -31.97 -3.54 33.62
C ALA A 307 -32.71 -4.07 34.85
N SER A 308 -34.01 -3.85 34.88
CA SER A 308 -34.86 -4.37 35.94
C SER A 308 -36.31 -4.37 35.48
N PHE A 309 -37.05 -5.38 35.91
CA PHE A 309 -38.46 -5.51 35.55
C PHE A 309 -39.26 -5.89 36.80
N ASP A 310 -40.30 -5.12 37.10
CA ASP A 310 -41.12 -5.36 38.27
C ASP A 310 -42.54 -5.79 37.94
N GLY A 311 -42.93 -5.79 36.66
CA GLY A 311 -44.26 -6.19 36.26
C GLY A 311 -44.44 -7.70 36.32
N ASP A 312 -45.52 -8.15 35.69
CA ASP A 312 -45.79 -9.58 35.58
C ASP A 312 -44.87 -10.20 34.53
N LYS A 313 -43.99 -11.10 34.98
CA LYS A 313 -43.02 -11.69 34.08
C LYS A 313 -43.65 -12.72 33.14
N LYS A 314 -44.75 -13.35 33.56
CA LYS A 314 -45.44 -14.26 32.66
C LYS A 314 -46.11 -13.53 31.50
N ASP A 315 -46.69 -12.35 31.79
CA ASP A 315 -47.33 -11.58 30.72
C ASP A 315 -46.29 -11.01 29.76
N PHE A 316 -45.14 -10.57 30.28
CA PHE A 316 -44.11 -10.02 29.40
C PHE A 316 -43.50 -11.11 28.53
N LEU A 317 -43.32 -12.32 29.10
CA LEU A 317 -42.84 -13.45 28.30
C LEU A 317 -43.73 -13.70 27.09
N GLU A 318 -45.04 -13.59 27.28
CA GLU A 318 -45.97 -13.75 26.16
C GLU A 318 -45.80 -12.63 25.13
N LYS A 319 -45.41 -11.43 25.58
CA LYS A 319 -45.14 -10.36 24.63
C LYS A 319 -43.87 -10.64 23.83
N ILE A 320 -42.85 -11.22 24.48
CA ILE A 320 -41.64 -11.62 23.76
C ILE A 320 -41.97 -12.67 22.71
N ARG A 321 -42.89 -13.59 23.02
CA ARG A 321 -43.31 -14.59 22.05
C ARG A 321 -44.00 -13.95 20.86
N LYS A 322 -44.94 -13.03 21.11
CA LYS A 322 -45.63 -12.36 20.01
C LYS A 322 -44.66 -11.51 19.20
N ALA A 323 -43.74 -10.81 19.88
CA ALA A 323 -42.75 -10.01 19.16
C ALA A 323 -41.87 -10.88 18.29
N LEU A 324 -41.54 -12.07 18.76
CA LEU A 324 -40.70 -12.98 17.99
C LEU A 324 -41.45 -13.49 16.75
N TYR A 325 -42.74 -13.77 16.88
CA TYR A 325 -43.51 -14.25 15.74
C TYR A 325 -43.69 -13.15 14.70
N MET A 326 -44.07 -11.95 15.14
CA MET A 326 -44.24 -10.84 14.21
C MET A 326 -42.93 -10.45 13.55
N SER A 327 -41.83 -10.52 14.29
CA SER A 327 -40.52 -10.18 13.71
C SER A 327 -40.13 -11.16 12.62
N LYS A 328 -40.47 -12.44 12.78
CA LYS A 328 -40.23 -13.42 11.72
C LYS A 328 -41.05 -13.08 10.49
N ILE A 329 -42.32 -12.72 10.68
CA ILE A 329 -43.17 -12.33 9.57
C ILE A 329 -42.56 -11.16 8.81
N CYS A 330 -42.11 -10.13 9.53
CA CYS A 330 -41.49 -8.98 8.89
C CYS A 330 -40.21 -9.38 8.17
N SER A 331 -39.41 -10.26 8.79
CA SER A 331 -38.17 -10.70 8.16
C SER A 331 -38.43 -11.49 6.89
N TYR A 332 -39.40 -12.40 6.92
CA TYR A 332 -39.72 -13.18 5.73
C TYR A 332 -40.36 -12.30 4.65
N ALA A 333 -41.19 -11.35 5.07
CA ALA A 333 -41.76 -10.40 4.11
C ALA A 333 -40.66 -9.65 3.37
N GLN A 334 -39.58 -9.29 4.06
CA GLN A 334 -38.47 -8.60 3.40
C GLN A 334 -37.73 -9.55 2.46
N GLY A 335 -37.47 -10.78 2.92
CA GLY A 335 -36.72 -11.73 2.10
C GLY A 335 -37.47 -12.17 0.86
N PHE A 336 -38.80 -12.29 0.96
CA PHE A 336 -39.57 -12.66 -0.22
C PHE A 336 -39.76 -11.48 -1.16
N ALA A 337 -39.73 -10.26 -0.65
CA ALA A 337 -39.67 -9.10 -1.53
C ALA A 337 -38.35 -9.05 -2.30
N GLN A 338 -37.27 -9.45 -1.64
CA GLN A 338 -35.97 -9.49 -2.31
C GLN A 338 -35.97 -10.52 -3.44
N MET A 339 -36.51 -11.71 -3.17
CA MET A 339 -36.52 -12.74 -4.21
C MET A 339 -37.39 -12.32 -5.38
N ARG A 340 -38.53 -11.66 -5.10
CA ARG A 340 -39.37 -11.15 -6.18
C ARG A 340 -38.59 -10.15 -7.04
N LYS A 341 -37.84 -9.25 -6.40
CA LYS A 341 -37.05 -8.28 -7.17
C LYS A 341 -35.95 -8.97 -7.97
N ALA A 342 -35.25 -9.93 -7.35
CA ALA A 342 -34.21 -10.65 -8.07
C ALA A 342 -34.77 -11.43 -9.24
N SER A 343 -35.96 -12.02 -9.06
CA SER A 343 -36.61 -12.70 -10.18
C SER A 343 -36.82 -11.74 -11.35
N GLU A 344 -37.30 -10.53 -11.07
CA GLU A 344 -37.56 -9.57 -12.13
C GLU A 344 -36.27 -9.12 -12.83
N ASP A 345 -35.21 -8.85 -12.05
CA ASP A 345 -33.98 -8.32 -12.64
C ASP A 345 -33.23 -9.39 -13.41
N ASN A 346 -33.30 -10.64 -12.97
CA ASN A 346 -32.57 -11.73 -13.61
C ASN A 346 -33.42 -12.56 -14.56
N GLU A 347 -34.70 -12.21 -14.72
CA GLU A 347 -35.62 -12.91 -15.62
C GLU A 347 -35.71 -14.40 -15.25
N TRP A 348 -35.86 -14.68 -13.96
CA TRP A 348 -35.91 -16.06 -13.49
C TRP A 348 -37.32 -16.62 -13.43
N ASN A 349 -38.35 -15.77 -13.41
CA ASN A 349 -39.74 -16.20 -13.34
C ASN A 349 -39.97 -17.09 -12.11
N LEU A 350 -39.46 -16.63 -10.97
CA LEU A 350 -39.56 -17.41 -9.74
C LEU A 350 -41.00 -17.50 -9.25
N LYS A 351 -41.35 -18.64 -8.69
CA LYS A 351 -42.68 -18.89 -8.10
C LYS A 351 -42.47 -19.01 -6.59
N LEU A 352 -42.68 -17.90 -5.87
CA LEU A 352 -42.29 -17.84 -4.45
C LEU A 352 -43.03 -18.87 -3.61
N GLY A 353 -44.27 -19.22 -3.98
CA GLY A 353 -44.98 -20.25 -3.23
C GLY A 353 -44.28 -21.60 -3.29
N ASP A 354 -43.70 -21.93 -4.45
CA ASP A 354 -42.93 -23.17 -4.56
C ASP A 354 -41.69 -23.13 -3.68
N LEU A 355 -41.13 -21.94 -3.45
CA LEU A 355 -39.95 -21.82 -2.61
C LEU A 355 -40.30 -22.07 -1.14
N ALA A 356 -41.41 -21.49 -0.67
CA ALA A 356 -41.86 -21.78 0.68
C ALA A 356 -42.21 -23.26 0.84
N MET A 357 -42.74 -23.86 -0.22
CA MET A 357 -43.12 -25.26 -0.19
C MET A 357 -41.91 -26.15 0.08
N ILE A 358 -40.80 -25.91 -0.61
CA ILE A 358 -39.62 -26.78 -0.47
C ILE A 358 -38.79 -26.44 0.75
N TRP A 359 -39.14 -25.40 1.50
CA TRP A 359 -38.48 -25.08 2.75
C TRP A 359 -39.24 -25.61 3.97
N ARG A 360 -40.37 -26.29 3.75
CA ARG A 360 -41.15 -26.82 4.87
C ARG A 360 -40.42 -27.94 5.60
N GLU A 361 -39.44 -28.58 4.97
CA GLU A 361 -38.70 -29.66 5.60
C GLU A 361 -37.27 -29.64 5.06
N GLY A 362 -36.40 -30.37 5.73
CA GLY A 362 -35.02 -30.52 5.28
C GLY A 362 -34.10 -29.38 5.69
N CYS A 363 -34.43 -28.16 5.28
CA CYS A 363 -33.55 -27.03 5.50
C CYS A 363 -33.54 -26.61 6.98
N ILE A 364 -32.68 -25.64 7.29
CA ILE A 364 -32.49 -25.19 8.66
C ILE A 364 -33.65 -24.31 9.13
N ILE A 365 -34.26 -23.54 8.23
CA ILE A 365 -35.30 -22.60 8.63
C ILE A 365 -36.66 -23.27 8.63
N ARG A 366 -36.69 -24.59 8.52
CA ARG A 366 -37.97 -25.30 8.39
C ARG A 366 -38.83 -25.04 9.61
N ALA A 367 -40.12 -24.76 9.35
CA ALA A 367 -41.06 -24.36 10.39
C ALA A 367 -42.47 -24.50 9.83
N GLN A 368 -43.43 -24.68 10.74
CA GLN A 368 -44.84 -24.60 10.36
C GLN A 368 -45.14 -23.26 9.70
N PHE A 369 -44.40 -22.22 10.08
CA PHE A 369 -44.55 -20.89 9.47
C PHE A 369 -44.51 -20.95 7.95
N LEU A 370 -43.65 -21.80 7.38
CA LEU A 370 -43.50 -21.83 5.93
C LEU A 370 -44.73 -22.40 5.23
N GLN A 371 -45.52 -23.24 5.92
CA GLN A 371 -46.79 -23.68 5.35
C GLN A 371 -47.75 -22.51 5.18
N LYS A 372 -47.71 -21.53 6.10
CA LYS A 372 -48.58 -20.37 6.00
C LYS A 372 -48.14 -19.45 4.87
N ILE A 373 -46.84 -19.35 4.60
CA ILE A 373 -46.39 -18.61 3.43
C ILE A 373 -46.85 -19.31 2.15
N LYS A 374 -46.73 -20.63 2.12
CA LYS A 374 -47.25 -21.39 0.98
C LYS A 374 -48.75 -21.14 0.79
N ASP A 375 -49.50 -21.16 1.90
CA ASP A 375 -50.94 -20.90 1.80
C ASP A 375 -51.20 -19.48 1.30
N ALA A 376 -50.37 -18.52 1.70
CA ALA A 376 -50.57 -17.14 1.28
C ALA A 376 -50.45 -17.00 -0.23
N TYR A 377 -49.44 -17.63 -0.83
CA TYR A 377 -49.25 -17.50 -2.27
C TYR A 377 -50.20 -18.41 -3.05
N ASP A 378 -50.59 -19.55 -2.50
CA ASP A 378 -51.56 -20.39 -3.19
C ASP A 378 -52.95 -19.76 -3.17
N ASN A 379 -53.27 -18.96 -2.15
CA ASN A 379 -54.52 -18.22 -2.14
C ASN A 379 -54.46 -16.99 -3.04
N ASN A 380 -53.28 -16.40 -3.21
CA ASN A 380 -53.12 -15.22 -4.06
C ASN A 380 -51.72 -15.24 -4.65
N PRO A 381 -51.55 -15.81 -5.84
CA PRO A 381 -50.22 -15.80 -6.47
C PRO A 381 -49.69 -14.41 -6.75
N GLY A 382 -50.56 -13.41 -6.91
CA GLY A 382 -50.13 -12.06 -7.11
C GLY A 382 -49.94 -11.26 -5.84
N LEU A 383 -49.77 -11.96 -4.72
CA LEU A 383 -49.53 -11.29 -3.43
C LEU A 383 -48.29 -10.43 -3.51
N GLN A 384 -48.43 -9.14 -3.18
CA GLN A 384 -47.34 -8.18 -3.35
C GLN A 384 -46.44 -8.09 -2.13
N ASN A 385 -46.93 -8.44 -0.94
CA ASN A 385 -46.12 -8.45 0.25
C ASN A 385 -46.80 -9.34 1.27
N LEU A 386 -46.01 -10.15 1.98
CA LEU A 386 -46.56 -11.08 2.95
C LEU A 386 -47.39 -10.37 4.02
N LEU A 387 -47.08 -9.11 4.32
CA LEU A 387 -47.83 -8.39 5.33
C LEU A 387 -49.29 -8.19 4.92
N LEU A 388 -49.61 -8.28 3.63
CA LEU A 388 -50.96 -8.08 3.14
C LEU A 388 -51.79 -9.36 3.10
N ASP A 389 -51.18 -10.52 3.33
CA ASP A 389 -51.94 -11.76 3.35
C ASP A 389 -52.92 -11.73 4.53
N PRO A 390 -54.16 -12.19 4.32
CA PRO A 390 -55.16 -12.12 5.42
C PRO A 390 -54.69 -12.73 6.73
N TYR A 391 -54.08 -13.91 6.69
CA TYR A 391 -53.62 -14.54 7.92
C TYR A 391 -52.52 -13.71 8.58
N PHE A 392 -51.49 -13.36 7.83
CA PHE A 392 -50.38 -12.61 8.40
C PHE A 392 -50.82 -11.21 8.84
N LYS A 393 -51.65 -10.55 8.04
CA LYS A 393 -52.13 -9.22 8.42
C LYS A 393 -52.90 -9.28 9.72
N ASN A 394 -53.70 -10.33 9.92
CA ASN A 394 -54.43 -10.51 11.17
C ASN A 394 -53.48 -10.69 12.35
N ILE A 395 -52.33 -11.32 12.12
CA ILE A 395 -51.35 -11.52 13.18
C ILE A 395 -50.68 -10.20 13.55
N VAL A 396 -50.12 -9.51 12.55
CA VAL A 396 -49.28 -8.35 12.85
C VAL A 396 -50.10 -7.16 13.34
N THR A 397 -51.35 -7.04 12.89
CA THR A 397 -52.18 -5.94 13.38
C THR A 397 -52.55 -6.09 14.84
N GLU A 398 -52.45 -7.29 15.39
CA GLU A 398 -52.66 -7.53 16.81
C GLU A 398 -51.34 -7.59 17.59
N TYR A 399 -50.37 -8.34 17.07
CA TYR A 399 -49.11 -8.56 17.77
C TYR A 399 -48.22 -7.32 17.81
N GLN A 400 -48.52 -6.29 17.01
CA GLN A 400 -47.69 -5.10 16.99
C GLN A 400 -47.59 -4.47 18.37
N ASP A 401 -48.68 -4.51 19.15
CA ASP A 401 -48.66 -3.88 20.46
C ASP A 401 -47.73 -4.60 21.42
N ALA A 402 -47.62 -5.93 21.30
CA ALA A 402 -46.62 -6.65 22.07
C ALA A 402 -45.21 -6.31 21.59
N LEU A 403 -45.02 -6.20 20.27
CA LEU A 403 -43.70 -5.86 19.74
C LEU A 403 -43.26 -4.47 20.20
N ARG A 404 -44.19 -3.51 20.22
CA ARG A 404 -43.87 -2.17 20.69
C ARG A 404 -43.47 -2.17 22.16
N ASP A 405 -44.20 -2.91 22.99
CA ASP A 405 -43.85 -2.98 24.41
C ASP A 405 -42.47 -3.61 24.61
N VAL A 406 -42.13 -4.62 23.80
CA VAL A 406 -40.86 -5.31 23.96
C VAL A 406 -39.70 -4.41 23.53
N VAL A 407 -39.85 -3.72 22.40
CA VAL A 407 -38.78 -2.83 21.93
C VAL A 407 -38.59 -1.68 22.92
N ALA A 408 -39.69 -1.07 23.36
CA ALA A 408 -39.60 0.06 24.28
C ALA A 408 -38.96 -0.36 25.60
N THR A 409 -39.33 -1.53 26.11
CA THR A 409 -38.76 -2.00 27.38
C THR A 409 -37.29 -2.36 27.21
N GLY A 410 -36.93 -3.01 26.09
CA GLY A 410 -35.54 -3.31 25.85
C GLY A 410 -34.69 -2.07 25.76
N VAL A 411 -35.17 -1.05 25.05
CA VAL A 411 -34.40 0.18 24.87
C VAL A 411 -34.22 0.90 26.20
N GLN A 412 -35.28 0.96 27.03
CA GLN A 412 -35.17 1.67 28.29
C GLN A 412 -34.27 0.95 29.29
N ASN A 413 -34.05 -0.36 29.13
CA ASN A 413 -33.22 -1.12 30.04
C ASN A 413 -31.87 -1.49 29.45
N GLY A 414 -31.52 -0.94 28.28
CA GLY A 414 -30.20 -1.12 27.72
C GLY A 414 -29.92 -2.49 27.12
N VAL A 415 -30.95 -3.26 26.80
CA VAL A 415 -30.79 -4.56 26.17
C VAL A 415 -30.88 -4.37 24.66
N PRO A 416 -29.83 -4.66 23.89
CA PRO A 416 -29.90 -4.43 22.44
C PRO A 416 -30.86 -5.41 21.78
N THR A 417 -31.78 -4.86 20.98
CA THR A 417 -32.75 -5.65 20.23
C THR A 417 -32.78 -5.19 18.77
N PRO A 418 -31.67 -5.34 18.04
CA PRO A 418 -31.64 -4.83 16.65
C PRO A 418 -32.65 -5.50 15.74
N GLY A 419 -32.92 -6.80 15.93
CA GLY A 419 -33.93 -7.47 15.12
C GLY A 419 -35.35 -7.01 15.43
N PHE A 420 -35.68 -6.90 16.71
CA PHE A 420 -37.02 -6.44 17.10
C PHE A 420 -37.25 -5.00 16.66
N SER A 421 -36.23 -4.15 16.83
CA SER A 421 -36.36 -2.74 16.49
C SER A 421 -36.59 -2.53 15.00
N SER A 422 -35.75 -3.12 14.15
CA SER A 422 -35.95 -2.95 12.72
C SER A 422 -37.25 -3.58 12.24
N SER A 423 -37.77 -4.58 12.95
CA SER A 423 -39.06 -5.16 12.58
C SER A 423 -40.18 -4.15 12.73
N ILE A 424 -40.28 -3.51 13.90
CA ILE A 424 -41.38 -2.56 14.12
C ILE A 424 -41.18 -1.32 13.27
N ASN A 425 -39.93 -0.94 12.99
CA ASN A 425 -39.69 0.20 12.12
C ASN A 425 -40.05 -0.12 10.67
N TYR A 426 -39.87 -1.37 10.25
CA TYR A 426 -40.31 -1.76 8.92
C TYR A 426 -41.83 -1.75 8.81
N TYR A 427 -42.51 -2.27 9.83
CA TYR A 427 -43.97 -2.25 9.82
C TYR A 427 -44.49 -0.81 9.77
N ASP A 428 -43.90 0.09 10.56
CA ASP A 428 -44.36 1.46 10.60
C ASP A 428 -43.98 2.24 9.35
N SER A 429 -42.89 1.85 8.68
CA SER A 429 -42.51 2.53 7.45
C SER A 429 -43.29 2.01 6.25
N TYR A 430 -43.50 0.69 6.18
CA TYR A 430 -44.22 0.12 5.05
C TYR A 430 -45.67 0.56 5.02
N ARG A 431 -46.27 0.80 6.19
CA ARG A 431 -47.67 1.20 6.27
C ARG A 431 -47.85 2.71 6.27
N ALA A 432 -46.76 3.48 6.29
CA ALA A 432 -46.84 4.93 6.36
C ALA A 432 -47.13 5.49 4.97
N ALA A 433 -48.31 6.11 4.81
CA ALA A 433 -48.63 6.76 3.54
C ALA A 433 -47.71 7.95 3.27
N ASP A 434 -47.29 8.64 4.32
CA ASP A 434 -46.43 9.82 4.21
C ASP A 434 -45.20 9.61 5.08
N LEU A 435 -44.03 9.52 4.45
CA LEU A 435 -42.75 9.42 5.13
C LEU A 435 -42.00 10.75 5.07
N PRO A 436 -41.06 10.99 6.00
CA PRO A 436 -40.35 12.28 6.00
C PRO A 436 -39.32 12.43 4.90
N ALA A 437 -39.36 11.56 3.89
CA ALA A 437 -38.44 11.66 2.78
C ALA A 437 -38.69 12.89 1.91
N ASN A 438 -39.82 13.59 2.11
CA ASN A 438 -40.05 14.84 1.39
C ASN A 438 -39.01 15.89 1.78
N LEU A 439 -38.61 15.90 3.06
CA LEU A 439 -37.58 16.85 3.48
C LEU A 439 -36.23 16.48 2.85
N ILE A 440 -35.95 15.19 2.71
CA ILE A 440 -34.73 14.74 2.05
C ILE A 440 -34.71 15.21 0.60
N GLN A 441 -35.85 15.12 -0.08
CA GLN A 441 -35.94 15.60 -1.46
C GLN A 441 -35.71 17.10 -1.54
N ALA A 442 -36.28 17.86 -0.59
CA ALA A 442 -36.07 19.30 -0.57
C ALA A 442 -34.61 19.65 -0.32
N GLN A 443 -33.95 18.91 0.58
CA GLN A 443 -32.54 19.16 0.85
C GLN A 443 -31.70 18.87 -0.39
N ARG A 444 -31.93 17.73 -1.03
CA ARG A 444 -31.17 17.38 -2.24
C ARG A 444 -31.37 18.42 -3.33
N ASP A 445 -32.55 19.02 -3.42
CA ASP A 445 -32.76 20.09 -4.38
C ASP A 445 -32.08 21.38 -3.95
N TYR A 446 -31.95 21.60 -2.64
CA TYR A 446 -31.28 22.79 -2.13
C TYR A 446 -29.81 22.79 -2.53
N PHE A 447 -29.05 21.79 -2.09
CA PHE A 447 -27.60 21.82 -2.26
C PHE A 447 -27.14 21.18 -3.57
N GLY A 448 -27.99 20.41 -4.25
CA GLY A 448 -27.54 19.68 -5.42
C GLY A 448 -28.36 19.91 -6.67
N ALA A 449 -29.49 20.61 -6.53
CA ALA A 449 -30.40 20.88 -7.65
C ALA A 449 -30.84 19.59 -8.32
N HIS A 450 -31.18 18.58 -7.51
CA HIS A 450 -31.57 17.27 -8.04
C HIS A 450 -33.03 17.20 -8.46
N THR A 451 -33.79 18.29 -8.29
CA THR A 451 -35.20 18.39 -8.65
C THR A 451 -36.07 17.44 -7.83
N TYR A 452 -37.37 17.69 -7.82
CA TYR A 452 -38.29 16.90 -7.02
C TYR A 452 -39.65 16.86 -7.69
N GLU A 453 -40.47 15.91 -7.26
CA GLU A 453 -41.86 15.81 -7.69
C GLU A 453 -42.77 16.32 -6.58
N ARG A 454 -44.04 16.51 -6.93
CA ARG A 454 -45.02 17.04 -5.99
C ARG A 454 -46.21 16.10 -5.88
N LYS A 455 -46.92 16.20 -4.74
CA LYS A 455 -48.08 15.36 -4.51
C LYS A 455 -49.30 15.88 -5.26
N ASP A 456 -49.51 17.20 -5.29
CA ASP A 456 -50.68 17.77 -5.94
C ASP A 456 -50.50 17.82 -7.45
N LYS A 457 -49.59 18.67 -7.92
CA LYS A 457 -49.35 18.82 -9.35
C LYS A 457 -48.65 17.59 -9.90
N GLU A 458 -48.32 17.65 -11.18
CA GLU A 458 -47.52 16.62 -11.84
C GLU A 458 -46.36 17.27 -12.56
N GLY A 459 -45.30 16.50 -12.76
CA GLY A 459 -44.10 16.97 -13.41
C GLY A 459 -42.92 17.04 -12.46
N VAL A 460 -41.84 17.63 -12.96
CA VAL A 460 -40.59 17.76 -12.22
C VAL A 460 -40.37 19.25 -11.94
N PHE A 461 -39.96 19.54 -10.70
CA PHE A 461 -39.86 20.92 -10.23
C PHE A 461 -38.48 21.19 -9.62
N HIS A 462 -38.14 22.46 -9.55
CA HIS A 462 -36.89 22.93 -8.98
C HIS A 462 -37.12 24.32 -8.40
N THR A 463 -36.58 24.57 -7.20
CA THR A 463 -36.92 25.76 -6.43
C THR A 463 -35.66 26.44 -5.91
N GLN A 464 -35.69 27.77 -5.91
CA GLN A 464 -34.69 28.57 -5.21
C GLN A 464 -35.21 28.80 -3.80
N TRP A 465 -34.57 28.16 -2.82
CA TRP A 465 -35.11 28.07 -1.48
C TRP A 465 -34.76 29.25 -0.58
N ILE A 466 -33.95 30.19 -1.06
CA ILE A 466 -33.58 31.35 -0.25
C ILE A 466 -33.61 32.63 -1.10
N MET B 1 1.04 31.65 -24.70
CA MET B 1 0.90 30.66 -25.76
C MET B 1 0.56 29.29 -25.19
N THR B 2 0.93 29.08 -23.92
CA THR B 2 0.69 27.81 -23.24
C THR B 2 0.00 28.06 -21.92
N GLN B 3 -1.01 27.24 -21.62
CA GLN B 3 -1.80 27.37 -20.41
C GLN B 3 -1.28 26.42 -19.33
N GLN B 4 -1.58 26.77 -18.08
CA GLN B 4 -1.02 26.04 -16.95
C GLN B 4 -1.82 24.77 -16.62
N ILE B 5 -3.11 24.76 -16.89
CA ILE B 5 -3.97 23.65 -16.52
C ILE B 5 -5.16 23.61 -17.46
N GLY B 6 -5.68 22.42 -17.71
CA GLY B 6 -6.81 22.22 -18.60
C GLY B 6 -7.94 21.51 -17.89
N VAL B 7 -9.17 21.80 -18.33
CA VAL B 7 -10.38 21.21 -17.78
C VAL B 7 -11.19 20.61 -18.93
N ILE B 8 -11.51 19.32 -18.83
CA ILE B 8 -12.36 18.64 -19.79
C ILE B 8 -13.71 18.40 -19.15
N GLY B 9 -14.76 18.83 -19.82
CA GLY B 9 -16.11 18.74 -19.27
C GLY B 9 -16.60 20.08 -18.81
N LEU B 10 -17.50 20.69 -19.58
CA LEU B 10 -17.96 22.05 -19.33
C LEU B 10 -19.43 22.11 -18.96
N ALA B 11 -19.90 21.12 -18.20
CA ALA B 11 -21.19 21.22 -17.54
C ALA B 11 -21.06 22.16 -16.34
N VAL B 12 -22.06 22.15 -15.46
CA VAL B 12 -22.05 23.11 -14.35
C VAL B 12 -20.87 22.86 -13.42
N MET B 13 -20.52 21.60 -13.18
CA MET B 13 -19.44 21.31 -12.23
C MET B 13 -18.08 21.66 -12.82
N GLY B 14 -17.83 21.25 -14.06
CA GLY B 14 -16.53 21.48 -14.66
C GLY B 14 -16.27 22.94 -14.96
N LYS B 15 -17.30 23.65 -15.43
CA LYS B 15 -17.15 25.07 -15.75
C LYS B 15 -16.89 25.90 -14.51
N ASN B 16 -17.57 25.57 -13.40
CA ASN B 16 -17.38 26.32 -12.16
C ASN B 16 -15.97 26.11 -11.62
N LEU B 17 -15.44 24.90 -11.73
CA LEU B 17 -14.08 24.64 -11.27
C LEU B 17 -13.07 25.35 -12.15
N ALA B 18 -13.34 25.44 -13.45
CA ALA B 18 -12.45 26.19 -14.33
C ALA B 18 -12.45 27.67 -13.98
N TRP B 19 -13.63 28.24 -13.68
CA TRP B 19 -13.70 29.62 -13.23
C TRP B 19 -13.01 29.78 -11.88
N ASN B 20 -13.16 28.80 -10.99
CA ASN B 20 -12.48 28.84 -9.71
C ASN B 20 -10.97 28.88 -9.89
N ILE B 21 -10.43 28.03 -10.77
CA ILE B 21 -8.99 28.01 -11.00
C ILE B 21 -8.54 29.32 -11.62
N GLU B 22 -9.30 29.85 -12.58
CA GLU B 22 -8.89 31.10 -13.24
C GLU B 22 -8.94 32.28 -12.27
N SER B 23 -9.89 32.27 -11.32
CA SER B 23 -9.99 33.37 -10.38
C SER B 23 -8.78 33.46 -9.46
N ARG B 24 -8.00 32.39 -9.34
CA ARG B 24 -6.79 32.39 -8.52
C ARG B 24 -5.57 32.88 -9.27
N GLY B 25 -5.70 33.27 -10.54
CA GLY B 25 -4.60 33.77 -11.32
C GLY B 25 -4.02 32.81 -12.34
N TYR B 26 -4.53 31.58 -12.42
CA TYR B 26 -4.02 30.59 -13.36
C TYR B 26 -4.71 30.73 -14.71
N SER B 27 -3.96 30.41 -15.76
CA SER B 27 -4.51 30.34 -17.12
C SER B 27 -5.04 28.94 -17.36
N VAL B 28 -6.25 28.85 -17.93
CA VAL B 28 -6.96 27.60 -18.05
C VAL B 28 -7.34 27.36 -19.51
N SER B 29 -7.00 26.18 -20.02
CA SER B 29 -7.58 25.69 -21.27
C SER B 29 -8.80 24.85 -20.95
N VAL B 30 -9.81 24.93 -21.81
CA VAL B 30 -11.06 24.19 -21.58
C VAL B 30 -11.43 23.45 -22.86
N PHE B 31 -12.13 22.34 -22.68
CA PHE B 31 -12.62 21.53 -23.79
C PHE B 31 -13.85 20.79 -23.34
N ASN B 32 -14.78 20.61 -24.28
CA ASN B 32 -16.00 19.85 -24.04
C ASN B 32 -16.30 19.04 -25.30
N ARG B 33 -16.86 17.85 -25.10
CA ARG B 33 -17.18 16.98 -26.24
C ARG B 33 -18.08 17.70 -27.24
N SER B 34 -19.13 18.36 -26.73
CA SER B 34 -19.99 19.19 -27.57
C SER B 34 -19.51 20.63 -27.49
N SER B 35 -19.15 21.20 -28.64
CA SER B 35 -18.67 22.57 -28.68
C SER B 35 -19.74 23.59 -28.32
N GLU B 36 -20.98 23.15 -28.10
CA GLU B 36 -22.04 24.07 -27.68
C GLU B 36 -21.74 24.67 -26.32
N LYS B 37 -21.19 23.86 -25.40
CA LYS B 37 -20.87 24.35 -24.07
C LYS B 37 -19.61 25.20 -24.06
N THR B 38 -18.65 24.90 -24.93
CA THR B 38 -17.44 25.69 -25.02
C THR B 38 -17.74 27.10 -25.53
N ASP B 39 -18.55 27.19 -26.58
CA ASP B 39 -18.93 28.50 -27.11
C ASP B 39 -19.71 29.31 -26.08
N LEU B 40 -20.52 28.65 -25.25
CA LEU B 40 -21.24 29.37 -24.20
C LEU B 40 -20.29 29.88 -23.13
N MET B 41 -19.27 29.10 -22.78
CA MET B 41 -18.40 29.51 -21.68
C MET B 41 -17.58 30.74 -22.06
N VAL B 42 -17.13 30.83 -23.31
CA VAL B 42 -16.43 32.03 -23.77
C VAL B 42 -17.36 33.23 -23.69
N GLU B 43 -18.66 33.02 -23.90
CA GLU B 43 -19.62 34.11 -23.78
C GLU B 43 -19.70 34.63 -22.35
N GLU B 44 -19.38 33.79 -21.36
CA GLU B 44 -19.47 34.16 -19.96
C GLU B 44 -18.10 34.31 -19.30
N SER B 45 -17.02 34.39 -20.08
CA SER B 45 -15.68 34.46 -19.52
C SER B 45 -14.87 35.58 -20.15
N LYS B 46 -15.54 36.65 -20.60
CA LYS B 46 -14.83 37.78 -21.17
C LYS B 46 -13.98 38.45 -20.10
N GLY B 47 -12.73 38.76 -20.45
CA GLY B 47 -11.79 39.32 -19.50
C GLY B 47 -11.12 38.29 -18.60
N LYS B 48 -11.45 37.02 -18.74
CA LYS B 48 -10.85 35.95 -17.95
C LYS B 48 -9.84 35.18 -18.78
N ASN B 49 -8.87 34.57 -18.09
CA ASN B 49 -7.80 33.83 -18.76
C ASN B 49 -8.26 32.39 -19.02
N ILE B 50 -9.26 32.29 -19.90
CA ILE B 50 -9.82 31.00 -20.33
C ILE B 50 -9.51 30.83 -21.81
N HIS B 51 -8.87 29.71 -22.16
CA HIS B 51 -8.52 29.44 -23.55
C HIS B 51 -9.38 28.30 -24.09
N PRO B 52 -10.34 28.57 -24.97
CA PRO B 52 -11.20 27.50 -25.49
C PRO B 52 -10.50 26.68 -26.57
N THR B 53 -10.70 25.37 -26.50
CA THR B 53 -10.21 24.44 -27.51
C THR B 53 -11.36 23.62 -28.03
N TYR B 54 -11.23 23.14 -29.28
CA TYR B 54 -12.31 22.42 -29.94
C TYR B 54 -11.82 21.09 -30.51
N SER B 55 -10.76 20.53 -29.92
CA SER B 55 -10.27 19.21 -30.27
C SER B 55 -9.35 18.74 -29.15
N LEU B 56 -9.34 17.42 -28.93
CA LEU B 56 -8.51 16.87 -27.87
C LEU B 56 -7.03 17.13 -28.12
N GLU B 57 -6.61 17.13 -29.39
CA GLU B 57 -5.20 17.38 -29.71
C GLU B 57 -4.83 18.83 -29.42
N GLU B 58 -5.68 19.77 -29.85
CA GLU B 58 -5.43 21.18 -29.55
C GLU B 58 -5.47 21.45 -28.05
N PHE B 59 -6.33 20.72 -27.33
CA PHE B 59 -6.39 20.86 -25.88
C PHE B 59 -5.09 20.39 -25.23
N VAL B 60 -4.65 19.18 -25.57
CA VAL B 60 -3.42 18.65 -25.00
C VAL B 60 -2.23 19.52 -25.37
N ASN B 61 -2.18 19.98 -26.63
CA ASN B 61 -1.04 20.76 -27.11
C ASN B 61 -1.01 22.18 -26.56
N SER B 62 -2.05 22.62 -25.85
CA SER B 62 -2.09 23.96 -25.29
C SER B 62 -1.63 24.02 -23.84
N LEU B 63 -1.20 22.90 -23.27
CA LEU B 63 -0.91 22.80 -21.84
C LEU B 63 0.60 22.72 -21.59
N GLU B 64 1.04 23.34 -20.50
CA GLU B 64 2.43 23.22 -20.08
C GLU B 64 2.72 21.79 -19.65
N LYS B 65 4.00 21.41 -19.73
CA LYS B 65 4.36 20.08 -19.29
C LYS B 65 5.17 20.13 -18.01
N PRO B 66 4.92 19.22 -17.04
CA PRO B 66 3.96 18.10 -17.10
C PRO B 66 2.51 18.56 -17.13
N ARG B 67 1.73 17.97 -18.04
CA ARG B 67 0.37 18.42 -18.26
C ARG B 67 -0.53 18.10 -17.08
N LYS B 68 -1.38 19.06 -16.73
CA LYS B 68 -2.32 18.92 -15.63
C LYS B 68 -3.72 19.05 -16.20
N ILE B 69 -4.44 17.93 -16.28
CA ILE B 69 -5.75 17.87 -16.92
C ILE B 69 -6.78 17.46 -15.87
N LEU B 70 -7.82 18.27 -15.72
CA LEU B 70 -8.91 17.99 -14.81
C LEU B 70 -10.07 17.40 -15.59
N LEU B 71 -10.45 16.17 -15.26
CA LEU B 71 -11.56 15.48 -15.92
C LEU B 71 -12.83 15.69 -15.11
N MET B 72 -13.80 16.37 -15.69
CA MET B 72 -15.11 16.52 -15.09
C MET B 72 -16.16 15.94 -16.02
N VAL B 73 -15.99 14.68 -16.38
CA VAL B 73 -16.81 14.00 -17.36
C VAL B 73 -17.80 13.10 -16.62
N GLN B 74 -18.96 12.86 -17.25
CA GLN B 74 -19.94 11.92 -16.71
C GLN B 74 -19.27 10.62 -16.28
N ALA B 75 -19.63 10.14 -15.09
CA ALA B 75 -18.94 9.01 -14.49
C ALA B 75 -19.22 7.73 -15.26
N GLY B 76 -18.29 6.79 -15.19
CA GLY B 76 -18.46 5.47 -15.76
C GLY B 76 -17.76 5.33 -17.10
N LYS B 77 -18.48 4.79 -18.09
CA LYS B 77 -17.88 4.53 -19.40
C LYS B 77 -17.39 5.81 -20.07
N ALA B 78 -18.10 6.93 -19.87
CA ALA B 78 -17.72 8.17 -20.51
C ALA B 78 -16.36 8.65 -20.03
N THR B 79 -16.05 8.43 -18.74
CA THR B 79 -14.74 8.80 -18.22
C THR B 79 -13.64 7.92 -18.81
N ASP B 80 -13.89 6.62 -18.91
CA ASP B 80 -12.90 5.72 -19.48
C ASP B 80 -12.65 6.03 -20.95
N ALA B 81 -13.70 6.43 -21.68
CA ALA B 81 -13.54 6.74 -23.10
C ALA B 81 -12.71 8.00 -23.29
N THR B 82 -12.89 9.00 -22.43
CA THR B 82 -12.07 10.20 -22.51
C THR B 82 -10.62 9.90 -22.15
N ILE B 83 -10.40 9.00 -21.19
CA ILE B 83 -9.04 8.63 -20.81
C ILE B 83 -8.34 7.93 -21.96
N ASP B 84 -9.02 6.95 -22.56
CA ASP B 84 -8.41 6.17 -23.65
C ASP B 84 -8.17 7.01 -24.90
N SER B 85 -8.86 8.14 -25.05
CA SER B 85 -8.58 9.05 -26.15
C SER B 85 -7.45 10.03 -25.82
N LEU B 86 -7.17 10.25 -24.53
CA LEU B 86 -6.08 11.13 -24.14
C LEU B 86 -4.73 10.43 -24.14
N LEU B 87 -4.71 9.13 -23.85
CA LEU B 87 -3.45 8.42 -23.66
C LEU B 87 -2.51 8.52 -24.86
N PRO B 88 -2.95 8.29 -26.11
CA PRO B 88 -2.01 8.44 -27.23
C PRO B 88 -1.49 9.86 -27.42
N LEU B 89 -2.12 10.86 -26.82
CA LEU B 89 -1.70 12.25 -26.95
C LEU B 89 -0.78 12.70 -25.83
N LEU B 90 -0.82 12.05 -24.67
CA LEU B 90 -0.06 12.49 -23.53
C LEU B 90 1.39 12.00 -23.60
N ASP B 91 2.26 12.69 -22.87
CA ASP B 91 3.66 12.31 -22.73
C ASP B 91 3.90 11.80 -21.33
N ASP B 92 5.05 11.14 -21.15
CA ASP B 92 5.39 10.57 -19.85
C ASP B 92 5.47 11.66 -18.79
N GLY B 93 4.87 11.40 -17.64
CA GLY B 93 4.87 12.34 -16.53
C GLY B 93 3.64 13.21 -16.43
N ASP B 94 2.76 13.19 -17.43
CA ASP B 94 1.55 14.01 -17.39
C ASP B 94 0.64 13.56 -16.24
N ILE B 95 -0.23 14.47 -15.82
CA ILE B 95 -1.06 14.26 -14.63
C ILE B 95 -2.52 14.39 -15.03
N LEU B 96 -3.27 13.29 -14.88
CA LEU B 96 -4.70 13.27 -15.09
C LEU B 96 -5.41 13.30 -13.74
N ILE B 97 -6.40 14.17 -13.60
CA ILE B 97 -7.17 14.32 -12.36
C ILE B 97 -8.63 14.11 -12.69
N ASP B 98 -9.21 13.03 -12.18
CA ASP B 98 -10.63 12.76 -12.33
C ASP B 98 -11.36 13.28 -11.10
N GLY B 99 -12.22 14.27 -11.30
CA GLY B 99 -12.96 14.90 -10.22
C GLY B 99 -14.42 14.51 -10.11
N GLY B 100 -14.86 13.46 -10.81
CA GLY B 100 -16.23 13.04 -10.74
C GLY B 100 -16.53 12.19 -9.52
N ASN B 101 -17.82 11.89 -9.35
CA ASN B 101 -18.27 11.01 -8.27
C ASN B 101 -18.08 9.57 -8.75
N THR B 102 -16.85 9.11 -8.66
CA THR B 102 -16.43 7.84 -9.25
C THR B 102 -16.35 6.76 -8.18
N ASN B 103 -16.73 5.53 -8.56
CA ASN B 103 -16.46 4.37 -7.73
C ASN B 103 -14.96 4.19 -7.58
N TYR B 104 -14.51 4.10 -6.32
CA TYR B 104 -13.07 4.07 -6.05
C TYR B 104 -12.39 2.86 -6.68
N GLN B 105 -13.11 1.78 -6.95
CA GLN B 105 -12.50 0.62 -7.59
C GLN B 105 -12.19 0.90 -9.06
N ASP B 106 -12.96 1.79 -9.70
CA ASP B 106 -12.60 2.22 -11.04
C ASP B 106 -11.34 3.08 -11.02
N THR B 107 -11.18 3.88 -9.96
CA THR B 107 -9.97 4.70 -9.81
C THR B 107 -8.74 3.82 -9.58
N ILE B 108 -8.89 2.75 -8.79
CA ILE B 108 -7.80 1.82 -8.60
C ILE B 108 -7.39 1.19 -9.93
N ARG B 109 -8.38 0.80 -10.75
CA ARG B 109 -8.09 0.17 -12.04
C ARG B 109 -7.41 1.14 -12.99
N ARG B 110 -7.94 2.37 -13.08
CA ARG B 110 -7.36 3.36 -13.99
C ARG B 110 -5.97 3.77 -13.54
N ASN B 111 -5.78 3.99 -12.24
CA ASN B 111 -4.45 4.34 -11.73
C ASN B 111 -3.44 3.26 -12.05
N LYS B 112 -3.80 1.99 -11.85
CA LYS B 112 -2.91 0.89 -12.13
C LYS B 112 -2.63 0.76 -13.63
N ALA B 113 -3.64 1.02 -14.47
CA ALA B 113 -3.45 0.90 -15.91
C ALA B 113 -2.63 2.06 -16.47
N LEU B 114 -2.93 3.28 -16.04
CA LEU B 114 -2.20 4.44 -16.57
C LEU B 114 -0.76 4.48 -16.05
N ALA B 115 -0.52 3.93 -14.85
CA ALA B 115 0.85 3.87 -14.34
C ALA B 115 1.75 3.04 -15.25
N GLN B 116 1.19 2.03 -15.91
CA GLN B 116 1.98 1.24 -16.87
C GLN B 116 2.42 2.06 -18.06
N SER B 117 1.71 3.15 -18.37
CA SER B 117 2.08 4.05 -19.46
C SER B 117 2.77 5.31 -18.94
N ALA B 118 3.28 5.28 -17.72
CA ALA B 118 4.01 6.40 -17.12
C ALA B 118 3.14 7.65 -17.02
N ILE B 119 1.83 7.46 -16.91
CA ILE B 119 0.88 8.56 -16.76
C ILE B 119 0.37 8.56 -15.32
N ASN B 120 0.40 9.73 -14.69
CA ASN B 120 -0.11 9.87 -13.34
C ASN B 120 -1.62 10.08 -13.38
N PHE B 121 -2.32 9.49 -12.42
CA PHE B 121 -3.77 9.59 -12.34
C PHE B 121 -4.17 9.88 -10.91
N ILE B 122 -4.90 10.97 -10.71
CA ILE B 122 -5.39 11.37 -9.39
C ILE B 122 -6.90 11.25 -9.39
N GLY B 123 -7.42 10.38 -8.53
CA GLY B 123 -8.85 10.32 -8.29
C GLY B 123 -9.24 11.24 -7.16
N MET B 124 -9.95 12.32 -7.47
CA MET B 124 -10.20 13.39 -6.52
C MET B 124 -11.69 13.49 -6.25
N GLY B 125 -12.09 13.27 -5.00
CA GLY B 125 -13.45 13.56 -4.60
C GLY B 125 -13.66 15.05 -4.45
N VAL B 126 -14.80 15.53 -4.94
CA VAL B 126 -15.16 16.94 -4.91
C VAL B 126 -16.54 17.06 -4.26
N SER B 127 -16.63 17.89 -3.21
CA SER B 127 -17.88 18.09 -2.51
C SER B 127 -18.16 19.57 -2.35
N GLY B 128 -19.42 19.95 -2.49
CA GLY B 128 -19.82 21.33 -2.28
C GLY B 128 -20.93 21.81 -3.17
N GLY B 129 -21.36 20.97 -4.11
CA GLY B 129 -22.37 21.40 -5.06
C GLY B 129 -21.79 22.35 -6.10
N GLU B 130 -22.69 23.00 -6.83
CA GLU B 130 -22.25 23.90 -7.89
C GLU B 130 -21.68 25.20 -7.32
N ILE B 131 -22.23 25.67 -6.20
CA ILE B 131 -21.70 26.90 -5.59
C ILE B 131 -20.36 26.61 -4.91
N GLY B 132 -20.21 25.42 -4.32
CA GLY B 132 -18.93 25.06 -3.73
C GLY B 132 -17.83 24.95 -4.77
N ALA B 133 -18.14 24.40 -5.94
CA ALA B 133 -17.14 24.29 -6.99
C ALA B 133 -16.66 25.65 -7.46
N LEU B 134 -17.53 26.66 -7.42
CA LEU B 134 -17.16 27.98 -7.92
C LEU B 134 -16.32 28.76 -6.92
N THR B 135 -16.64 28.67 -5.63
CA THR B 135 -16.01 29.51 -4.61
C THR B 135 -15.00 28.77 -3.76
N GLY B 136 -15.18 27.47 -3.53
CA GLY B 136 -14.27 26.72 -2.70
C GLY B 136 -14.85 25.40 -2.22
N PRO B 137 -14.47 24.31 -2.89
CA PRO B 137 -14.97 22.99 -2.49
C PRO B 137 -14.02 22.26 -1.55
N SER B 138 -14.52 21.20 -0.91
CA SER B 138 -13.66 20.26 -0.22
C SER B 138 -13.11 19.28 -1.23
N LEU B 139 -11.80 19.09 -1.24
CA LEU B 139 -11.12 18.28 -2.24
C LEU B 139 -10.40 17.12 -1.56
N MET B 140 -10.57 15.92 -2.12
CA MET B 140 -9.99 14.69 -1.58
C MET B 140 -9.20 14.00 -2.68
N PRO B 141 -8.00 14.47 -2.97
CA PRO B 141 -7.20 13.86 -4.05
C PRO B 141 -6.44 12.63 -3.56
N GLY B 142 -6.53 11.56 -4.34
CA GLY B 142 -5.76 10.36 -4.06
C GLY B 142 -5.07 9.85 -5.31
N GLY B 143 -3.89 9.27 -5.16
CA GLY B 143 -3.12 8.80 -6.29
C GLY B 143 -1.64 8.87 -5.98
N GLN B 144 -0.84 9.07 -7.03
CA GLN B 144 0.60 9.19 -6.87
C GLN B 144 0.93 10.41 -6.02
N GLU B 145 1.65 10.19 -4.92
CA GLU B 145 2.02 11.29 -4.04
C GLU B 145 2.89 12.31 -4.76
N GLU B 146 3.76 11.85 -5.66
CA GLU B 146 4.58 12.77 -6.43
C GLU B 146 3.72 13.67 -7.32
N ALA B 147 2.69 13.10 -7.94
CA ALA B 147 1.84 13.90 -8.82
C ALA B 147 1.01 14.91 -8.04
N TYR B 148 0.59 14.55 -6.82
CA TYR B 148 -0.19 15.48 -6.00
C TYR B 148 0.63 16.72 -5.67
N ASN B 149 1.92 16.54 -5.37
CA ASN B 149 2.78 17.68 -5.03
C ASN B 149 2.96 18.65 -6.20
N LYS B 150 2.82 18.17 -7.43
CA LYS B 150 2.93 19.06 -8.59
C LYS B 150 1.70 19.94 -8.78
N VAL B 151 0.54 19.51 -8.27
CA VAL B 151 -0.71 20.27 -8.37
C VAL B 151 -1.21 20.71 -7.00
N ALA B 152 -0.40 20.54 -5.96
CA ALA B 152 -0.87 20.86 -4.60
C ALA B 152 -1.16 22.34 -4.46
N ASP B 153 -0.31 23.19 -5.04
CA ASP B 153 -0.53 24.63 -4.91
C ASP B 153 -1.82 25.07 -5.59
N ILE B 154 -2.17 24.44 -6.72
CA ILE B 154 -3.41 24.79 -7.41
C ILE B 154 -4.62 24.36 -6.57
N LEU B 155 -4.62 23.11 -6.10
CA LEU B 155 -5.73 22.62 -5.29
C LEU B 155 -5.89 23.43 -4.01
N ASP B 156 -4.76 23.86 -3.43
CA ASP B 156 -4.81 24.66 -2.22
C ASP B 156 -5.47 26.01 -2.46
N ALA B 157 -5.24 26.60 -3.64
CA ALA B 157 -5.77 27.93 -3.91
C ALA B 157 -7.28 27.90 -4.16
N ILE B 158 -7.81 26.84 -4.76
CA ILE B 158 -9.22 26.79 -5.08
C ILE B 158 -10.07 26.15 -3.99
N ALA B 159 -9.47 25.48 -3.01
CA ALA B 159 -10.24 24.78 -2.00
C ALA B 159 -10.82 25.76 -0.99
N ALA B 160 -11.89 25.32 -0.32
CA ALA B 160 -12.49 26.13 0.72
C ALA B 160 -11.50 26.37 1.86
N LYS B 161 -11.63 27.52 2.50
CA LYS B 161 -10.77 27.91 3.61
C LYS B 161 -11.55 27.84 4.91
N ALA B 162 -11.02 27.10 5.88
CA ALA B 162 -11.61 27.05 7.20
C ALA B 162 -11.36 28.37 7.94
N LYS B 163 -11.93 28.47 9.15
CA LYS B 163 -11.79 29.68 9.94
C LYS B 163 -10.36 29.90 10.43
N ASP B 164 -9.54 28.85 10.47
CA ASP B 164 -8.15 28.96 10.89
C ASP B 164 -7.19 29.10 9.71
N GLY B 165 -7.70 29.41 8.52
CA GLY B 165 -6.88 29.62 7.35
C GLY B 165 -6.51 28.37 6.58
N ALA B 166 -6.66 27.19 7.19
CA ALA B 166 -6.32 25.95 6.49
C ALA B 166 -7.30 25.68 5.36
N SER B 167 -6.76 25.35 4.19
CA SER B 167 -7.60 25.01 3.05
C SER B 167 -8.07 23.57 3.14
N CYS B 168 -9.26 23.31 2.60
CA CYS B 168 -9.92 22.02 2.78
C CYS B 168 -9.51 21.06 1.67
N VAL B 169 -8.21 20.76 1.66
CA VAL B 169 -7.64 19.78 0.75
C VAL B 169 -6.37 19.24 1.41
N THR B 170 -6.11 17.95 1.19
CA THR B 170 -4.89 17.30 1.64
C THR B 170 -4.71 16.04 0.81
N TYR B 171 -3.48 15.53 0.79
CA TYR B 171 -3.23 14.25 0.13
C TYR B 171 -3.86 13.14 0.95
N ILE B 172 -4.82 12.43 0.34
CA ILE B 172 -5.55 11.40 1.08
C ILE B 172 -4.72 10.12 1.16
N GLY B 173 -4.27 9.63 0.01
CA GLY B 173 -3.49 8.41 -0.04
C GLY B 173 -3.33 7.90 -1.46
N PRO B 174 -2.74 6.71 -1.59
CA PRO B 174 -2.48 6.16 -2.93
C PRO B 174 -3.77 5.77 -3.64
N ASN B 175 -3.64 5.63 -4.97
CA ASN B 175 -4.70 5.25 -5.92
C ASN B 175 -6.09 5.74 -5.54
N GLY B 176 -7.00 4.83 -5.18
CA GLY B 176 -8.39 5.15 -4.98
C GLY B 176 -8.77 5.71 -3.62
N ALA B 177 -7.79 6.09 -2.78
CA ALA B 177 -8.12 6.54 -1.44
C ALA B 177 -8.99 7.79 -1.45
N GLY B 178 -8.72 8.69 -2.39
CA GLY B 178 -9.48 9.95 -2.43
C GLY B 178 -10.95 9.73 -2.75
N HIS B 179 -11.23 8.92 -3.78
CA HIS B 179 -12.62 8.63 -4.11
C HIS B 179 -13.27 7.74 -3.07
N TYR B 180 -12.48 6.98 -2.31
CA TYR B 180 -13.06 6.17 -1.24
C TYR B 180 -13.64 7.05 -0.13
N VAL B 181 -12.86 8.02 0.36
CA VAL B 181 -13.35 8.83 1.47
C VAL B 181 -14.50 9.71 1.02
N LYS B 182 -14.51 10.10 -0.26
CA LYS B 182 -15.67 10.80 -0.81
C LYS B 182 -16.91 9.93 -0.78
N MET B 183 -16.75 8.63 -1.04
CA MET B 183 -17.88 7.72 -0.93
C MET B 183 -18.40 7.64 0.50
N VAL B 184 -17.49 7.52 1.48
CA VAL B 184 -17.91 7.50 2.88
C VAL B 184 -18.55 8.82 3.27
N HIS B 185 -18.05 9.93 2.72
CA HIS B 185 -18.67 11.23 2.94
C HIS B 185 -20.14 11.20 2.54
N ASN B 186 -20.44 10.61 1.38
CA ASN B 186 -21.83 10.54 0.93
C ASN B 186 -22.66 9.64 1.81
N GLY B 187 -22.10 8.51 2.25
CA GLY B 187 -22.81 7.66 3.19
C GLY B 187 -23.12 8.37 4.50
N ILE B 188 -22.12 9.06 5.05
CA ILE B 188 -22.33 9.87 6.25
C ILE B 188 -23.42 10.90 6.00
N GLU B 189 -23.43 11.47 4.79
CA GLU B 189 -24.46 12.46 4.44
C GLU B 189 -25.85 11.85 4.43
N TYR B 190 -25.97 10.60 3.96
CA TYR B 190 -27.25 9.91 3.99
C TYR B 190 -27.79 9.81 5.42
N ALA B 191 -26.92 9.44 6.36
CA ALA B 191 -27.36 9.29 7.74
C ALA B 191 -27.78 10.63 8.35
N ASP B 192 -27.01 11.68 8.11
CA ASP B 192 -27.34 13.00 8.66
C ASP B 192 -28.71 13.46 8.18
N MET B 193 -29.00 13.29 6.89
CA MET B 193 -30.30 13.71 6.37
C MET B 193 -31.42 12.83 6.92
N GLN B 194 -31.15 11.53 7.10
CA GLN B 194 -32.16 10.65 7.66
C GLN B 194 -32.41 10.96 9.14
N LEU B 195 -31.36 11.29 9.89
CA LEU B 195 -31.55 11.63 11.29
C LEU B 195 -32.31 12.94 11.43
N ILE B 196 -32.02 13.91 10.56
CA ILE B 196 -32.80 15.15 10.53
C ILE B 196 -34.24 14.86 10.15
N ALA B 197 -34.46 13.97 9.17
CA ALA B 197 -35.82 13.63 8.76
C ALA B 197 -36.61 13.01 9.90
N GLU B 198 -35.95 12.16 10.70
CA GLU B 198 -36.65 11.54 11.83
C GLU B 198 -36.96 12.57 12.91
N SER B 199 -36.05 13.52 13.13
CA SER B 199 -36.34 14.61 14.05
C SER B 199 -37.56 15.40 13.59
N TYR B 200 -37.65 15.66 12.28
CA TYR B 200 -38.80 16.38 11.75
C TYR B 200 -40.07 15.54 11.86
N ALA B 201 -39.95 14.22 11.68
CA ALA B 201 -41.12 13.36 11.82
C ALA B 201 -41.66 13.39 13.25
N MET B 202 -40.76 13.34 14.24
CA MET B 202 -41.20 13.42 15.63
C MET B 202 -41.86 14.77 15.93
N MET B 203 -41.30 15.85 15.39
CA MET B 203 -41.86 17.18 15.62
C MET B 203 -43.27 17.30 15.03
N LYS B 204 -43.51 16.66 13.89
CA LYS B 204 -44.78 16.82 13.19
C LYS B 204 -45.82 15.80 13.62
N GLU B 205 -45.47 14.51 13.60
CA GLU B 205 -46.44 13.47 13.91
C GLU B 205 -46.74 13.39 15.40
N LEU B 206 -45.76 13.66 16.25
CA LEU B 206 -45.91 13.47 17.69
C LEU B 206 -46.20 14.75 18.44
N LEU B 207 -45.51 15.85 18.12
CA LEU B 207 -45.71 17.12 18.81
C LEU B 207 -46.67 18.05 18.08
N GLY B 208 -47.07 17.72 16.86
CA GLY B 208 -48.02 18.54 16.12
C GLY B 208 -47.55 19.94 15.84
N MET B 209 -46.26 20.11 15.54
CA MET B 209 -45.71 21.44 15.32
C MET B 209 -45.93 21.89 13.88
N SER B 210 -46.10 23.19 13.72
CA SER B 210 -46.28 23.79 12.41
C SER B 210 -44.93 24.04 11.74
N HIS B 211 -44.97 24.43 10.47
CA HIS B 211 -43.73 24.61 9.73
C HIS B 211 -42.93 25.80 10.23
N GLU B 212 -43.60 26.83 10.75
CA GLU B 212 -42.87 27.98 11.29
C GLU B 212 -42.09 27.62 12.54
N ASP B 213 -42.68 26.80 13.41
CA ASP B 213 -41.99 26.41 14.63
C ASP B 213 -40.94 25.34 14.39
N ILE B 214 -41.15 24.47 13.40
CA ILE B 214 -40.13 23.51 13.02
C ILE B 214 -38.89 24.26 12.51
N ALA B 215 -39.10 25.29 11.71
CA ALA B 215 -37.98 26.08 11.19
C ALA B 215 -37.21 26.75 12.32
N GLN B 216 -37.94 27.38 13.26
CA GLN B 216 -37.28 28.05 14.37
C GLN B 216 -36.53 27.06 15.25
N THR B 217 -37.08 25.86 15.45
CA THR B 217 -36.40 24.85 16.23
C THR B 217 -35.04 24.49 15.62
N PHE B 218 -35.02 24.21 14.31
CA PHE B 218 -33.76 23.88 13.65
C PHE B 218 -32.78 25.06 13.68
N LYS B 219 -33.30 26.29 13.58
CA LYS B 219 -32.43 27.46 13.73
C LYS B 219 -31.83 27.53 15.13
N ASP B 220 -32.63 27.24 16.15
CA ASP B 220 -32.12 27.23 17.52
C ASP B 220 -31.05 26.17 17.70
N TRP B 221 -31.28 24.97 17.16
CA TRP B 221 -30.28 23.91 17.26
C TRP B 221 -29.01 24.27 16.51
N ASN B 222 -29.15 25.01 15.40
CA ASN B 222 -27.99 25.39 14.61
C ASN B 222 -27.09 26.39 15.33
N ALA B 223 -27.58 27.01 16.41
CA ALA B 223 -26.76 27.92 17.19
C ALA B 223 -25.91 27.19 18.23
N GLY B 224 -26.11 25.89 18.41
CA GLY B 224 -25.36 25.15 19.41
C GLY B 224 -24.42 24.11 18.85
N GLU B 225 -24.18 23.04 19.61
CA GLU B 225 -23.23 22.02 19.18
C GLU B 225 -23.64 21.34 17.88
N LEU B 226 -24.91 21.43 17.49
CA LEU B 226 -25.40 20.77 16.30
C LEU B 226 -25.18 21.57 15.03
N GLU B 227 -24.50 22.71 15.11
CA GLU B 227 -24.35 23.59 13.95
C GLU B 227 -23.77 22.85 12.76
N SER B 228 -24.46 22.93 11.63
CA SER B 228 -24.06 22.24 10.43
C SER B 228 -24.78 22.86 9.25
N TYR B 229 -24.24 22.63 8.06
CA TYR B 229 -24.87 23.16 6.86
C TYR B 229 -26.23 22.50 6.62
N LEU B 230 -26.34 21.20 6.91
CA LEU B 230 -27.60 20.50 6.69
C LEU B 230 -28.69 21.01 7.64
N ILE B 231 -28.35 21.23 8.91
CA ILE B 231 -29.32 21.79 9.86
C ILE B 231 -29.69 23.21 9.45
N GLU B 232 -28.71 23.98 8.98
CA GLU B 232 -28.97 25.37 8.59
C GLU B 232 -29.96 25.45 7.44
N ILE B 233 -29.73 24.68 6.37
CA ILE B 233 -30.60 24.76 5.20
C ILE B 233 -31.96 24.16 5.50
N THR B 234 -32.04 23.23 6.46
CA THR B 234 -33.33 22.71 6.87
C THR B 234 -34.18 23.80 7.52
N GLY B 235 -33.54 24.72 8.25
CA GLY B 235 -34.26 25.85 8.79
C GLY B 235 -34.83 26.76 7.70
N ASP B 236 -34.08 26.91 6.60
CA ASP B 236 -34.56 27.72 5.49
C ASP B 236 -35.64 26.99 4.69
N ILE B 237 -35.51 25.67 4.55
CA ILE B 237 -36.47 24.91 3.75
C ILE B 237 -37.87 25.02 4.35
N PHE B 238 -37.97 25.01 5.69
CA PHE B 238 -39.26 25.09 6.34
C PHE B 238 -39.83 26.50 6.39
N MET B 239 -39.14 27.48 5.82
CA MET B 239 -39.67 28.82 5.68
C MET B 239 -40.14 29.14 4.26
N LYS B 240 -39.82 28.29 3.29
CA LYS B 240 -40.18 28.56 1.91
C LYS B 240 -41.63 28.19 1.66
N LEU B 241 -42.41 29.15 1.16
CA LEU B 241 -43.81 28.95 0.84
C LEU B 241 -44.01 28.98 -0.67
N ASP B 242 -45.10 28.36 -1.11
CA ASP B 242 -45.39 28.24 -2.53
C ASP B 242 -46.12 29.47 -3.07
N GLU B 243 -46.99 29.26 -4.06
CA GLU B 243 -47.75 30.38 -4.62
C GLU B 243 -48.91 30.77 -3.72
N ASN B 244 -49.54 29.81 -3.05
CA ASN B 244 -50.68 30.06 -2.17
C ASN B 244 -50.26 30.30 -0.73
N LYS B 245 -48.98 30.62 -0.49
CA LYS B 245 -48.46 30.95 0.85
C LYS B 245 -48.66 29.79 1.82
N GLU B 246 -48.23 28.60 1.41
CA GLU B 246 -48.20 27.42 2.26
C GLU B 246 -46.86 26.73 2.13
N ALA B 247 -46.50 25.95 3.15
CA ALA B 247 -45.18 25.33 3.22
C ALA B 247 -44.95 24.41 2.03
N LEU B 248 -43.95 24.72 1.22
CA LEU B 248 -43.69 23.96 0.00
C LEU B 248 -43.19 22.56 0.31
N VAL B 249 -42.40 22.39 1.38
CA VAL B 249 -41.82 21.09 1.70
C VAL B 249 -42.92 20.06 1.96
N GLU B 250 -44.08 20.49 2.46
CA GLU B 250 -45.16 19.57 2.74
C GLU B 250 -45.89 19.10 1.47
N LYS B 251 -45.59 19.70 0.32
CA LYS B 251 -46.20 19.32 -0.95
C LYS B 251 -45.28 18.44 -1.78
N ILE B 252 -44.05 18.20 -1.34
CA ILE B 252 -43.08 17.45 -2.13
C ILE B 252 -43.35 15.96 -1.98
N LEU B 253 -43.29 15.25 -3.11
CA LEU B 253 -43.46 13.79 -3.09
C LEU B 253 -42.32 13.15 -2.30
N ASP B 254 -42.69 12.27 -1.36
CA ASP B 254 -41.74 11.69 -0.42
C ASP B 254 -41.14 10.38 -0.98
N THR B 255 -40.44 10.52 -2.10
CA THR B 255 -39.75 9.40 -2.74
C THR B 255 -38.30 9.80 -2.97
N ALA B 256 -37.39 9.23 -2.18
CA ALA B 256 -36.00 9.63 -2.21
C ALA B 256 -35.18 8.92 -3.28
N GLY B 257 -35.65 7.80 -3.78
CA GLY B 257 -34.96 7.09 -4.86
C GLY B 257 -34.35 5.78 -4.38
N GLN B 258 -34.11 4.90 -5.35
CA GLN B 258 -33.48 3.62 -5.09
C GLN B 258 -32.14 3.45 -5.79
N LYS B 259 -31.67 4.48 -6.51
CA LYS B 259 -30.45 4.39 -7.31
C LYS B 259 -29.42 5.43 -6.90
N GLY B 260 -29.37 5.77 -5.61
CA GLY B 260 -28.31 6.62 -5.11
C GLY B 260 -27.02 5.87 -4.90
N THR B 261 -25.94 6.62 -4.71
CA THR B 261 -24.62 6.03 -4.52
C THR B 261 -24.31 5.76 -3.05
N GLY B 262 -25.20 6.12 -2.12
CA GLY B 262 -24.95 5.85 -0.72
C GLY B 262 -24.89 4.37 -0.39
N LYS B 263 -25.57 3.54 -1.19
CA LYS B 263 -25.55 2.09 -0.97
C LYS B 263 -24.14 1.52 -1.05
N TRP B 264 -23.25 2.18 -1.80
CA TRP B 264 -21.90 1.63 -1.98
C TRP B 264 -21.08 1.73 -0.70
N THR B 265 -21.36 2.71 0.14
CA THR B 265 -20.73 2.75 1.46
C THR B 265 -21.13 1.52 2.28
N SER B 266 -22.43 1.21 2.30
CA SER B 266 -22.91 0.06 3.06
C SER B 266 -22.37 -1.23 2.48
N ILE B 267 -22.33 -1.35 1.16
CA ILE B 267 -21.83 -2.58 0.54
C ILE B 267 -20.36 -2.79 0.92
N ASN B 268 -19.56 -1.72 0.90
CA ASN B 268 -18.17 -1.85 1.27
C ASN B 268 -18.01 -2.23 2.74
N ALA B 269 -18.83 -1.64 3.62
CA ALA B 269 -18.78 -1.99 5.03
C ALA B 269 -19.11 -3.46 5.25
N LEU B 270 -20.10 -3.98 4.52
CA LEU B 270 -20.43 -5.39 4.65
C LEU B 270 -19.27 -6.27 4.21
N GLU B 271 -18.57 -5.86 3.14
CA GLU B 271 -17.42 -6.61 2.66
C GLU B 271 -16.29 -6.62 3.68
N LEU B 272 -16.11 -5.51 4.40
CA LEU B 272 -15.02 -5.39 5.37
C LEU B 272 -15.39 -5.92 6.75
N GLY B 273 -16.63 -6.32 6.97
CA GLY B 273 -17.03 -6.76 8.29
C GLY B 273 -17.19 -5.65 9.30
N ILE B 274 -17.59 -4.47 8.86
CA ILE B 274 -17.73 -3.30 9.73
C ILE B 274 -19.21 -3.08 10.02
N PRO B 275 -19.62 -2.93 11.28
CA PRO B 275 -21.05 -2.71 11.57
C PRO B 275 -21.49 -1.28 11.29
N LEU B 276 -21.93 -1.02 10.05
CA LEU B 276 -22.35 0.31 9.65
C LEU B 276 -23.88 0.41 9.66
N THR B 277 -24.44 0.26 10.86
CA THR B 277 -25.89 0.06 10.98
C THR B 277 -26.67 1.32 10.65
N ILE B 278 -26.16 2.49 11.03
CA ILE B 278 -26.97 3.70 10.95
C ILE B 278 -27.03 4.22 9.52
N ILE B 279 -25.89 4.25 8.82
CA ILE B 279 -25.91 4.63 7.42
C ILE B 279 -26.72 3.65 6.59
N THR B 280 -26.57 2.35 6.88
CA THR B 280 -27.28 1.33 6.10
C THR B 280 -28.79 1.43 6.31
N GLU B 281 -29.23 1.71 7.54
CA GLU B 281 -30.65 1.98 7.77
C GLU B 281 -31.12 3.21 7.01
N SER B 282 -30.25 4.21 6.86
CA SER B 282 -30.62 5.40 6.09
C SER B 282 -30.74 5.08 4.60
N VAL B 283 -29.85 4.23 4.08
CA VAL B 283 -29.97 3.78 2.71
C VAL B 283 -31.27 3.01 2.51
N PHE B 284 -31.55 2.08 3.41
CA PHE B 284 -32.77 1.28 3.31
C PHE B 284 -34.01 2.16 3.46
N ALA B 285 -33.93 3.22 4.27
CA ALA B 285 -35.07 4.11 4.42
C ALA B 285 -35.39 4.83 3.12
N ARG B 286 -34.37 5.13 2.30
CA ARG B 286 -34.64 5.70 0.99
C ARG B 286 -35.31 4.69 0.07
N PHE B 287 -34.92 3.41 0.16
CA PHE B 287 -35.58 2.38 -0.63
C PHE B 287 -37.06 2.27 -0.26
N ILE B 288 -37.36 2.31 1.04
CA ILE B 288 -38.74 2.21 1.50
C ILE B 288 -39.57 3.38 0.99
N SER B 289 -38.98 4.57 0.93
CA SER B 289 -39.74 5.74 0.53
C SER B 289 -40.11 5.71 -0.96
N SER B 290 -39.43 4.90 -1.76
CA SER B 290 -39.66 4.90 -3.20
C SER B 290 -40.85 4.04 -3.62
N ILE B 291 -41.29 3.10 -2.78
CA ILE B 291 -42.46 2.30 -3.13
C ILE B 291 -43.71 3.00 -2.61
N LYS B 292 -43.89 4.25 -3.05
CA LYS B 292 -44.99 5.08 -2.54
C LYS B 292 -46.35 4.44 -2.80
N GLU B 293 -46.54 3.86 -3.99
CA GLU B 293 -47.81 3.24 -4.31
C GLU B 293 -48.11 2.07 -3.39
N GLU B 294 -47.10 1.26 -3.06
CA GLU B 294 -47.30 0.17 -2.13
C GLU B 294 -47.62 0.68 -0.73
N ARG B 295 -46.93 1.75 -0.30
CA ARG B 295 -47.15 2.27 1.04
C ARG B 295 -48.55 2.85 1.21
N VAL B 296 -49.06 3.54 0.19
CA VAL B 296 -50.41 4.09 0.26
C VAL B 296 -51.42 2.96 0.36
N ASN B 297 -51.23 1.90 -0.43
CA ASN B 297 -52.13 0.74 -0.35
C ASN B 297 -52.01 0.06 1.02
N ALA B 298 -50.79 -0.08 1.53
CA ALA B 298 -50.60 -0.74 2.81
C ALA B 298 -51.18 0.08 3.96
N SER B 299 -51.24 1.41 3.81
CA SER B 299 -51.78 2.25 4.87
C SER B 299 -53.27 1.99 5.08
N LYS B 300 -54.00 1.60 4.04
CA LYS B 300 -55.41 1.27 4.16
C LYS B 300 -55.66 -0.11 4.75
N GLU B 301 -54.62 -0.92 4.95
CA GLU B 301 -54.79 -2.30 5.41
C GLU B 301 -54.14 -2.57 6.76
N LEU B 302 -53.01 -1.95 7.06
CA LEU B 302 -52.27 -2.18 8.30
C LEU B 302 -52.42 -0.97 9.21
N ASN B 303 -53.20 -1.13 10.28
CA ASN B 303 -53.46 -0.03 11.20
C ASN B 303 -52.29 0.13 12.17
N GLY B 304 -52.38 1.14 13.01
CA GLY B 304 -51.38 1.43 14.01
C GLY B 304 -51.91 2.35 15.08
N PRO B 305 -51.10 2.63 16.10
CA PRO B 305 -51.57 3.50 17.17
C PRO B 305 -51.70 4.94 16.71
N LYS B 306 -52.60 5.67 17.37
CA LYS B 306 -52.75 7.10 17.11
C LYS B 306 -51.70 7.87 17.90
N ALA B 307 -50.84 8.57 17.19
CA ALA B 307 -49.74 9.30 17.84
C ALA B 307 -50.30 10.44 18.68
N SER B 308 -49.94 10.45 19.96
CA SER B 308 -50.35 11.53 20.86
C SER B 308 -49.25 11.74 21.90
N PHE B 309 -49.12 12.99 22.34
CA PHE B 309 -48.15 13.35 23.38
C PHE B 309 -48.82 14.25 24.39
N ASP B 310 -48.75 13.87 25.67
CA ASP B 310 -49.39 14.62 26.75
C ASP B 310 -48.40 15.05 27.82
N GLY B 311 -47.14 15.29 27.41
CA GLY B 311 -46.13 15.81 28.30
C GLY B 311 -45.70 17.22 27.91
N ASP B 312 -44.60 17.66 28.53
CA ASP B 312 -44.04 18.96 28.19
C ASP B 312 -43.36 18.89 26.84
N LYS B 313 -43.82 19.72 25.90
CA LYS B 313 -43.35 19.61 24.52
C LYS B 313 -41.92 20.11 24.38
N LYS B 314 -41.61 21.28 24.94
CA LYS B 314 -40.27 21.82 24.76
C LYS B 314 -39.21 21.03 25.54
N ASP B 315 -39.61 20.29 26.57
CA ASP B 315 -38.67 19.37 27.20
C ASP B 315 -38.43 18.14 26.33
N PHE B 316 -39.49 17.60 25.72
CA PHE B 316 -39.30 16.52 24.75
C PHE B 316 -38.55 17.02 23.52
N LEU B 317 -38.77 18.28 23.13
CA LEU B 317 -38.02 18.84 22.02
C LEU B 317 -36.53 18.86 22.31
N GLU B 318 -36.14 19.06 23.57
CA GLU B 318 -34.73 19.02 23.93
C GLU B 318 -34.20 17.59 23.90
N LYS B 319 -35.03 16.61 24.25
CA LYS B 319 -34.59 15.22 24.15
C LYS B 319 -34.34 14.83 22.71
N ILE B 320 -35.17 15.33 21.78
CA ILE B 320 -34.93 15.05 20.36
C ILE B 320 -33.61 15.64 19.91
N ARG B 321 -33.30 16.86 20.37
CA ARG B 321 -32.01 17.47 20.06
C ARG B 321 -30.87 16.58 20.53
N LYS B 322 -30.93 16.12 21.78
CA LYS B 322 -29.88 15.27 22.32
C LYS B 322 -29.83 13.93 21.59
N ALA B 323 -30.99 13.38 21.24
CA ALA B 323 -31.01 12.14 20.46
C ALA B 323 -30.37 12.35 19.10
N LEU B 324 -30.66 13.49 18.45
CA LEU B 324 -30.07 13.78 17.16
C LEU B 324 -28.55 13.88 17.25
N TYR B 325 -28.05 14.57 18.29
CA TYR B 325 -26.60 14.73 18.43
C TYR B 325 -25.91 13.40 18.70
N MET B 326 -26.44 12.62 19.65
CA MET B 326 -25.82 11.34 19.97
C MET B 326 -25.84 10.39 18.78
N SER B 327 -26.93 10.42 18.00
CA SER B 327 -27.04 9.51 16.86
C SER B 327 -26.00 9.84 15.79
N LYS B 328 -25.76 11.13 15.55
CA LYS B 328 -24.71 11.50 14.60
C LYS B 328 -23.34 11.07 15.10
N ILE B 329 -23.10 11.19 16.41
CA ILE B 329 -21.86 10.69 17.01
C ILE B 329 -21.68 9.21 16.71
N CYS B 330 -22.73 8.41 16.97
CA CYS B 330 -22.67 6.99 16.68
C CYS B 330 -22.46 6.74 15.19
N SER B 331 -23.14 7.53 14.35
CA SER B 331 -23.01 7.35 12.91
C SER B 331 -21.60 7.64 12.43
N TYR B 332 -21.01 8.75 12.91
CA TYR B 332 -19.65 9.09 12.53
C TYR B 332 -18.64 8.08 13.09
N ALA B 333 -18.86 7.61 14.31
CA ALA B 333 -18.00 6.57 14.87
C ALA B 333 -17.96 5.35 13.96
N GLN B 334 -19.12 4.96 13.42
CA GLN B 334 -19.16 3.83 12.50
C GLN B 334 -18.45 4.15 11.19
N GLY B 335 -18.72 5.33 10.63
CA GLY B 335 -18.11 5.69 9.37
C GLY B 335 -16.60 5.81 9.46
N PHE B 336 -16.09 6.38 10.55
CA PHE B 336 -14.65 6.51 10.70
C PHE B 336 -13.99 5.17 11.05
N ALA B 337 -14.71 4.28 11.73
CA ALA B 337 -14.20 2.93 11.94
C ALA B 337 -14.11 2.18 10.62
N GLN B 338 -15.06 2.42 9.71
CA GLN B 338 -14.99 1.80 8.39
C GLN B 338 -13.76 2.29 7.63
N MET B 339 -13.47 3.59 7.70
CA MET B 339 -12.32 4.12 6.98
C MET B 339 -11.01 3.62 7.56
N ARG B 340 -10.94 3.45 8.88
CA ARG B 340 -9.76 2.85 9.49
C ARG B 340 -9.53 1.44 8.95
N LYS B 341 -10.59 0.64 8.85
CA LYS B 341 -10.45 -0.71 8.33
C LYS B 341 -10.12 -0.71 6.84
N ALA B 342 -10.75 0.19 6.09
CA ALA B 342 -10.45 0.27 4.66
C ALA B 342 -9.02 0.70 4.42
N SER B 343 -8.52 1.64 5.24
CA SER B 343 -7.14 2.07 5.11
C SER B 343 -6.17 0.91 5.35
N GLU B 344 -6.44 0.10 6.36
CA GLU B 344 -5.57 -1.02 6.66
C GLU B 344 -5.56 -2.04 5.52
N ASP B 345 -6.74 -2.39 5.00
CA ASP B 345 -6.84 -3.37 3.94
C ASP B 345 -6.14 -2.91 2.67
N ASN B 346 -6.29 -1.64 2.32
CA ASN B 346 -5.68 -1.09 1.11
C ASN B 346 -4.32 -0.47 1.36
N GLU B 347 -3.84 -0.47 2.61
CA GLU B 347 -2.55 0.11 2.97
C GLU B 347 -2.45 1.57 2.52
N TRP B 348 -3.49 2.33 2.84
CA TRP B 348 -3.55 3.74 2.46
C TRP B 348 -2.91 4.67 3.47
N ASN B 349 -2.77 4.25 4.73
CA ASN B 349 -2.20 5.08 5.79
C ASN B 349 -3.01 6.37 5.96
N LEU B 350 -4.33 6.22 6.02
CA LEU B 350 -5.20 7.38 6.15
C LEU B 350 -5.01 8.06 7.49
N LYS B 351 -4.99 9.40 7.46
CA LYS B 351 -4.95 10.22 8.66
C LYS B 351 -6.36 10.76 8.87
N LEU B 352 -7.12 10.11 9.75
CA LEU B 352 -8.54 10.41 9.88
C LEU B 352 -8.77 11.78 10.52
N GLY B 353 -7.86 12.22 11.38
CA GLY B 353 -7.95 13.58 11.89
C GLY B 353 -7.86 14.61 10.76
N ASP B 354 -6.85 14.46 9.90
CA ASP B 354 -6.72 15.36 8.76
C ASP B 354 -7.93 15.32 7.86
N LEU B 355 -8.58 14.16 7.74
CA LEU B 355 -9.78 14.07 6.92
C LEU B 355 -10.93 14.85 7.53
N ALA B 356 -11.11 14.77 8.85
CA ALA B 356 -12.14 15.57 9.49
C ALA B 356 -11.90 17.05 9.30
N MET B 357 -10.64 17.47 9.22
CA MET B 357 -10.33 18.90 9.11
C MET B 357 -10.72 19.46 7.75
N ILE B 358 -10.54 18.68 6.68
CA ILE B 358 -10.90 19.19 5.36
C ILE B 358 -12.39 19.11 5.09
N TRP B 359 -13.15 18.47 5.98
CA TRP B 359 -14.61 18.46 5.89
C TRP B 359 -15.26 19.57 6.70
N ARG B 360 -14.46 20.43 7.33
CA ARG B 360 -15.03 21.52 8.14
C ARG B 360 -15.70 22.57 7.27
N GLU B 361 -15.24 22.74 6.03
CA GLU B 361 -15.84 23.67 5.10
C GLU B 361 -15.91 23.02 3.73
N GLY B 362 -16.65 23.68 2.83
CA GLY B 362 -16.75 23.18 1.46
C GLY B 362 -17.77 22.09 1.21
N CYS B 363 -17.73 21.01 1.99
CA CYS B 363 -18.55 19.84 1.72
C CYS B 363 -19.94 19.97 2.33
N ILE B 364 -20.80 19.00 1.99
CA ILE B 364 -22.20 19.03 2.42
C ILE B 364 -22.33 18.70 3.90
N ILE B 365 -21.46 17.85 4.44
CA ILE B 365 -21.58 17.42 5.83
C ILE B 365 -20.80 18.34 6.76
N ARG B 366 -20.43 19.52 6.27
CA ARG B 366 -19.65 20.45 7.08
C ARG B 366 -20.39 20.79 8.37
N ALA B 367 -19.66 20.76 9.48
CA ALA B 367 -20.26 20.93 10.79
C ALA B 367 -19.16 21.25 11.80
N GLN B 368 -19.48 22.10 12.78
CA GLN B 368 -18.54 22.40 13.86
C GLN B 368 -18.10 21.12 14.56
N PHE B 369 -19.00 20.14 14.64
CA PHE B 369 -18.76 18.77 15.08
C PHE B 369 -17.42 18.20 14.63
N LEU B 370 -17.06 18.42 13.36
CA LEU B 370 -15.87 17.78 12.81
C LEU B 370 -14.59 18.22 13.51
N GLN B 371 -14.59 19.39 14.14
CA GLN B 371 -13.42 19.82 14.90
C GLN B 371 -13.13 18.87 16.05
N LYS B 372 -14.18 18.36 16.70
CA LYS B 372 -13.98 17.45 17.82
C LYS B 372 -13.47 16.09 17.35
N ILE B 373 -13.83 15.66 16.15
CA ILE B 373 -13.31 14.40 15.63
C ILE B 373 -11.81 14.52 15.36
N LYS B 374 -11.37 15.64 14.78
CA LYS B 374 -9.95 15.88 14.61
C LYS B 374 -9.21 15.83 15.94
N ASP B 375 -9.73 16.54 16.94
CA ASP B 375 -9.09 16.55 18.25
C ASP B 375 -9.06 15.16 18.87
N ALA B 376 -10.09 14.35 18.62
CA ALA B 376 -10.07 12.97 19.13
C ALA B 376 -8.90 12.19 18.55
N TYR B 377 -8.71 12.26 17.23
CA TYR B 377 -7.61 11.54 16.60
C TYR B 377 -6.27 12.22 16.83
N ASP B 378 -6.25 13.51 17.19
CA ASP B 378 -4.98 14.16 17.47
C ASP B 378 -4.49 13.90 18.88
N ASN B 379 -5.40 13.76 19.84
CA ASN B 379 -5.02 13.41 21.20
C ASN B 379 -4.89 11.91 21.38
N ASN B 380 -5.28 11.11 20.38
CA ASN B 380 -5.08 9.67 20.40
C ASN B 380 -5.17 9.12 18.98
N PRO B 381 -4.06 9.08 18.24
CA PRO B 381 -4.10 8.51 16.88
C PRO B 381 -4.48 7.04 16.85
N GLY B 382 -4.23 6.30 17.92
CA GLY B 382 -4.58 4.89 17.97
C GLY B 382 -6.01 4.64 18.40
N LEU B 383 -6.84 5.69 18.37
CA LEU B 383 -8.22 5.57 18.79
C LEU B 383 -8.97 4.54 17.93
N GLN B 384 -9.62 3.59 18.58
CA GLN B 384 -10.31 2.52 17.86
C GLN B 384 -11.76 2.85 17.56
N ASN B 385 -12.39 3.73 18.35
CA ASN B 385 -13.77 4.11 18.14
C ASN B 385 -13.99 5.48 18.76
N LEU B 386 -14.68 6.36 18.03
CA LEU B 386 -14.91 7.73 18.50
C LEU B 386 -15.67 7.75 19.83
N LEU B 387 -16.49 6.73 20.09
CA LEU B 387 -17.23 6.70 21.34
C LEU B 387 -16.33 6.62 22.56
N LEU B 388 -15.07 6.21 22.38
CA LEU B 388 -14.13 6.11 23.49
C LEU B 388 -13.41 7.43 23.78
N ASP B 389 -13.49 8.41 22.88
CA ASP B 389 -12.84 9.69 23.13
C ASP B 389 -13.53 10.42 24.27
N PRO B 390 -12.77 11.05 25.17
CA PRO B 390 -13.39 11.65 26.37
C PRO B 390 -14.51 12.63 26.08
N TYR B 391 -14.41 13.43 25.02
CA TYR B 391 -15.49 14.37 24.73
C TYR B 391 -16.75 13.63 24.30
N PHE B 392 -16.63 12.71 23.35
CA PHE B 392 -17.81 11.99 22.87
C PHE B 392 -18.34 11.03 23.94
N LYS B 393 -17.44 10.39 24.69
CA LYS B 393 -17.87 9.50 25.75
C LYS B 393 -18.74 10.22 26.78
N ASN B 394 -18.33 11.43 27.18
CA ASN B 394 -19.12 12.18 28.15
C ASN B 394 -20.44 12.64 27.58
N ILE B 395 -20.50 12.94 26.29
CA ILE B 395 -21.77 13.32 25.67
C ILE B 395 -22.74 12.15 25.64
N VAL B 396 -22.30 11.00 25.10
CA VAL B 396 -23.22 9.88 24.92
C VAL B 396 -23.64 9.30 26.27
N THR B 397 -22.76 9.35 27.27
CA THR B 397 -23.13 8.87 28.60
C THR B 397 -24.31 9.66 29.16
N GLU B 398 -24.35 10.96 28.89
CA GLU B 398 -25.46 11.79 29.36
C GLU B 398 -26.64 11.75 28.41
N TYR B 399 -26.39 11.82 27.10
CA TYR B 399 -27.46 11.96 26.11
C TYR B 399 -28.22 10.67 25.87
N GLN B 400 -27.70 9.53 26.32
CA GLN B 400 -28.37 8.25 26.06
C GLN B 400 -29.78 8.23 26.66
N ASP B 401 -29.98 8.89 27.80
CA ASP B 401 -31.30 8.91 28.42
C ASP B 401 -32.33 9.58 27.50
N ALA B 402 -31.94 10.68 26.87
CA ALA B 402 -32.83 11.34 25.92
C ALA B 402 -33.07 10.47 24.69
N LEU B 403 -32.01 9.83 24.17
CA LEU B 403 -32.16 8.98 23.00
C LEU B 403 -33.06 7.79 23.30
N ARG B 404 -32.92 7.20 24.50
CA ARG B 404 -33.76 6.07 24.88
C ARG B 404 -35.23 6.47 24.95
N ASP B 405 -35.52 7.65 25.50
CA ASP B 405 -36.91 8.08 25.62
C ASP B 405 -37.49 8.48 24.27
N VAL B 406 -36.69 9.08 23.40
CA VAL B 406 -37.17 9.42 22.06
C VAL B 406 -37.50 8.15 21.28
N VAL B 407 -36.62 7.15 21.33
CA VAL B 407 -36.87 5.91 20.61
C VAL B 407 -38.10 5.21 21.19
N ALA B 408 -38.18 5.12 22.52
CA ALA B 408 -39.30 4.43 23.14
C ALA B 408 -40.62 5.12 22.83
N THR B 409 -40.63 6.46 22.83
CA THR B 409 -41.86 7.19 22.55
C THR B 409 -42.24 7.05 21.07
N GLY B 410 -41.26 7.04 20.17
CA GLY B 410 -41.56 6.89 18.77
C GLY B 410 -42.16 5.53 18.45
N VAL B 411 -41.57 4.46 19.00
CA VAL B 411 -42.07 3.11 18.77
C VAL B 411 -43.48 2.96 19.33
N GLN B 412 -43.73 3.55 20.50
CA GLN B 412 -45.05 3.45 21.11
C GLN B 412 -46.13 4.20 20.33
N ASN B 413 -45.74 5.19 19.52
CA ASN B 413 -46.70 6.01 18.80
C ASN B 413 -46.72 5.74 17.30
N GLY B 414 -45.97 4.74 16.84
CA GLY B 414 -46.02 4.36 15.44
C GLY B 414 -45.21 5.22 14.50
N VAL B 415 -44.29 6.03 15.02
CA VAL B 415 -43.46 6.89 14.21
C VAL B 415 -42.15 6.14 13.92
N PRO B 416 -41.85 5.81 12.66
CA PRO B 416 -40.61 5.07 12.38
C PRO B 416 -39.39 5.93 12.69
N THR B 417 -38.45 5.36 13.44
CA THR B 417 -37.19 6.02 13.80
C THR B 417 -36.01 5.10 13.52
N PRO B 418 -35.80 4.70 12.27
CA PRO B 418 -34.74 3.70 12.01
C PRO B 418 -33.34 4.18 12.40
N GLY B 419 -33.02 5.45 12.16
CA GLY B 419 -31.70 5.95 12.53
C GLY B 419 -31.51 6.04 14.04
N PHE B 420 -32.51 6.57 14.75
CA PHE B 420 -32.42 6.66 16.20
C PHE B 420 -32.34 5.28 16.84
N SER B 421 -33.13 4.33 16.33
CA SER B 421 -33.17 2.99 16.91
C SER B 421 -31.84 2.27 16.71
N SER B 422 -31.30 2.31 15.49
CA SER B 422 -30.03 1.63 15.26
C SER B 422 -28.90 2.26 16.05
N SER B 423 -28.99 3.56 16.35
CA SER B 423 -27.95 4.22 17.13
C SER B 423 -27.91 3.69 18.55
N ILE B 424 -29.07 3.61 19.20
CA ILE B 424 -29.09 3.14 20.59
C ILE B 424 -28.80 1.65 20.65
N ASN B 425 -29.23 0.89 19.64
CA ASN B 425 -28.89 -0.53 19.58
C ASN B 425 -27.40 -0.73 19.35
N TYR B 426 -26.77 0.12 18.54
CA TYR B 426 -25.32 0.04 18.37
C TYR B 426 -24.60 0.40 19.66
N TYR B 427 -25.05 1.45 20.35
CA TYR B 427 -24.43 1.83 21.61
C TYR B 427 -24.54 0.71 22.64
N ASP B 428 -25.71 0.07 22.72
CA ASP B 428 -25.89 -1.00 23.70
C ASP B 428 -25.19 -2.29 23.30
N SER B 429 -24.96 -2.49 22.01
CA SER B 429 -24.21 -3.67 21.57
C SER B 429 -22.71 -3.47 21.72
N TYR B 430 -22.22 -2.29 21.34
CA TYR B 430 -20.78 -2.04 21.39
C TYR B 430 -20.25 -2.06 22.82
N ARG B 431 -21.05 -1.59 23.78
CA ARG B 431 -20.65 -1.54 25.18
C ARG B 431 -20.96 -2.82 25.95
N ALA B 432 -21.57 -3.81 25.30
CA ALA B 432 -21.95 -5.03 25.99
C ALA B 432 -20.77 -5.99 26.05
N ALA B 433 -20.33 -6.33 27.26
CA ALA B 433 -19.26 -7.31 27.42
C ALA B 433 -19.71 -8.68 26.95
N ASP B 434 -20.94 -9.07 27.30
CA ASP B 434 -21.50 -10.35 26.91
C ASP B 434 -22.71 -10.11 26.01
N LEU B 435 -22.65 -10.67 24.81
CA LEU B 435 -23.75 -10.62 23.86
C LEU B 435 -24.40 -11.99 23.73
N PRO B 436 -25.65 -12.06 23.24
CA PRO B 436 -26.29 -13.38 23.08
C PRO B 436 -25.75 -14.19 21.92
N ALA B 437 -24.59 -13.80 21.39
CA ALA B 437 -23.98 -14.54 20.30
C ALA B 437 -23.49 -15.92 20.74
N ASN B 438 -23.38 -16.16 22.04
CA ASN B 438 -23.02 -17.49 22.51
C ASN B 438 -24.06 -18.53 22.09
N LEU B 439 -25.34 -18.15 22.12
CA LEU B 439 -26.39 -19.07 21.68
C LEU B 439 -26.32 -19.30 20.18
N ILE B 440 -25.96 -18.28 19.41
CA ILE B 440 -25.78 -18.46 17.97
C ILE B 440 -24.67 -19.46 17.69
N GLN B 441 -23.56 -19.36 18.45
CA GLN B 441 -22.47 -20.31 18.29
C GLN B 441 -22.90 -21.72 18.65
N ALA B 442 -23.72 -21.86 19.70
CA ALA B 442 -24.21 -23.18 20.09
C ALA B 442 -25.10 -23.78 19.00
N GLN B 443 -25.98 -22.96 18.41
CA GLN B 443 -26.84 -23.45 17.33
C GLN B 443 -26.01 -23.87 16.13
N ARG B 444 -25.02 -23.06 15.75
CA ARG B 444 -24.18 -23.41 14.61
C ARG B 444 -23.42 -24.70 14.85
N ASP B 445 -22.97 -24.92 16.08
CA ASP B 445 -22.32 -26.18 16.40
C ASP B 445 -23.34 -27.32 16.45
N TYR B 446 -24.60 -27.01 16.76
CA TYR B 446 -25.64 -28.04 16.80
C TYR B 446 -25.93 -28.57 15.40
N PHE B 447 -26.39 -27.70 14.49
CA PHE B 447 -26.83 -28.17 13.18
C PHE B 447 -25.73 -28.25 12.15
N GLY B 448 -24.58 -27.61 12.38
CA GLY B 448 -23.54 -27.56 11.37
C GLY B 448 -22.17 -28.01 11.81
N ALA B 449 -22.03 -28.41 13.07
CA ALA B 449 -20.75 -28.86 13.63
C ALA B 449 -19.64 -27.85 13.37
N HIS B 450 -19.94 -26.57 13.55
CA HIS B 450 -18.99 -25.51 13.23
C HIS B 450 -17.98 -25.27 14.34
N THR B 451 -18.08 -25.97 15.47
CA THR B 451 -17.21 -25.82 16.64
C THR B 451 -17.30 -24.44 17.25
N TYR B 452 -16.80 -24.29 18.47
CA TYR B 452 -16.94 -23.03 19.20
C TYR B 452 -15.77 -22.87 20.17
N GLU B 453 -15.63 -21.66 20.67
CA GLU B 453 -14.67 -21.33 21.72
C GLU B 453 -15.40 -21.09 23.03
N ARG B 454 -14.65 -21.09 24.12
CA ARG B 454 -15.21 -20.89 25.45
C ARG B 454 -14.49 -19.76 26.17
N LYS B 455 -15.24 -19.04 27.00
CA LYS B 455 -14.60 -18.10 27.92
C LYS B 455 -13.94 -18.84 29.09
N ASP B 456 -14.43 -20.05 29.39
CA ASP B 456 -13.90 -20.87 30.47
C ASP B 456 -12.43 -21.20 30.25
N LYS B 457 -12.15 -22.10 29.31
CA LYS B 457 -10.81 -22.54 28.99
C LYS B 457 -10.45 -22.12 27.57
N GLU B 458 -9.27 -22.54 27.13
CA GLU B 458 -8.79 -22.24 25.79
C GLU B 458 -8.94 -23.45 24.88
N GLY B 459 -8.92 -23.20 23.58
CA GLY B 459 -9.06 -24.22 22.57
C GLY B 459 -10.38 -24.12 21.83
N VAL B 460 -10.61 -25.12 20.98
CA VAL B 460 -11.81 -25.19 20.15
C VAL B 460 -12.54 -26.49 20.47
N PHE B 461 -13.86 -26.40 20.61
CA PHE B 461 -14.65 -27.50 21.14
C PHE B 461 -15.82 -27.82 20.23
N HIS B 462 -16.25 -29.09 20.27
CA HIS B 462 -17.41 -29.57 19.56
C HIS B 462 -18.19 -30.48 20.51
N THR B 463 -19.52 -30.35 20.50
CA THR B 463 -20.36 -30.98 21.50
C THR B 463 -21.51 -31.75 20.84
N GLN B 464 -21.84 -32.90 21.41
CA GLN B 464 -23.07 -33.62 21.09
C GLN B 464 -24.14 -33.13 22.03
N TRP B 465 -25.04 -32.27 21.53
CA TRP B 465 -25.99 -31.57 22.38
C TRP B 465 -27.18 -32.43 22.79
N ILE B 466 -27.31 -33.64 22.25
CA ILE B 466 -28.40 -34.54 22.63
C ILE B 466 -27.85 -35.78 23.31
N MET C 1 -4.28 -18.09 34.23
CA MET C 1 -3.89 -16.69 34.18
C MET C 1 -3.06 -16.39 32.94
N THR C 2 -3.61 -15.57 32.05
CA THR C 2 -2.93 -15.18 30.81
C THR C 2 -2.23 -13.84 31.00
N GLN C 3 -1.25 -13.59 30.12
CA GLN C 3 -0.49 -12.35 30.11
C GLN C 3 -0.90 -11.51 28.91
N GLN C 4 -0.64 -10.20 29.02
CA GLN C 4 -1.14 -9.25 28.03
C GLN C 4 -0.23 -9.07 26.82
N ILE C 5 1.03 -9.48 26.91
CA ILE C 5 2.03 -9.25 25.86
C ILE C 5 3.13 -10.27 26.09
N GLY C 6 3.90 -10.58 25.05
CA GLY C 6 4.96 -11.55 25.15
C GLY C 6 6.22 -11.09 24.44
N VAL C 7 7.36 -11.56 24.93
CA VAL C 7 8.66 -11.18 24.39
C VAL C 7 9.46 -12.45 24.11
N ILE C 8 9.89 -12.63 22.86
CA ILE C 8 10.74 -13.73 22.46
C ILE C 8 12.12 -13.19 22.14
N GLY C 9 13.14 -13.78 22.73
CA GLY C 9 14.49 -13.30 22.56
C GLY C 9 14.97 -12.51 23.76
N LEU C 10 15.40 -13.23 24.81
CA LEU C 10 15.78 -12.61 26.07
C LEU C 10 17.24 -12.16 26.09
N ALA C 11 17.75 -11.67 24.96
CA ALA C 11 19.04 -11.02 24.94
C ALA C 11 18.95 -9.68 25.69
N VAL C 12 20.04 -8.93 25.67
CA VAL C 12 20.09 -7.69 26.46
C VAL C 12 19.05 -6.69 25.95
N MET C 13 18.92 -6.57 24.62
CA MET C 13 17.96 -5.63 24.07
C MET C 13 16.53 -6.08 24.33
N GLY C 14 16.28 -7.39 24.23
CA GLY C 14 14.94 -7.89 24.51
C GLY C 14 14.60 -7.94 25.98
N LYS C 15 15.60 -8.11 26.84
CA LYS C 15 15.35 -8.13 28.28
C LYS C 15 14.97 -6.76 28.79
N ASN C 16 15.58 -5.70 28.25
CA ASN C 16 15.29 -4.36 28.72
C ASN C 16 13.89 -3.92 28.30
N LEU C 17 13.47 -4.27 27.08
CA LEU C 17 12.12 -3.95 26.65
C LEU C 17 11.08 -4.70 27.48
N ALA C 18 11.39 -5.92 27.89
CA ALA C 18 10.47 -6.68 28.75
C ALA C 18 10.33 -6.02 30.12
N TRP C 19 11.46 -5.62 30.72
CA TRP C 19 11.40 -4.87 31.97
C TRP C 19 10.72 -3.53 31.79
N ASN C 20 10.91 -2.91 30.62
CA ASN C 20 10.26 -1.63 30.33
C ASN C 20 8.74 -1.79 30.32
N ILE C 21 8.25 -2.82 29.64
CA ILE C 21 6.80 -3.01 29.51
C ILE C 21 6.16 -3.26 30.87
N GLU C 22 6.75 -4.16 31.65
CA GLU C 22 6.18 -4.49 32.96
C GLU C 22 6.24 -3.31 33.91
N SER C 23 7.28 -2.47 33.81
CA SER C 23 7.40 -1.30 34.68
C SER C 23 6.26 -0.30 34.48
N ARG C 24 5.50 -0.42 33.38
CA ARG C 24 4.33 0.42 33.15
C ARG C 24 3.03 -0.25 33.58
N GLY C 25 3.09 -1.42 34.20
CA GLY C 25 1.92 -2.08 34.72
C GLY C 25 1.31 -3.14 33.84
N TYR C 26 2.09 -3.82 33.01
CA TYR C 26 1.57 -4.83 32.10
C TYR C 26 2.11 -6.21 32.48
N SER C 27 1.25 -7.21 32.42
CA SER C 27 1.68 -8.59 32.56
C SER C 27 2.21 -9.10 31.23
N VAL C 28 3.38 -9.74 31.26
CA VAL C 28 4.05 -10.15 30.04
C VAL C 28 4.78 -11.46 30.29
N SER C 29 4.74 -12.36 29.31
CA SER C 29 5.51 -13.60 29.34
C SER C 29 6.80 -13.44 28.55
N VAL C 30 7.69 -14.41 28.71
CA VAL C 30 8.97 -14.42 28.01
C VAL C 30 9.30 -15.83 27.54
N PHE C 31 9.99 -15.91 26.40
CA PHE C 31 10.52 -17.16 25.88
C PHE C 31 11.90 -16.91 25.30
N ASN C 32 12.73 -17.94 25.35
CA ASN C 32 14.06 -17.90 24.76
C ASN C 32 14.45 -19.33 24.40
N ARG C 33 14.96 -19.53 23.18
CA ARG C 33 15.28 -20.88 22.74
C ARG C 33 16.35 -21.52 23.62
N SER C 34 17.25 -20.72 24.18
CA SER C 34 18.20 -21.18 25.18
C SER C 34 17.73 -20.65 26.53
N SER C 35 17.18 -21.53 27.36
CA SER C 35 16.61 -21.15 28.65
C SER C 35 17.67 -20.83 29.70
N GLU C 36 18.94 -20.70 29.32
CA GLU C 36 19.94 -20.23 30.27
C GLU C 36 19.68 -18.78 30.66
N LYS C 37 19.20 -17.97 29.71
CA LYS C 37 18.88 -16.58 29.98
C LYS C 37 17.46 -16.38 30.48
N THR C 38 16.55 -17.31 30.17
CA THR C 38 15.23 -17.28 30.79
C THR C 38 15.33 -17.48 32.30
N ASP C 39 16.28 -18.30 32.74
CA ASP C 39 16.49 -18.50 34.17
C ASP C 39 17.18 -17.30 34.80
N LEU C 40 18.09 -16.66 34.06
CA LEU C 40 18.80 -15.50 34.60
C LEU C 40 17.86 -14.33 34.82
N MET C 41 17.00 -14.05 33.84
CA MET C 41 16.08 -12.91 33.96
C MET C 41 15.04 -13.14 35.04
N VAL C 42 14.72 -14.40 35.37
CA VAL C 42 13.82 -14.68 36.49
C VAL C 42 14.46 -14.20 37.79
N GLU C 43 15.78 -14.33 37.91
CA GLU C 43 16.47 -13.90 39.12
C GLU C 43 16.49 -12.38 39.24
N GLU C 44 16.72 -11.68 38.12
CA GLU C 44 16.86 -10.23 38.13
C GLU C 44 15.52 -9.50 38.11
N SER C 45 14.41 -10.21 38.00
CA SER C 45 13.07 -9.63 38.02
C SER C 45 12.35 -10.17 39.26
N LYS C 46 12.74 -9.64 40.43
CA LYS C 46 12.26 -10.19 41.69
C LYS C 46 10.78 -9.87 41.90
N GLY C 47 10.43 -8.59 41.94
CA GLY C 47 9.05 -8.19 42.17
C GLY C 47 8.32 -7.81 40.89
N LYS C 48 8.73 -8.40 39.77
CA LYS C 48 8.18 -8.07 38.46
C LYS C 48 7.06 -9.04 38.08
N ASN C 49 6.14 -8.54 37.26
CA ASN C 49 5.04 -9.35 36.73
C ASN C 49 5.48 -9.98 35.41
N ILE C 50 6.35 -10.98 35.54
CA ILE C 50 6.92 -11.65 34.38
C ILE C 50 6.76 -13.16 34.57
N HIS C 51 6.14 -13.82 33.58
CA HIS C 51 5.97 -15.27 33.60
C HIS C 51 7.01 -15.92 32.71
N PRO C 52 7.88 -16.78 33.24
CA PRO C 52 8.85 -17.45 32.36
C PRO C 52 8.24 -18.67 31.68
N THR C 53 8.55 -18.79 30.39
CA THR C 53 8.15 -19.96 29.60
C THR C 53 9.39 -20.65 29.07
N TYR C 54 9.27 -21.97 28.85
CA TYR C 54 10.39 -22.77 28.41
C TYR C 54 10.04 -23.63 27.19
N SER C 55 8.91 -23.36 26.55
CA SER C 55 8.54 -24.02 25.30
C SER C 55 7.73 -23.03 24.48
N LEU C 56 7.81 -23.16 23.15
CA LEU C 56 7.05 -22.28 22.29
C LEU C 56 5.55 -22.40 22.56
N GLU C 57 5.06 -23.63 22.73
CA GLU C 57 3.63 -23.86 22.91
C GLU C 57 3.12 -23.21 24.19
N GLU C 58 3.85 -23.39 25.31
CA GLU C 58 3.43 -22.77 26.57
C GLU C 58 3.45 -21.25 26.47
N PHE C 59 4.37 -20.70 25.66
CA PHE C 59 4.45 -19.25 25.50
C PHE C 59 3.22 -18.71 24.78
N VAL C 60 2.85 -19.34 23.66
CA VAL C 60 1.70 -18.85 22.89
C VAL C 60 0.41 -18.98 23.68
N ASN C 61 0.26 -20.06 24.44
CA ASN C 61 -0.93 -20.24 25.26
C ASN C 61 -0.92 -19.37 26.51
N SER C 62 0.18 -18.68 26.78
CA SER C 62 0.30 -17.84 27.97
C SER C 62 -0.22 -16.42 27.76
N LEU C 63 -0.75 -16.11 26.58
CA LEU C 63 -1.14 -14.74 26.25
C LEU C 63 -2.61 -14.71 25.79
N GLU C 64 -3.27 -13.59 26.08
CA GLU C 64 -4.67 -13.41 25.71
C GLU C 64 -4.80 -13.19 24.20
N LYS C 65 -6.05 -13.21 23.74
CA LYS C 65 -6.32 -13.01 22.32
C LYS C 65 -6.94 -11.62 22.09
N PRO C 66 -6.50 -10.89 21.05
CA PRO C 66 -5.48 -11.31 20.08
C PRO C 66 -4.07 -11.33 20.69
N ARG C 67 -3.31 -12.37 20.36
CA ARG C 67 -1.99 -12.53 20.95
C ARG C 67 -1.05 -11.47 20.43
N LYS C 68 -0.30 -10.87 21.35
CA LYS C 68 0.70 -9.87 21.03
C LYS C 68 2.06 -10.42 21.42
N ILE C 69 2.97 -10.48 20.45
CA ILE C 69 4.28 -11.09 20.64
C ILE C 69 5.33 -10.16 20.08
N LEU C 70 6.36 -9.88 20.86
CA LEU C 70 7.48 -9.02 20.45
C LEU C 70 8.71 -9.90 20.25
N LEU C 71 9.26 -9.89 19.04
CA LEU C 71 10.42 -10.67 18.69
C LEU C 71 11.67 -9.79 18.72
N MET C 72 12.62 -10.13 19.59
CA MET C 72 13.91 -9.46 19.62
C MET C 72 15.01 -10.46 19.26
N VAL C 73 14.78 -11.21 18.19
CA VAL C 73 15.67 -12.27 17.73
C VAL C 73 16.70 -11.67 16.78
N GLN C 74 17.87 -12.31 16.73
CA GLN C 74 18.92 -11.93 15.78
C GLN C 74 18.35 -11.72 14.38
N ALA C 75 18.78 -10.64 13.74
CA ALA C 75 18.29 -10.31 12.41
C ALA C 75 18.74 -11.34 11.39
N GLY C 76 17.88 -11.58 10.39
CA GLY C 76 18.19 -12.53 9.34
C GLY C 76 17.34 -13.78 9.39
N LYS C 77 17.93 -14.92 9.03
CA LYS C 77 17.19 -16.17 9.04
C LYS C 77 16.81 -16.62 10.45
N ALA C 78 17.52 -16.12 11.48
CA ALA C 78 17.13 -16.44 12.85
C ALA C 78 15.73 -15.95 13.15
N THR C 79 15.38 -14.75 12.67
CA THR C 79 14.02 -14.25 12.85
C THR C 79 13.02 -15.06 12.05
N ASP C 80 13.38 -15.43 10.81
CA ASP C 80 12.48 -16.23 9.98
C ASP C 80 12.25 -17.61 10.59
N ALA C 81 13.27 -18.20 11.20
CA ALA C 81 13.11 -19.50 11.83
C ALA C 81 12.16 -19.44 13.01
N THR C 82 12.16 -18.33 13.76
CA THR C 82 11.25 -18.19 14.89
C THR C 82 9.82 -17.97 14.41
N ILE C 83 9.64 -17.20 13.34
CA ILE C 83 8.29 -16.89 12.85
C ILE C 83 7.64 -18.15 12.29
N ASP C 84 8.37 -18.93 11.50
CA ASP C 84 7.82 -20.15 10.94
C ASP C 84 7.52 -21.18 12.02
N SER C 85 8.30 -21.18 13.11
CA SER C 85 7.98 -22.05 14.24
C SER C 85 6.71 -21.59 14.96
N LEU C 86 6.42 -20.29 14.93
CA LEU C 86 5.26 -19.75 15.63
C LEU C 86 3.97 -19.87 14.82
N LEU C 87 4.06 -19.93 13.49
CA LEU C 87 2.86 -19.82 12.65
C LEU C 87 1.81 -20.88 12.94
N PRO C 88 2.13 -22.18 13.04
CA PRO C 88 1.08 -23.16 13.34
C PRO C 88 0.56 -23.08 14.77
N LEU C 89 1.02 -22.12 15.57
CA LEU C 89 0.61 -21.99 16.96
C LEU C 89 -0.31 -20.80 17.22
N LEU C 90 -0.35 -19.83 16.31
CA LEU C 90 -1.17 -18.64 16.48
C LEU C 90 -2.56 -18.84 15.88
N ASP C 91 -3.48 -17.99 16.31
CA ASP C 91 -4.85 -17.96 15.80
C ASP C 91 -5.06 -16.71 14.95
N ASP C 92 -6.19 -16.69 14.25
CA ASP C 92 -6.48 -15.58 13.35
C ASP C 92 -6.62 -14.27 14.13
N GLY C 93 -5.83 -13.28 13.73
CA GLY C 93 -5.85 -11.97 14.37
C GLY C 93 -4.69 -11.69 15.29
N ASP C 94 -3.85 -12.67 15.58
CA ASP C 94 -2.70 -12.46 16.46
C ASP C 94 -1.70 -11.50 15.81
N ILE C 95 -0.86 -10.90 16.66
CA ILE C 95 0.01 -9.80 16.25
C ILE C 95 1.44 -10.14 16.63
N LEU C 96 2.34 -10.17 15.64
CA LEU C 96 3.77 -10.35 15.84
C LEU C 96 4.49 -9.03 15.60
N ILE C 97 5.43 -8.70 16.48
CA ILE C 97 6.19 -7.45 16.40
C ILE C 97 7.67 -7.79 16.35
N ASP C 98 8.34 -7.43 15.25
CA ASP C 98 9.77 -7.66 15.08
C ASP C 98 10.50 -6.36 15.35
N GLY C 99 11.25 -6.32 16.46
CA GLY C 99 11.99 -5.15 16.86
C GLY C 99 13.46 -5.13 16.50
N GLY C 100 13.93 -6.11 15.72
CA GLY C 100 15.33 -6.17 15.36
C GLY C 100 15.70 -5.19 14.26
N ASN C 101 17.00 -5.15 13.93
CA ASN C 101 17.51 -4.33 12.84
C ASN C 101 17.34 -5.12 11.55
N THR C 102 16.11 -5.12 11.04
CA THR C 102 15.72 -5.98 9.92
C THR C 102 15.66 -5.19 8.62
N ASN C 103 16.20 -5.79 7.56
CA ASN C 103 16.02 -5.25 6.22
C ASN C 103 14.54 -5.05 5.92
N TYR C 104 14.18 -3.83 5.50
CA TYR C 104 12.77 -3.50 5.33
C TYR C 104 12.10 -4.36 4.28
N GLN C 105 12.85 -4.84 3.29
CA GLN C 105 12.29 -5.74 2.29
C GLN C 105 11.99 -7.13 2.84
N ASP C 106 12.67 -7.54 3.91
CA ASP C 106 12.27 -8.76 4.60
C ASP C 106 10.96 -8.57 5.34
N THR C 107 10.76 -7.38 5.93
CA THR C 107 9.51 -7.09 6.61
C THR C 107 8.34 -7.05 5.62
N ILE C 108 8.56 -6.46 4.44
CA ILE C 108 7.54 -6.48 3.40
C ILE C 108 7.16 -7.92 3.05
N ARG C 109 8.15 -8.79 2.91
CA ARG C 109 7.89 -10.19 2.57
C ARG C 109 7.18 -10.92 3.71
N ARG C 110 7.60 -10.69 4.95
CA ARG C 110 6.97 -11.36 6.08
C ARG C 110 5.56 -10.86 6.31
N ASN C 111 5.34 -9.55 6.14
CA ASN C 111 4.00 -8.99 6.30
C ASN C 111 3.04 -9.57 5.27
N LYS C 112 3.50 -9.72 4.02
CA LYS C 112 2.64 -10.27 2.98
C LYS C 112 2.34 -11.74 3.23
N ALA C 113 3.35 -12.50 3.67
CA ALA C 113 3.16 -13.93 3.88
C ALA C 113 2.26 -14.20 5.08
N LEU C 114 2.47 -13.47 6.17
CA LEU C 114 1.66 -13.68 7.37
C LEU C 114 0.23 -13.17 7.21
N ALA C 115 0.00 -12.23 6.30
CA ALA C 115 -1.36 -11.76 6.06
C ALA C 115 -2.23 -12.84 5.43
N GLN C 116 -1.62 -13.78 4.70
CA GLN C 116 -2.39 -14.88 4.13
C GLN C 116 -2.82 -15.87 5.21
N SER C 117 -2.06 -15.96 6.31
CA SER C 117 -2.42 -16.78 7.45
C SER C 117 -3.22 -16.01 8.49
N ALA C 118 -3.78 -14.86 8.11
CA ALA C 118 -4.60 -14.03 9.00
C ALA C 118 -3.83 -13.61 10.25
N ILE C 119 -2.52 -13.43 10.13
CA ILE C 119 -1.66 -13.02 11.22
C ILE C 119 -1.18 -11.60 10.93
N ASN C 120 -1.33 -10.70 11.91
CA ASN C 120 -0.82 -9.34 11.76
C ASN C 120 0.65 -9.30 12.12
N PHE C 121 1.42 -8.56 11.34
CA PHE C 121 2.86 -8.45 11.53
C PHE C 121 3.25 -6.98 11.55
N ILE C 122 3.98 -6.58 12.59
CA ILE C 122 4.47 -5.22 12.73
C ILE C 122 5.99 -5.25 12.73
N GLY C 123 6.60 -4.59 11.75
CA GLY C 123 8.03 -4.37 11.75
C GLY C 123 8.36 -3.04 12.41
N MET C 124 9.08 -3.07 13.52
CA MET C 124 9.28 -1.90 14.37
C MET C 124 10.77 -1.61 14.52
N GLY C 125 11.18 -0.41 14.14
CA GLY C 125 12.53 0.03 14.43
C GLY C 125 12.63 0.56 15.86
N VAL C 126 13.73 0.21 16.53
CA VAL C 126 13.97 0.59 17.91
C VAL C 126 15.32 1.27 17.98
N SER C 127 15.33 2.55 18.33
CA SER C 127 16.55 3.33 18.46
C SER C 127 16.79 3.69 19.92
N GLY C 128 18.02 4.12 20.21
CA GLY C 128 18.40 4.54 21.54
C GLY C 128 19.33 3.60 22.27
N GLY C 129 19.74 2.49 21.65
CA GLY C 129 20.62 1.57 22.32
C GLY C 129 19.92 0.78 23.41
N GLU C 130 20.73 0.00 24.13
CA GLU C 130 20.19 -0.84 25.19
C GLU C 130 19.82 -0.04 26.43
N ILE C 131 20.53 1.05 26.70
CA ILE C 131 20.12 1.93 27.79
C ILE C 131 18.81 2.63 27.44
N GLY C 132 18.59 2.92 26.16
CA GLY C 132 17.33 3.52 25.76
C GLY C 132 16.19 2.53 25.76
N ALA C 133 16.47 1.25 25.46
CA ALA C 133 15.43 0.24 25.49
C ALA C 133 14.89 0.02 26.91
N LEU C 134 15.73 0.25 27.92
CA LEU C 134 15.28 0.06 29.30
C LEU C 134 14.40 1.20 29.76
N THR C 135 14.80 2.45 29.50
CA THR C 135 14.12 3.62 30.04
C THR C 135 13.09 4.19 29.08
N GLY C 136 13.41 4.28 27.79
CA GLY C 136 12.50 4.84 26.82
C GLY C 136 13.15 5.03 25.46
N PRO C 137 12.84 4.14 24.53
CA PRO C 137 13.42 4.23 23.19
C PRO C 137 12.52 4.98 22.23
N SER C 138 13.09 5.33 21.08
CA SER C 138 12.34 5.83 19.93
C SER C 138 11.87 4.63 19.11
N LEU C 139 10.57 4.57 18.82
CA LEU C 139 9.96 3.41 18.19
C LEU C 139 9.36 3.78 16.85
N MET C 140 9.60 2.95 15.84
CA MET C 140 9.14 3.20 14.48
C MET C 140 8.40 1.97 13.97
N PRO C 141 7.16 1.76 14.42
CA PRO C 141 6.41 0.57 13.99
C PRO C 141 5.67 0.77 12.68
N GLY C 142 5.70 -0.27 11.86
CA GLY C 142 4.95 -0.29 10.62
C GLY C 142 4.30 -1.64 10.40
N GLY C 143 3.17 -1.62 9.72
CA GLY C 143 2.38 -2.82 9.47
C GLY C 143 0.90 -2.46 9.39
N GLN C 144 0.05 -3.38 9.84
CA GLN C 144 -1.38 -3.15 9.81
C GLN C 144 -1.76 -2.06 10.81
N GLU C 145 -2.68 -1.19 10.40
CA GLU C 145 -3.09 -0.07 11.25
C GLU C 145 -3.85 -0.53 12.48
N GLU C 146 -4.90 -1.35 12.28
CA GLU C 146 -5.70 -1.79 13.42
C GLU C 146 -4.91 -2.68 14.36
N ALA C 147 -3.90 -3.39 13.84
CA ALA C 147 -3.00 -4.14 14.70
C ALA C 147 -2.16 -3.21 15.57
N TYR C 148 -1.63 -2.13 14.97
CA TYR C 148 -0.88 -1.15 15.77
C TYR C 148 -1.76 -0.51 16.83
N ASN C 149 -3.04 -0.26 16.50
CA ASN C 149 -3.94 0.37 17.45
C ASN C 149 -4.15 -0.49 18.69
N LYS C 150 -3.99 -1.81 18.56
CA LYS C 150 -4.18 -2.70 19.69
C LYS C 150 -2.97 -2.77 20.61
N VAL C 151 -1.79 -2.41 20.12
CA VAL C 151 -0.59 -2.33 20.95
C VAL C 151 -0.13 -0.89 21.16
N ALA C 152 -0.88 0.09 20.66
CA ALA C 152 -0.43 1.47 20.72
C ALA C 152 -0.32 1.99 22.15
N ASP C 153 -1.20 1.52 23.04
CA ASP C 153 -1.12 1.96 24.43
C ASP C 153 0.15 1.44 25.10
N ILE C 154 0.56 0.21 24.78
CA ILE C 154 1.79 -0.34 25.35
C ILE C 154 3.01 0.40 24.80
N LEU C 155 3.04 0.64 23.49
CA LEU C 155 4.18 1.32 22.88
C LEU C 155 4.29 2.76 23.38
N ASP C 156 3.15 3.44 23.55
CA ASP C 156 3.16 4.80 24.06
C ASP C 156 3.68 4.87 25.48
N ALA C 157 3.39 3.85 26.30
CA ALA C 157 3.81 3.89 27.70
C ALA C 157 5.32 3.66 27.84
N ILE C 158 5.90 2.83 26.99
CA ILE C 158 7.32 2.50 27.13
C ILE C 158 8.24 3.43 26.33
N ALA C 159 7.70 4.19 25.39
CA ALA C 159 8.56 5.01 24.54
C ALA C 159 9.07 6.23 25.31
N ALA C 160 10.13 6.83 24.76
CA ALA C 160 10.69 8.03 25.35
C ALA C 160 9.69 9.19 25.27
N LYS C 161 9.78 10.09 26.25
CA LYS C 161 8.91 11.25 26.33
C LYS C 161 9.72 12.50 26.02
N ALA C 162 9.28 13.26 25.02
CA ALA C 162 9.90 14.53 24.73
C ALA C 162 9.56 15.55 25.83
N LYS C 163 10.28 16.67 25.82
CA LYS C 163 10.10 17.67 26.86
C LYS C 163 8.73 18.33 26.80
N ASP C 164 8.03 18.23 25.68
CA ASP C 164 6.68 18.78 25.56
C ASP C 164 5.60 17.77 25.93
N GLY C 165 5.97 16.56 26.32
CA GLY C 165 5.04 15.53 26.72
C GLY C 165 4.75 14.48 25.67
N ALA C 166 5.09 14.74 24.41
CA ALA C 166 4.74 13.82 23.34
C ALA C 166 5.60 12.57 23.41
N SER C 167 4.96 11.42 23.19
CA SER C 167 5.68 10.15 23.16
C SER C 167 6.48 10.03 21.86
N CYS C 168 7.65 9.42 21.95
CA CYS C 168 8.51 9.22 20.79
C CYS C 168 8.16 7.92 20.06
N VAL C 169 6.89 7.78 19.72
CA VAL C 169 6.40 6.67 18.91
C VAL C 169 5.21 7.17 18.10
N THR C 170 5.08 6.66 16.88
CA THR C 170 3.94 6.95 16.03
C THR C 170 3.85 5.86 14.97
N TYR C 171 2.65 5.69 14.41
CA TYR C 171 2.48 4.76 13.31
C TYR C 171 3.18 5.29 12.07
N ILE C 172 4.18 4.57 11.59
CA ILE C 172 4.98 5.06 10.46
C ILE C 172 4.24 4.86 9.14
N GLY C 173 3.82 3.63 8.87
CA GLY C 173 3.11 3.34 7.64
C GLY C 173 2.91 1.87 7.41
N PRO C 174 2.42 1.50 6.22
CA PRO C 174 2.15 0.09 5.92
C PRO C 174 3.41 -0.75 5.84
N ASN C 175 3.20 -2.06 5.91
CA ASN C 175 4.23 -3.11 5.85
C ASN C 175 5.58 -2.69 6.43
N GLY C 176 6.58 -2.50 5.57
CA GLY C 176 7.94 -2.29 6.04
C GLY C 176 8.35 -0.84 6.22
N ALA C 177 7.38 0.07 6.28
CA ALA C 177 7.71 1.49 6.43
C ALA C 177 8.45 1.78 7.72
N GLY C 178 8.14 1.04 8.78
CA GLY C 178 8.81 1.28 10.05
C GLY C 178 10.28 0.89 10.02
N HIS C 179 10.57 -0.32 9.53
CA HIS C 179 11.96 -0.73 9.38
C HIS C 179 12.70 0.09 8.34
N TYR C 180 11.98 0.71 7.40
CA TYR C 180 12.64 1.55 6.41
C TYR C 180 13.18 2.82 7.04
N VAL C 181 12.36 3.51 7.84
CA VAL C 181 12.83 4.75 8.43
C VAL C 181 13.92 4.49 9.44
N LYS C 182 13.89 3.33 10.11
CA LYS C 182 15.00 2.94 10.97
C LYS C 182 16.29 2.82 10.17
N MET C 183 16.21 2.27 8.95
CA MET C 183 17.38 2.17 8.09
C MET C 183 17.93 3.56 7.74
N VAL C 184 17.04 4.48 7.34
CA VAL C 184 17.49 5.82 7.00
C VAL C 184 18.02 6.53 8.23
N HIS C 185 17.39 6.31 9.38
CA HIS C 185 17.93 6.80 10.64
C HIS C 185 19.38 6.35 10.83
N ASN C 186 19.64 5.06 10.57
CA ASN C 186 21.00 4.56 10.68
C ASN C 186 21.93 5.17 9.64
N GLY C 187 21.41 5.46 8.45
CA GLY C 187 22.22 6.16 7.46
C GLY C 187 22.66 7.53 7.93
N ILE C 188 21.72 8.31 8.49
CA ILE C 188 22.06 9.60 9.06
C ILE C 188 23.06 9.42 10.20
N GLU C 189 22.88 8.37 10.99
CA GLU C 189 23.81 8.04 12.06
C GLU C 189 25.23 7.85 11.53
N TYR C 190 25.38 7.04 10.48
CA TYR C 190 26.70 6.82 9.87
C TYR C 190 27.37 8.13 9.47
N ALA C 191 26.60 9.03 8.84
CA ALA C 191 27.17 10.30 8.41
C ALA C 191 27.57 11.16 9.60
N ASP C 192 26.72 11.20 10.63
CA ASP C 192 27.04 11.95 11.83
C ASP C 192 28.36 11.49 12.44
N MET C 193 28.54 10.17 12.56
CA MET C 193 29.75 9.66 13.18
C MET C 193 30.97 9.92 12.30
N GLN C 194 30.79 9.83 10.97
CA GLN C 194 31.91 10.13 10.07
C GLN C 194 32.30 11.59 10.13
N LEU C 195 31.31 12.50 10.18
CA LEU C 195 31.60 13.92 10.27
C LEU C 195 32.28 14.26 11.59
N ILE C 196 31.86 13.61 12.68
CA ILE C 196 32.49 13.85 13.97
C ILE C 196 33.92 13.31 13.98
N ALA C 197 34.12 12.16 13.34
CA ALA C 197 35.46 11.56 13.29
C ALA C 197 36.41 12.43 12.48
N GLU C 198 35.93 13.04 11.40
CA GLU C 198 36.77 13.95 10.62
C GLU C 198 37.12 15.19 11.42
N SER C 199 36.17 15.71 12.21
CA SER C 199 36.46 16.84 13.08
C SER C 199 37.53 16.47 14.10
N TYR C 200 37.43 15.29 14.70
CA TYR C 200 38.43 14.84 15.65
C TYR C 200 39.79 14.66 14.96
N ALA C 201 39.78 14.12 13.74
CA ALA C 201 41.03 13.93 13.00
C ALA C 201 41.78 15.25 12.83
N MET C 202 41.06 16.32 12.49
CA MET C 202 41.72 17.61 12.29
C MET C 202 42.06 18.28 13.61
N MET C 203 41.27 18.06 14.66
CA MET C 203 41.63 18.59 15.97
C MET C 203 42.91 17.94 16.49
N LYS C 204 43.21 16.73 16.07
CA LYS C 204 44.39 15.99 16.52
C LYS C 204 45.59 16.17 15.60
N GLU C 205 45.39 16.07 14.29
CA GLU C 205 46.51 16.09 13.35
C GLU C 205 46.83 17.47 12.80
N LEU C 206 45.88 18.40 12.82
CA LEU C 206 46.13 19.76 12.34
C LEU C 206 46.32 20.77 13.46
N LEU C 207 45.62 20.61 14.57
CA LEU C 207 45.75 21.52 15.70
C LEU C 207 46.56 20.93 16.85
N GLY C 208 46.97 19.67 16.74
CA GLY C 208 47.77 19.04 17.78
C GLY C 208 47.14 19.07 19.15
N MET C 209 45.82 18.96 19.24
CA MET C 209 45.14 19.11 20.51
C MET C 209 45.21 17.83 21.33
N SER C 210 45.32 17.99 22.64
CA SER C 210 45.29 16.86 23.56
C SER C 210 43.89 16.24 23.59
N HIS C 211 43.79 15.09 24.25
CA HIS C 211 42.47 14.47 24.39
C HIS C 211 41.63 15.17 25.44
N GLU C 212 42.26 15.92 26.35
CA GLU C 212 41.49 16.75 27.27
C GLU C 212 41.01 18.02 26.59
N ASP C 213 41.79 18.57 25.65
CA ASP C 213 41.31 19.69 24.86
C ASP C 213 40.18 19.27 23.93
N ILE C 214 40.26 18.05 23.40
CA ILE C 214 39.24 17.56 22.49
C ILE C 214 37.95 17.26 23.23
N ALA C 215 38.05 16.66 24.43
CA ALA C 215 36.86 16.38 25.22
C ALA C 215 36.12 17.66 25.59
N GLN C 216 36.86 18.68 26.02
CA GLN C 216 36.23 19.94 26.40
C GLN C 216 35.58 20.63 25.21
N THR C 217 36.20 20.51 24.02
CA THR C 217 35.66 21.16 22.84
C THR C 217 34.30 20.57 22.46
N PHE C 218 34.19 19.25 22.47
CA PHE C 218 32.91 18.63 22.17
C PHE C 218 31.88 18.92 23.25
N LYS C 219 32.32 19.03 24.50
CA LYS C 219 31.41 19.44 25.57
C LYS C 219 30.93 20.87 25.35
N ASP C 220 31.81 21.75 24.87
CA ASP C 220 31.40 23.11 24.55
C ASP C 220 30.45 23.13 23.36
N TRP C 221 30.74 22.33 22.33
CA TRP C 221 29.86 22.26 21.16
C TRP C 221 28.48 21.71 21.53
N ASN C 222 28.42 20.80 22.49
CA ASN C 222 27.14 20.27 22.94
C ASN C 222 26.28 21.32 23.62
N ALA C 223 26.87 22.40 24.12
CA ALA C 223 26.10 23.44 24.80
C ALA C 223 25.40 24.38 23.84
N GLY C 224 25.71 24.32 22.54
CA GLY C 224 25.11 25.21 21.57
C GLY C 224 24.25 24.50 20.54
N GLU C 225 24.21 25.04 19.33
CA GLU C 225 23.35 24.51 18.28
C GLU C 225 23.74 23.10 17.86
N LEU C 226 24.92 22.63 18.23
CA LEU C 226 25.37 21.29 17.91
C LEU C 226 24.91 20.26 18.95
N GLU C 227 24.03 20.65 19.86
CA GLU C 227 23.56 19.74 20.90
C GLU C 227 22.93 18.50 20.29
N SER C 228 23.47 17.34 20.65
CA SER C 228 22.99 16.08 20.11
C SER C 228 23.54 14.94 20.97
N TYR C 229 22.97 13.76 20.79
CA TYR C 229 23.40 12.60 21.56
C TYR C 229 24.82 12.18 21.17
N LEU C 230 25.12 12.18 19.87
CA LEU C 230 26.44 11.73 19.42
C LEU C 230 27.52 12.72 19.83
N ILE C 231 27.24 14.02 19.73
CA ILE C 231 28.20 15.02 20.20
C ILE C 231 28.37 14.91 21.72
N GLU C 232 27.30 14.62 22.44
CA GLU C 232 27.36 14.51 23.90
C GLU C 232 28.23 13.32 24.32
N ILE C 233 28.01 12.15 23.71
CA ILE C 233 28.78 10.98 24.12
C ILE C 233 30.23 11.07 23.66
N THR C 234 30.50 11.85 22.61
CA THR C 234 31.88 12.00 22.15
C THR C 234 32.73 12.73 23.18
N GLY C 235 32.16 13.74 23.84
CA GLY C 235 32.86 14.37 24.94
C GLY C 235 33.12 13.42 26.09
N ASP C 236 32.20 12.48 26.34
CA ASP C 236 32.42 11.50 27.39
C ASP C 236 33.49 10.48 26.99
N ILE C 237 33.57 10.13 25.71
CA ILE C 237 34.52 9.12 25.26
C ILE C 237 35.95 9.61 25.46
N PHE C 238 36.22 10.86 25.10
CA PHE C 238 37.56 11.41 25.31
C PHE C 238 37.87 11.72 26.77
N MET C 239 36.94 11.41 27.68
CA MET C 239 37.17 11.61 29.11
C MET C 239 37.48 10.32 29.84
N LYS C 240 37.44 9.17 29.16
CA LYS C 240 37.72 7.88 29.77
C LYS C 240 39.19 7.51 29.55
N LEU C 241 39.87 7.16 30.62
CA LEU C 241 41.29 6.84 30.60
C LEU C 241 41.50 5.38 30.99
N ASP C 242 42.72 4.90 30.76
CA ASP C 242 43.06 3.51 31.07
C ASP C 242 44.53 3.40 31.41
N GLU C 243 44.84 2.64 32.46
CA GLU C 243 46.21 2.34 32.87
C GLU C 243 47.01 3.60 33.18
N ASN C 244 47.77 4.09 32.20
CA ASN C 244 48.65 5.25 32.37
C ASN C 244 47.90 6.57 32.35
N LYS C 245 46.58 6.56 32.58
CA LYS C 245 45.77 7.78 32.61
C LYS C 245 45.87 8.54 31.29
N GLU C 246 45.64 7.84 30.19
CA GLU C 246 45.58 8.44 28.87
C GLU C 246 44.36 7.92 28.14
N ALA C 247 44.05 8.55 27.00
CA ALA C 247 42.80 8.30 26.30
C ALA C 247 42.71 6.84 25.84
N LEU C 248 41.67 6.16 26.33
CA LEU C 248 41.41 4.79 25.89
C LEU C 248 41.03 4.74 24.42
N VAL C 249 40.41 5.81 23.90
CA VAL C 249 39.99 5.84 22.50
C VAL C 249 41.19 5.80 21.57
N GLU C 250 42.35 6.26 22.03
CA GLU C 250 43.54 6.27 21.20
C GLU C 250 44.18 4.89 21.07
N LYS C 251 43.71 3.90 21.81
CA LYS C 251 44.22 2.55 21.74
C LYS C 251 43.34 1.61 20.93
N ILE C 252 42.20 2.09 20.46
CA ILE C 252 41.22 1.24 19.77
C ILE C 252 41.63 1.08 18.31
N LEU C 253 41.52 -0.15 17.81
CA LEU C 253 41.82 -0.41 16.41
C LEU C 253 40.88 0.35 15.49
N ASP C 254 41.44 1.02 14.48
CA ASP C 254 40.68 1.92 13.61
C ASP C 254 40.06 1.16 12.44
N THR C 255 39.26 0.15 12.77
CA THR C 255 38.55 -0.67 11.79
C THR C 255 37.07 -0.60 12.14
N ALA C 256 36.30 0.17 11.37
CA ALA C 256 34.88 0.29 11.63
C ALA C 256 34.21 -1.07 11.49
N GLY C 257 33.32 -1.38 12.44
CA GLY C 257 32.71 -2.69 12.55
C GLY C 257 32.09 -3.22 11.28
N GLN C 258 32.69 -4.29 10.74
CA GLN C 258 32.08 -4.98 9.60
C GLN C 258 30.71 -5.51 10.00
N LYS C 259 29.82 -5.58 8.99
CA LYS C 259 28.40 -5.86 9.13
C LYS C 259 27.65 -4.63 9.64
N GLY C 260 26.37 -4.55 9.32
CA GLY C 260 25.58 -3.38 9.63
C GLY C 260 24.52 -3.18 8.57
N THR C 261 23.85 -2.03 8.65
CA THR C 261 22.78 -1.69 7.73
C THR C 261 23.08 -0.43 6.91
N GLY C 262 24.30 0.10 7.00
CA GLY C 262 24.60 1.35 6.31
C GLY C 262 24.56 1.22 4.79
N LYS C 263 25.10 0.11 4.27
CA LYS C 263 25.09 -0.09 2.83
C LYS C 263 23.67 -0.17 2.28
N TRP C 264 22.73 -0.69 3.07
CA TRP C 264 21.35 -0.80 2.59
C TRP C 264 20.72 0.56 2.34
N THR C 265 21.07 1.57 3.13
CA THR C 265 20.55 2.91 2.88
C THR C 265 21.06 3.46 1.55
N SER C 266 22.36 3.30 1.28
CA SER C 266 22.92 3.83 0.04
C SER C 266 22.40 3.06 -1.16
N ILE C 267 22.26 1.73 -1.03
CA ILE C 267 21.68 0.95 -2.12
C ILE C 267 20.28 1.44 -2.43
N ASN C 268 19.48 1.69 -1.38
CA ASN C 268 18.11 2.17 -1.58
C ASN C 268 18.09 3.51 -2.30
N ALA C 269 18.95 4.45 -1.88
CA ALA C 269 18.98 5.76 -2.52
C ALA C 269 19.34 5.65 -4.00
N LEU C 270 20.30 4.77 -4.33
CA LEU C 270 20.66 4.58 -5.73
C LEU C 270 19.49 4.00 -6.52
N GLU C 271 18.71 3.11 -5.90
CA GLU C 271 17.51 2.60 -6.56
C GLU C 271 16.49 3.72 -6.78
N LEU C 272 16.33 4.61 -5.81
CA LEU C 272 15.35 5.68 -5.91
C LEU C 272 15.84 6.86 -6.73
N GLY C 273 17.12 6.88 -7.13
CA GLY C 273 17.66 8.03 -7.82
C GLY C 273 17.83 9.25 -6.95
N ILE C 274 18.11 9.06 -5.67
CA ILE C 274 18.27 10.16 -4.71
C ILE C 274 19.75 10.37 -4.46
N PRO C 275 20.28 11.58 -4.60
CA PRO C 275 21.71 11.80 -4.33
C PRO C 275 22.02 11.78 -2.84
N LEU C 276 22.48 10.64 -2.35
CA LEU C 276 22.79 10.48 -0.93
C LEU C 276 24.30 10.46 -0.71
N THR C 277 24.98 11.55 -1.11
CA THR C 277 26.44 11.52 -1.23
C THR C 277 27.12 11.44 0.14
N ILE C 278 26.61 12.16 1.13
CA ILE C 278 27.30 12.24 2.41
C ILE C 278 27.21 10.92 3.15
N ILE C 279 26.01 10.35 3.23
CA ILE C 279 25.83 9.07 3.90
C ILE C 279 26.60 7.97 3.18
N THR C 280 26.60 7.99 1.85
CA THR C 280 27.27 6.92 1.10
C THR C 280 28.79 7.03 1.23
N GLU C 281 29.33 8.26 1.25
CA GLU C 281 30.75 8.44 1.50
C GLU C 281 31.14 7.91 2.88
N SER C 282 30.25 8.07 3.87
CA SER C 282 30.51 7.53 5.20
C SER C 282 30.49 6.01 5.19
N VAL C 283 29.61 5.41 4.39
CA VAL C 283 29.60 3.96 4.24
C VAL C 283 30.91 3.48 3.61
N PHE C 284 31.37 4.18 2.57
CA PHE C 284 32.61 3.78 1.91
C PHE C 284 33.81 4.00 2.81
N ALA C 285 33.77 5.05 3.64
CA ALA C 285 34.84 5.31 4.59
C ALA C 285 34.99 4.14 5.56
N ARG C 286 33.87 3.52 5.95
CA ARG C 286 33.94 2.34 6.81
C ARG C 286 34.56 1.16 6.08
N PHE C 287 34.28 1.01 4.78
CA PHE C 287 34.92 -0.05 4.00
C PHE C 287 36.44 0.13 3.99
N ILE C 288 36.90 1.37 3.78
CA ILE C 288 38.33 1.64 3.71
C ILE C 288 38.98 1.42 5.07
N SER C 289 38.29 1.74 6.16
CA SER C 289 38.87 1.57 7.48
C SER C 289 39.07 0.09 7.82
N SER C 290 38.27 -0.80 7.22
CA SER C 290 38.34 -2.22 7.56
C SER C 290 39.53 -2.93 6.93
N ILE C 291 40.12 -2.39 5.87
CA ILE C 291 41.30 -3.00 5.27
C ILE C 291 42.55 -2.38 5.88
N LYS C 292 42.70 -2.55 7.20
CA LYS C 292 43.79 -1.91 7.93
C LYS C 292 45.15 -2.40 7.45
N GLU C 293 45.31 -3.73 7.33
CA GLU C 293 46.59 -4.27 6.89
C GLU C 293 46.97 -3.75 5.51
N GLU C 294 45.99 -3.63 4.62
CA GLU C 294 46.26 -3.10 3.29
C GLU C 294 46.59 -1.61 3.34
N ARG C 295 45.94 -0.87 4.23
CA ARG C 295 46.23 0.56 4.37
C ARG C 295 47.62 0.79 4.94
N VAL C 296 48.06 -0.08 5.86
CA VAL C 296 49.37 0.09 6.47
C VAL C 296 50.48 -0.10 5.44
N ASN C 297 50.35 -1.13 4.60
CA ASN C 297 51.36 -1.34 3.56
C ASN C 297 51.32 -0.22 2.54
N ALA C 298 50.12 0.29 2.22
CA ALA C 298 50.02 1.42 1.30
C ALA C 298 50.64 2.68 1.88
N SER C 299 50.67 2.81 3.22
CA SER C 299 51.22 4.01 3.84
C SER C 299 52.73 4.10 3.63
N LYS C 300 53.41 2.96 3.46
CA LYS C 300 54.85 2.95 3.25
C LYS C 300 55.23 3.12 1.79
N GLU C 301 54.27 3.15 0.88
CA GLU C 301 54.54 3.30 -0.55
C GLU C 301 53.98 4.59 -1.14
N LEU C 302 52.86 5.10 -0.62
CA LEU C 302 52.22 6.29 -1.15
C LEU C 302 52.56 7.48 -0.25
N ASN C 303 53.21 8.49 -0.83
CA ASN C 303 53.64 9.66 -0.08
C ASN C 303 52.50 10.66 0.07
N GLY C 304 52.69 11.61 0.97
CA GLY C 304 51.71 12.65 1.20
C GLY C 304 52.32 13.86 1.88
N PRO C 305 51.58 14.96 1.94
CA PRO C 305 52.08 16.16 2.60
C PRO C 305 52.20 15.96 4.10
N LYS C 306 53.03 16.79 4.72
CA LYS C 306 53.19 16.80 6.17
C LYS C 306 52.20 17.79 6.76
N ALA C 307 51.19 17.27 7.47
CA ALA C 307 50.12 18.10 8.03
C ALA C 307 50.66 19.16 8.97
N SER C 308 50.62 20.43 8.53
CA SER C 308 51.09 21.55 9.34
C SER C 308 50.11 22.70 9.20
N PHE C 309 49.70 23.27 10.33
CA PHE C 309 48.81 24.41 10.36
C PHE C 309 49.49 25.55 11.11
N ASP C 310 49.64 26.69 10.45
CA ASP C 310 50.34 27.83 11.00
C ASP C 310 49.44 29.01 11.32
N GLY C 311 48.13 28.87 11.11
CA GLY C 311 47.19 29.92 11.44
C GLY C 311 46.76 29.88 12.89
N ASP C 312 45.88 30.81 13.23
CA ASP C 312 45.27 30.83 14.56
C ASP C 312 44.41 29.58 14.75
N LYS C 313 44.82 28.73 15.69
CA LYS C 313 44.18 27.42 15.83
C LYS C 313 42.77 27.54 16.39
N LYS C 314 42.54 28.49 17.31
CA LYS C 314 41.24 28.64 17.94
C LYS C 314 40.21 29.21 16.96
N ASP C 315 40.65 30.04 16.00
CA ASP C 315 39.76 30.49 14.93
C ASP C 315 39.41 29.33 13.99
N PHE C 316 40.40 28.49 13.65
CA PHE C 316 40.13 27.34 12.81
C PHE C 316 39.22 26.33 13.51
N LEU C 317 39.39 26.18 14.82
CA LEU C 317 38.50 25.29 15.58
C LEU C 317 37.05 25.76 15.50
N GLU C 318 36.84 27.07 15.38
CA GLU C 318 35.48 27.59 15.21
C GLU C 318 34.96 27.29 13.80
N LYS C 319 35.84 27.32 12.80
CA LYS C 319 35.43 26.94 11.46
C LYS C 319 35.05 25.47 11.38
N ILE C 320 35.78 24.61 12.11
CA ILE C 320 35.42 23.20 12.15
C ILE C 320 34.03 23.03 12.77
N ARG C 321 33.72 23.83 13.79
CA ARG C 321 32.40 23.75 14.40
C ARG C 321 31.30 24.14 13.41
N LYS C 322 31.52 25.23 12.66
CA LYS C 322 30.56 25.65 11.66
C LYS C 322 30.44 24.61 10.55
N ALA C 323 31.58 24.08 10.09
CA ALA C 323 31.56 23.08 9.03
C ALA C 323 30.83 21.82 9.47
N LEU C 324 30.98 21.43 10.74
CA LEU C 324 30.32 20.24 11.25
C LEU C 324 28.81 20.42 11.30
N TYR C 325 28.35 21.58 11.77
CA TYR C 325 26.92 21.84 11.83
C TYR C 325 26.31 21.90 10.43
N MET C 326 26.99 22.58 9.49
CA MET C 326 26.48 22.66 8.13
C MET C 326 26.42 21.29 7.47
N SER C 327 27.50 20.51 7.59
CA SER C 327 27.52 19.18 6.99
C SER C 327 26.49 18.26 7.64
N LYS C 328 26.27 18.42 8.94
CA LYS C 328 25.19 17.69 9.60
C LYS C 328 23.84 18.00 8.98
N ILE C 329 23.55 19.30 8.79
CA ILE C 329 22.28 19.71 8.21
C ILE C 329 22.13 19.15 6.80
N CYS C 330 23.21 19.17 6.03
CA CYS C 330 23.18 18.60 4.68
C CYS C 330 22.85 17.12 4.71
N SER C 331 23.44 16.38 5.66
CA SER C 331 23.20 14.94 5.71
C SER C 331 21.75 14.62 6.10
N TYR C 332 21.17 15.41 7.01
CA TYR C 332 19.76 15.24 7.33
C TYR C 332 18.88 15.60 6.13
N ALA C 333 19.26 16.66 5.40
CA ALA C 333 18.50 17.04 4.21
C ALA C 333 18.48 15.91 3.18
N GLN C 334 19.61 15.24 3.00
CA GLN C 334 19.66 14.11 2.07
C GLN C 334 18.79 12.96 2.57
N GLY C 335 18.87 12.65 3.87
CA GLY C 335 18.07 11.57 4.41
C GLY C 335 16.57 11.82 4.30
N PHE C 336 16.13 13.03 4.60
CA PHE C 336 14.70 13.32 4.51
C PHE C 336 14.21 13.38 3.07
N ALA C 337 15.05 13.86 2.14
CA ALA C 337 14.70 13.76 0.73
C ALA C 337 14.57 12.31 0.30
N GLN C 338 15.41 11.44 0.85
CA GLN C 338 15.32 10.01 0.55
C GLN C 338 13.98 9.43 1.01
N MET C 339 13.55 9.79 2.21
CA MET C 339 12.29 9.25 2.73
C MET C 339 11.10 9.76 1.93
N ARG C 340 11.14 11.03 1.51
CA ARG C 340 10.07 11.55 0.68
C ARG C 340 9.94 10.76 -0.62
N LYS C 341 11.06 10.48 -1.28
CA LYS C 341 11.01 9.70 -2.51
C LYS C 341 10.56 8.27 -2.24
N ALA C 342 11.03 7.67 -1.15
CA ALA C 342 10.59 6.33 -0.79
C ALA C 342 9.11 6.30 -0.47
N SER C 343 8.61 7.34 0.23
CA SER C 343 7.18 7.42 0.49
C SER C 343 6.39 7.44 -0.80
N GLU C 344 6.84 8.20 -1.79
CA GLU C 344 6.13 8.29 -3.06
C GLU C 344 6.23 6.99 -3.85
N ASP C 345 7.38 6.34 -3.83
CA ASP C 345 7.57 5.15 -4.67
C ASP C 345 6.97 3.90 -4.02
N ASN C 346 7.00 3.79 -2.70
CA ASN C 346 6.40 2.65 -2.01
C ASN C 346 4.95 2.90 -1.61
N GLU C 347 4.41 4.07 -1.92
CA GLU C 347 3.02 4.42 -1.60
C GLU C 347 2.75 4.26 -0.10
N TRP C 348 3.62 4.88 0.70
CA TRP C 348 3.55 4.77 2.15
C TRP C 348 2.84 5.94 2.81
N ASN C 349 2.70 7.07 2.13
CA ASN C 349 2.00 8.24 2.66
C ASN C 349 2.60 8.68 3.99
N LEU C 350 3.93 8.75 4.04
CA LEU C 350 4.64 9.10 5.26
C LEU C 350 4.47 10.57 5.61
N LYS C 351 4.49 10.86 6.92
CA LYS C 351 4.48 12.22 7.45
C LYS C 351 5.87 12.51 7.99
N LEU C 352 6.68 13.23 7.21
CA LEU C 352 8.08 13.43 7.57
C LEU C 352 8.24 14.30 8.80
N GLY C 353 7.33 15.26 9.01
CA GLY C 353 7.41 16.08 10.20
C GLY C 353 7.18 15.30 11.48
N ASP C 354 6.18 14.40 11.47
CA ASP C 354 5.92 13.57 12.64
C ASP C 354 7.09 12.67 12.95
N LEU C 355 7.80 12.22 11.91
CA LEU C 355 8.96 11.35 12.13
C LEU C 355 10.08 12.10 12.84
N ALA C 356 10.34 13.35 12.45
CA ALA C 356 11.33 14.16 13.15
C ALA C 356 10.96 14.34 14.62
N MET C 357 9.66 14.36 14.93
CA MET C 357 9.23 14.57 16.31
C MET C 357 9.60 13.40 17.20
N ILE C 358 9.45 12.16 16.70
CA ILE C 358 9.73 11.00 17.54
C ILE C 358 11.21 10.69 17.63
N TRP C 359 12.05 11.38 16.87
CA TRP C 359 13.50 11.25 16.97
C TRP C 359 14.10 12.23 17.97
N ARG C 360 13.26 12.98 18.69
CA ARG C 360 13.73 14.02 19.60
C ARG C 360 14.22 13.47 20.94
N GLU C 361 13.93 12.21 21.25
CA GLU C 361 14.38 11.62 22.50
C GLU C 361 14.57 10.12 22.30
N GLY C 362 15.38 9.53 23.17
CA GLY C 362 15.60 8.08 23.13
C GLY C 362 16.07 7.59 21.78
N CYS C 363 16.99 8.32 21.16
CA CYS C 363 17.31 8.10 19.76
C CYS C 363 18.75 8.54 19.52
N ILE C 364 19.47 7.76 18.72
CA ILE C 364 20.90 7.99 18.55
C ILE C 364 21.15 9.29 17.77
N ILE C 365 20.29 9.62 16.82
CA ILE C 365 20.48 10.81 16.01
C ILE C 365 19.67 11.97 16.56
N ARG C 366 19.44 11.95 17.87
CA ARG C 366 18.72 13.03 18.52
C ARG C 366 19.51 14.33 18.44
N ALA C 367 18.91 15.36 17.85
CA ALA C 367 19.54 16.66 17.71
C ALA C 367 18.51 17.75 18.05
N GLN C 368 19.02 18.90 18.50
CA GLN C 368 18.12 19.97 18.94
C GLN C 368 17.34 20.57 17.79
N PHE C 369 17.87 20.55 16.56
CA PHE C 369 17.18 21.17 15.44
C PHE C 369 16.09 20.28 14.84
N LEU C 370 15.74 19.16 15.49
CA LEU C 370 14.73 18.28 14.90
C LEU C 370 13.36 18.92 14.86
N GLN C 371 13.03 19.77 15.84
CA GLN C 371 11.74 20.46 15.81
C GLN C 371 11.69 21.50 14.70
N LYS C 372 12.85 22.04 14.32
CA LYS C 372 12.90 22.91 13.15
C LYS C 372 12.59 22.14 11.87
N ILE C 373 12.97 20.87 11.82
CA ILE C 373 12.59 20.04 10.68
C ILE C 373 11.07 19.88 10.61
N LYS C 374 10.43 19.66 11.77
CA LYS C 374 8.98 19.53 11.77
C LYS C 374 8.31 20.86 11.44
N ASP C 375 8.87 21.97 11.93
CA ASP C 375 8.36 23.28 11.54
C ASP C 375 8.46 23.47 10.03
N ALA C 376 9.56 23.00 9.43
CA ALA C 376 9.73 23.10 7.98
C ALA C 376 8.62 22.37 7.23
N TYR C 377 8.38 21.10 7.59
CA TYR C 377 7.41 20.31 6.85
C TYR C 377 5.97 20.70 7.17
N ASP C 378 5.73 21.45 8.25
CA ASP C 378 4.40 21.97 8.50
C ASP C 378 4.16 23.31 7.81
N ASN C 379 5.19 24.14 7.69
CA ASN C 379 5.06 25.36 6.88
C ASN C 379 4.91 25.03 5.41
N ASN C 380 5.55 23.95 4.94
CA ASN C 380 5.48 23.54 3.54
C ASN C 380 5.54 22.02 3.50
N PRO C 381 4.39 21.36 3.36
CA PRO C 381 4.42 19.89 3.30
C PRO C 381 5.09 19.36 2.04
N GLY C 382 5.03 20.10 0.94
CA GLY C 382 5.71 19.69 -0.28
C GLY C 382 7.11 20.25 -0.38
N LEU C 383 7.75 20.48 0.76
CA LEU C 383 9.11 20.97 0.78
C LEU C 383 10.03 19.97 0.09
N GLN C 384 10.75 20.44 -0.94
CA GLN C 384 11.59 19.56 -1.73
C GLN C 384 12.92 19.25 -1.06
N ASN C 385 13.45 20.20 -0.29
CA ASN C 385 14.76 20.02 0.33
C ASN C 385 14.87 20.92 1.55
N LEU C 386 15.34 20.35 2.66
CA LEU C 386 15.45 21.10 3.91
C LEU C 386 16.35 22.32 3.76
N LEU C 387 17.30 22.30 2.82
CA LEU C 387 18.21 23.43 2.66
C LEU C 387 17.49 24.70 2.24
N LEU C 388 16.26 24.59 1.75
CA LEU C 388 15.51 25.77 1.33
C LEU C 388 14.56 26.29 2.38
N ASP C 389 14.34 25.53 3.46
CA ASP C 389 13.60 26.07 4.60
C ASP C 389 14.38 27.23 5.20
N PRO C 390 13.74 28.36 5.50
CA PRO C 390 14.49 29.57 5.87
C PRO C 390 15.40 29.40 7.08
N TYR C 391 15.06 28.51 8.01
CA TYR C 391 15.93 28.31 9.16
C TYR C 391 17.25 27.68 8.74
N PHE C 392 17.19 26.59 7.99
CA PHE C 392 18.43 25.94 7.55
C PHE C 392 19.10 26.71 6.43
N LYS C 393 18.32 27.38 5.56
CA LYS C 393 18.92 28.21 4.53
C LYS C 393 19.77 29.31 5.15
N ASN C 394 19.30 29.90 6.26
CA ASN C 394 20.08 30.92 6.93
C ASN C 394 21.40 30.37 7.45
N ILE C 395 21.43 29.12 7.89
CA ILE C 395 22.64 28.56 8.47
C ILE C 395 23.66 28.23 7.37
N VAL C 396 23.23 27.54 6.32
CA VAL C 396 24.19 27.05 5.33
C VAL C 396 24.74 28.20 4.48
N THR C 397 23.92 29.21 4.19
CA THR C 397 24.39 30.32 3.38
C THR C 397 25.45 31.14 4.10
N GLU C 398 25.49 31.10 5.43
CA GLU C 398 26.50 31.80 6.21
C GLU C 398 27.67 30.89 6.59
N TYR C 399 27.42 29.63 6.88
CA TYR C 399 28.47 28.73 7.33
C TYR C 399 29.28 28.13 6.18
N GLN C 400 28.87 28.36 4.93
CA GLN C 400 29.56 27.74 3.80
C GLN C 400 31.01 28.19 3.71
N ASP C 401 31.30 29.43 4.09
CA ASP C 401 32.66 29.93 4.02
C ASP C 401 33.58 29.16 4.97
N ALA C 402 33.10 28.85 6.17
CA ALA C 402 33.89 28.02 7.09
C ALA C 402 34.05 26.61 6.54
N LEU C 403 33.01 26.04 5.93
CA LEU C 403 33.10 24.70 5.38
C LEU C 403 34.11 24.64 4.24
N ARG C 404 34.13 25.67 3.40
CA ARG C 404 35.11 25.71 2.31
C ARG C 404 36.53 25.80 2.86
N ASP C 405 36.74 26.63 3.89
CA ASP C 405 38.07 26.77 4.47
C ASP C 405 38.55 25.46 5.10
N VAL C 406 37.64 24.73 5.75
CA VAL C 406 38.02 23.48 6.40
C VAL C 406 38.34 22.41 5.37
N VAL C 407 37.54 22.33 4.30
CA VAL C 407 37.79 21.33 3.26
C VAL C 407 39.09 21.64 2.53
N ALA C 408 39.28 22.91 2.15
CA ALA C 408 40.52 23.30 1.45
C ALA C 408 41.73 23.02 2.32
N THR C 409 41.66 23.36 3.60
CA THR C 409 42.79 23.13 4.50
C THR C 409 43.04 21.65 4.71
N GLY C 410 41.97 20.85 4.77
CA GLY C 410 42.14 19.41 4.88
C GLY C 410 42.80 18.80 3.65
N VAL C 411 42.36 19.22 2.47
CA VAL C 411 42.92 18.66 1.23
C VAL C 411 44.40 19.00 1.12
N GLN C 412 44.77 20.23 1.47
CA GLN C 412 46.16 20.65 1.34
C GLN C 412 47.08 19.97 2.35
N ASN C 413 46.54 19.43 3.44
CA ASN C 413 47.35 18.77 4.45
C ASN C 413 47.19 17.25 4.43
N GLY C 414 46.47 16.71 3.45
CA GLY C 414 46.37 15.28 3.28
C GLY C 414 45.54 14.55 4.32
N VAL C 415 44.72 15.25 5.09
CA VAL C 415 43.84 14.59 6.05
C VAL C 415 42.52 14.28 5.35
N PRO C 416 42.05 13.04 5.40
CA PRO C 416 40.83 12.68 4.67
C PRO C 416 39.61 13.38 5.25
N THR C 417 38.83 14.01 4.38
CA THR C 417 37.57 14.66 4.77
C THR C 417 36.46 14.29 3.78
N PRO C 418 36.14 13.00 3.66
CA PRO C 418 35.11 12.61 2.68
C PRO C 418 33.73 13.14 3.01
N GLY C 419 33.37 13.22 4.30
CA GLY C 419 32.07 13.79 4.65
C GLY C 419 32.00 15.28 4.38
N PHE C 420 33.02 16.02 4.83
CA PHE C 420 33.03 17.47 4.63
C PHE C 420 33.06 17.83 3.15
N SER C 421 33.87 17.12 2.35
CA SER C 421 33.99 17.46 0.94
C SER C 421 32.70 17.15 0.18
N SER C 422 32.07 16.01 0.46
CA SER C 422 30.82 15.70 -0.22
C SER C 422 29.71 16.65 0.21
N SER C 423 29.79 17.19 1.44
CA SER C 423 28.81 18.18 1.87
C SER C 423 28.91 19.46 1.05
N ILE C 424 30.13 20.00 0.90
CA ILE C 424 30.27 21.25 0.16
C ILE C 424 30.02 21.03 -1.33
N ASN C 425 30.35 19.84 -1.85
CA ASN C 425 30.04 19.53 -3.24
C ASN C 425 28.54 19.34 -3.45
N TYR C 426 27.84 18.78 -2.47
CA TYR C 426 26.39 18.70 -2.55
C TYR C 426 25.77 20.09 -2.56
N TYR C 427 26.25 20.98 -1.69
CA TYR C 427 25.73 22.33 -1.64
C TYR C 427 25.97 23.07 -2.96
N ASP C 428 27.17 22.91 -3.53
CA ASP C 428 27.50 23.63 -4.75
C ASP C 428 26.84 23.00 -5.98
N SER C 429 26.53 21.72 -5.95
CA SER C 429 25.81 21.09 -7.05
C SER C 429 24.31 21.40 -7.00
N TYR C 430 23.72 21.39 -5.80
CA TYR C 430 22.29 21.61 -5.69
C TYR C 430 21.90 23.03 -6.03
N ARG C 431 22.75 24.00 -5.71
CA ARG C 431 22.47 25.40 -5.97
C ARG C 431 22.92 25.86 -7.35
N ALA C 432 23.57 24.99 -8.12
CA ALA C 432 24.09 25.37 -9.44
C ALA C 432 22.94 25.35 -10.46
N ALA C 433 22.63 26.51 -11.02
CA ALA C 433 21.62 26.56 -12.07
C ALA C 433 22.10 25.88 -13.35
N ASP C 434 23.40 25.93 -13.63
CA ASP C 434 23.98 25.32 -14.82
C ASP C 434 25.14 24.44 -14.40
N LEU C 435 25.03 23.15 -14.66
CA LEU C 435 26.07 22.18 -14.37
C LEU C 435 26.75 21.71 -15.64
N PRO C 436 27.96 21.16 -15.55
CA PRO C 436 28.67 20.73 -16.77
C PRO C 436 28.12 19.44 -17.37
N ALA C 437 26.94 19.01 -16.93
CA ALA C 437 26.34 17.80 -17.49
C ALA C 437 25.90 17.97 -18.93
N ASN C 438 25.88 19.20 -19.45
CA ASN C 438 25.61 19.39 -20.88
C ASN C 438 26.69 18.74 -21.74
N LEU C 439 27.94 18.74 -21.26
CA LEU C 439 28.99 18.03 -21.98
C LEU C 439 28.75 16.52 -21.95
N ILE C 440 28.28 16.00 -20.81
CA ILE C 440 28.00 14.58 -20.70
C ILE C 440 26.89 14.18 -21.67
N GLN C 441 25.87 15.02 -21.82
CA GLN C 441 24.80 14.74 -22.77
C GLN C 441 25.32 14.77 -24.21
N ALA C 442 26.23 15.69 -24.52
CA ALA C 442 26.83 15.72 -25.84
C ALA C 442 27.64 14.46 -26.12
N GLN C 443 28.38 13.98 -25.12
CA GLN C 443 29.15 12.75 -25.31
C GLN C 443 28.25 11.55 -25.52
N ARG C 444 27.18 11.43 -24.71
CA ARG C 444 26.25 10.34 -24.88
C ARG C 444 25.60 10.38 -26.27
N ASP C 445 25.32 11.58 -26.78
CA ASP C 445 24.81 11.69 -28.13
C ASP C 445 25.87 11.34 -29.16
N TYR C 446 27.15 11.55 -28.82
CA TYR C 446 28.23 11.25 -29.75
C TYR C 446 28.31 9.75 -30.05
N PHE C 447 28.48 8.93 -29.02
CA PHE C 447 28.72 7.51 -29.29
C PHE C 447 27.45 6.66 -29.26
N GLY C 448 26.54 6.92 -28.32
CA GLY C 448 25.39 6.07 -28.15
C GLY C 448 24.14 6.53 -28.87
N ALA C 449 24.19 7.68 -29.54
CA ALA C 449 23.04 8.29 -30.21
C ALA C 449 21.88 8.55 -29.24
N HIS C 450 22.14 8.56 -27.94
CA HIS C 450 21.15 9.05 -27.00
C HIS C 450 20.92 10.53 -27.26
N THR C 451 19.66 10.90 -27.47
CA THR C 451 19.35 12.26 -27.86
C THR C 451 19.63 13.23 -26.70
N TYR C 452 19.41 14.52 -26.96
CA TYR C 452 19.57 15.54 -25.94
C TYR C 452 18.50 16.60 -26.11
N GLU C 453 18.33 17.40 -25.07
CA GLU C 453 17.43 18.55 -25.09
C GLU C 453 18.27 19.83 -25.08
N ARG C 454 17.62 20.93 -25.45
CA ARG C 454 18.28 22.22 -25.57
C ARG C 454 17.67 23.22 -24.58
N LYS C 455 18.52 24.11 -24.07
CA LYS C 455 18.04 25.19 -23.21
C LYS C 455 17.18 26.15 -24.00
N ASP C 456 17.53 26.36 -25.27
CA ASP C 456 16.90 27.37 -26.10
C ASP C 456 15.53 26.92 -26.59
N LYS C 457 15.46 25.77 -27.26
CA LYS C 457 14.26 25.28 -27.92
C LYS C 457 13.64 24.11 -27.15
N GLU C 458 12.38 23.86 -27.46
CA GLU C 458 11.69 22.68 -26.96
C GLU C 458 11.90 21.53 -27.94
N GLY C 459 12.00 20.32 -27.41
CA GLY C 459 12.06 19.13 -28.24
C GLY C 459 13.30 18.31 -27.98
N VAL C 460 13.51 17.34 -28.86
CA VAL C 460 14.57 16.34 -28.72
C VAL C 460 15.41 16.36 -29.98
N PHE C 461 16.73 16.37 -29.82
CA PHE C 461 17.64 16.58 -30.93
C PHE C 461 18.73 15.51 -30.96
N HIS C 462 19.20 15.22 -32.18
CA HIS C 462 20.32 14.32 -32.42
C HIS C 462 21.26 14.98 -33.41
N THR C 463 22.56 14.82 -33.19
CA THR C 463 23.57 15.55 -33.95
C THR C 463 24.68 14.61 -34.39
N GLN C 464 25.14 14.80 -35.63
CA GLN C 464 26.37 14.18 -36.12
C GLN C 464 27.51 15.14 -35.83
N TRP C 465 28.38 14.76 -34.88
CA TRP C 465 29.37 15.70 -34.37
C TRP C 465 30.64 15.74 -35.21
N ILE C 466 31.02 14.63 -35.81
CA ILE C 466 32.25 14.56 -36.60
C ILE C 466 31.96 14.93 -38.05
N MET D 1 17.97 -21.09 -48.93
CA MET D 1 18.98 -21.81 -48.16
C MET D 1 19.15 -21.18 -46.78
N THR D 2 19.64 -21.97 -45.83
CA THR D 2 19.83 -21.49 -44.47
C THR D 2 20.91 -20.40 -44.42
N GLN D 3 20.84 -19.60 -43.37
CA GLN D 3 21.85 -18.59 -43.09
C GLN D 3 22.62 -18.99 -41.84
N GLN D 4 23.80 -18.40 -41.68
CA GLN D 4 24.71 -18.86 -40.64
C GLN D 4 24.34 -18.31 -39.26
N ILE D 5 23.85 -17.08 -39.18
CA ILE D 5 23.55 -16.39 -37.91
C ILE D 5 22.31 -15.54 -38.11
N GLY D 6 21.65 -15.21 -37.01
CA GLY D 6 20.51 -14.31 -37.05
C GLY D 6 20.62 -13.20 -36.02
N VAL D 7 19.98 -12.08 -36.33
CA VAL D 7 19.95 -10.90 -35.46
C VAL D 7 18.50 -10.49 -35.25
N ILE D 8 18.09 -10.34 -33.99
CA ILE D 8 16.78 -9.83 -33.62
C ILE D 8 16.96 -8.45 -33.03
N GLY D 9 16.16 -7.49 -33.51
CA GLY D 9 16.29 -6.12 -33.06
C GLY D 9 17.15 -5.31 -34.02
N LEU D 10 16.55 -4.32 -34.68
CA LEU D 10 17.23 -3.58 -35.74
C LEU D 10 17.15 -2.08 -35.54
N ALA D 11 17.42 -1.62 -34.34
CA ALA D 11 17.81 -0.23 -34.15
C ALA D 11 19.22 -0.08 -34.73
N VAL D 12 19.86 1.07 -34.49
CA VAL D 12 21.16 1.29 -35.09
C VAL D 12 22.19 0.31 -34.52
N MET D 13 21.98 -0.18 -33.29
CA MET D 13 22.94 -1.11 -32.71
C MET D 13 22.84 -2.50 -33.34
N GLY D 14 21.64 -3.05 -33.42
CA GLY D 14 21.49 -4.36 -34.04
C GLY D 14 21.71 -4.33 -35.54
N LYS D 15 21.25 -3.28 -36.21
CA LYS D 15 21.50 -3.14 -37.64
C LYS D 15 22.99 -3.02 -37.95
N ASN D 16 23.74 -2.26 -37.16
CA ASN D 16 25.16 -2.10 -37.45
C ASN D 16 25.93 -3.38 -37.18
N LEU D 17 25.50 -4.15 -36.17
CA LEU D 17 26.13 -5.43 -35.90
C LEU D 17 25.83 -6.43 -37.02
N ALA D 18 24.62 -6.39 -37.56
CA ALA D 18 24.27 -7.27 -38.68
C ALA D 18 25.13 -6.95 -39.91
N TRP D 19 25.27 -5.66 -40.23
CA TRP D 19 26.14 -5.26 -41.33
C TRP D 19 27.58 -5.67 -41.07
N ASN D 20 28.05 -5.53 -39.83
CA ASN D 20 29.40 -5.95 -39.48
C ASN D 20 29.59 -7.44 -39.75
N ILE D 21 28.64 -8.26 -39.30
CA ILE D 21 28.75 -9.71 -39.48
C ILE D 21 28.76 -10.08 -40.95
N GLU D 22 27.87 -9.47 -41.74
CA GLU D 22 27.81 -9.78 -43.17
C GLU D 22 29.07 -9.32 -43.89
N SER D 23 29.67 -8.21 -43.46
CA SER D 23 30.87 -7.71 -44.13
C SER D 23 32.04 -8.67 -44.02
N ARG D 24 32.02 -9.58 -43.04
CA ARG D 24 33.06 -10.59 -42.89
C ARG D 24 32.78 -11.85 -43.69
N GLY D 25 31.72 -11.86 -44.50
CA GLY D 25 31.41 -12.98 -45.34
C GLY D 25 30.42 -13.98 -44.79
N TYR D 26 29.61 -13.59 -43.81
CA TYR D 26 28.62 -14.49 -43.20
C TYR D 26 27.23 -14.17 -43.74
N SER D 27 26.42 -15.21 -43.93
CA SER D 27 25.02 -15.04 -44.25
C SER D 27 24.24 -14.83 -42.96
N VAL D 28 23.34 -13.85 -42.96
CA VAL D 28 22.67 -13.44 -41.73
C VAL D 28 21.17 -13.27 -41.99
N SER D 29 20.35 -13.92 -41.17
CA SER D 29 18.92 -13.66 -41.13
C SER D 29 18.63 -12.51 -40.17
N VAL D 30 17.47 -11.89 -40.36
CA VAL D 30 17.21 -10.57 -39.79
C VAL D 30 15.73 -10.45 -39.46
N PHE D 31 15.43 -9.98 -38.24
CA PHE D 31 14.03 -9.85 -37.80
C PHE D 31 13.90 -8.73 -36.78
N ASN D 32 12.90 -7.88 -36.98
CA ASN D 32 12.48 -6.88 -36.01
C ASN D 32 11.01 -7.11 -35.65
N ARG D 33 10.61 -6.61 -34.47
CA ARG D 33 9.23 -6.76 -34.04
C ARG D 33 8.28 -6.09 -35.01
N SER D 34 8.49 -4.80 -35.27
CA SER D 34 7.74 -4.07 -36.29
C SER D 34 8.55 -4.12 -37.58
N SER D 35 7.93 -4.63 -38.64
CA SER D 35 8.64 -4.87 -39.89
C SER D 35 9.02 -3.60 -40.63
N GLU D 36 8.61 -2.41 -40.15
CA GLU D 36 9.03 -1.17 -40.79
C GLU D 36 10.54 -1.02 -40.73
N LYS D 37 11.15 -1.30 -39.57
CA LYS D 37 12.59 -1.27 -39.45
C LYS D 37 13.25 -2.35 -40.31
N THR D 38 12.58 -3.50 -40.46
CA THR D 38 13.13 -4.58 -41.29
C THR D 38 13.22 -4.16 -42.75
N ASP D 39 12.12 -3.65 -43.30
CA ASP D 39 12.09 -3.31 -44.72
C ASP D 39 12.93 -2.09 -45.05
N LEU D 40 13.26 -1.25 -44.06
CA LEU D 40 14.16 -0.13 -44.31
C LEU D 40 15.58 -0.62 -44.61
N MET D 41 16.04 -1.64 -43.88
CA MET D 41 17.40 -2.16 -44.00
C MET D 41 17.60 -2.97 -45.27
N VAL D 42 16.62 -3.80 -45.63
CA VAL D 42 16.77 -4.56 -46.86
C VAL D 42 16.89 -3.61 -48.03
N GLU D 43 16.29 -2.41 -47.91
CA GLU D 43 16.54 -1.37 -48.89
C GLU D 43 18.00 -0.93 -48.88
N GLU D 44 18.61 -0.86 -47.69
CA GLU D 44 20.00 -0.47 -47.56
C GLU D 44 20.97 -1.63 -47.79
N SER D 45 20.47 -2.86 -47.87
CA SER D 45 21.32 -4.03 -48.08
C SER D 45 21.36 -4.38 -49.57
N LYS D 46 22.04 -3.51 -50.31
CA LYS D 46 22.20 -3.68 -51.75
C LYS D 46 23.45 -4.51 -52.02
N GLY D 47 23.25 -5.75 -52.47
CA GLY D 47 24.35 -6.66 -52.70
C GLY D 47 24.84 -7.41 -51.48
N LYS D 48 24.24 -7.19 -50.32
CA LYS D 48 24.62 -7.86 -49.10
C LYS D 48 23.71 -9.04 -48.82
N ASN D 49 24.29 -10.13 -48.31
CA ASN D 49 23.56 -11.37 -48.05
C ASN D 49 22.75 -11.27 -46.76
N ILE D 50 21.78 -10.35 -46.77
CA ILE D 50 20.90 -10.10 -45.64
C ILE D 50 19.50 -10.58 -46.04
N HIS D 51 19.06 -11.67 -45.40
CA HIS D 51 17.76 -12.25 -45.70
C HIS D 51 16.75 -11.80 -44.66
N PRO D 52 15.73 -11.03 -45.03
CA PRO D 52 14.75 -10.58 -44.04
C PRO D 52 13.69 -11.63 -43.75
N THR D 53 13.22 -11.62 -42.50
CA THR D 53 12.14 -12.49 -42.06
C THR D 53 11.09 -11.66 -41.35
N TYR D 54 9.86 -12.17 -41.32
CA TYR D 54 8.71 -11.39 -40.87
C TYR D 54 7.91 -12.09 -39.77
N SER D 55 8.45 -13.16 -39.21
CA SER D 55 7.90 -13.84 -38.05
C SER D 55 9.03 -14.64 -37.41
N LEU D 56 9.00 -14.75 -36.08
CA LEU D 56 10.06 -15.47 -35.39
C LEU D 56 10.09 -16.93 -35.77
N GLU D 57 8.95 -17.49 -36.18
CA GLU D 57 8.95 -18.83 -36.77
C GLU D 57 9.69 -18.84 -38.09
N GLU D 58 9.45 -17.84 -38.94
CA GLU D 58 10.21 -17.72 -40.18
C GLU D 58 11.65 -17.29 -39.92
N PHE D 59 11.93 -16.74 -38.73
CA PHE D 59 13.30 -16.36 -38.38
C PHE D 59 14.09 -17.53 -37.82
N VAL D 60 13.47 -18.37 -36.98
CA VAL D 60 14.15 -19.55 -36.47
C VAL D 60 14.53 -20.47 -37.62
N ASN D 61 13.59 -20.74 -38.51
CA ASN D 61 13.93 -21.37 -39.78
C ASN D 61 14.80 -20.42 -40.60
N SER D 62 15.50 -20.99 -41.58
CA SER D 62 16.55 -20.33 -42.35
C SER D 62 17.80 -20.07 -41.52
N LEU D 63 17.97 -20.81 -40.42
CA LEU D 63 19.18 -20.75 -39.61
C LEU D 63 19.75 -22.15 -39.47
N GLU D 64 21.06 -22.28 -39.68
CA GLU D 64 21.72 -23.57 -39.57
C GLU D 64 21.70 -24.07 -38.13
N LYS D 65 21.61 -25.39 -37.97
CA LYS D 65 21.70 -26.00 -36.65
C LYS D 65 23.15 -26.28 -36.32
N PRO D 66 23.65 -25.91 -35.11
CA PRO D 66 22.91 -25.19 -34.07
C PRO D 66 22.74 -23.72 -34.39
N ARG D 67 21.57 -23.18 -34.07
CA ARG D 67 21.25 -21.83 -34.48
C ARG D 67 21.99 -20.81 -33.62
N LYS D 68 22.53 -19.78 -34.29
CA LYS D 68 23.21 -18.67 -33.64
C LYS D 68 22.36 -17.43 -33.83
N ILE D 69 21.84 -16.89 -32.73
CA ILE D 69 20.94 -15.74 -32.77
C ILE D 69 21.48 -14.68 -31.82
N LEU D 70 21.66 -13.47 -32.35
CA LEU D 70 22.15 -12.34 -31.57
C LEU D 70 20.98 -11.42 -31.23
N LEU D 71 20.70 -11.26 -29.95
CA LEU D 71 19.59 -10.42 -29.48
C LEU D 71 20.11 -9.00 -29.26
N MET D 72 19.62 -8.07 -30.07
CA MET D 72 19.93 -6.65 -29.87
C MET D 72 18.65 -5.87 -29.66
N VAL D 73 17.92 -6.20 -28.60
CA VAL D 73 16.64 -5.57 -28.30
C VAL D 73 16.78 -4.78 -27.01
N GLN D 74 15.73 -4.05 -26.66
CA GLN D 74 15.75 -3.18 -25.49
C GLN D 74 15.89 -4.02 -24.22
N ALA D 75 16.76 -3.56 -23.33
CA ALA D 75 17.02 -4.28 -22.08
C ALA D 75 15.77 -4.33 -21.21
N GLY D 76 15.72 -5.34 -20.35
CA GLY D 76 14.62 -5.48 -19.42
C GLY D 76 13.53 -6.43 -19.88
N LYS D 77 12.28 -6.04 -19.66
CA LYS D 77 11.15 -6.91 -20.02
C LYS D 77 11.10 -7.20 -21.51
N ALA D 78 11.57 -6.27 -22.34
CA ALA D 78 11.53 -6.49 -23.79
C ALA D 78 12.39 -7.67 -24.20
N THR D 79 13.58 -7.79 -23.61
CA THR D 79 14.44 -8.93 -23.93
C THR D 79 13.83 -10.23 -23.42
N ASP D 80 13.21 -10.20 -22.25
CA ASP D 80 12.57 -11.40 -21.72
C ASP D 80 11.45 -11.88 -22.63
N ALA D 81 10.58 -10.96 -23.07
CA ALA D 81 9.48 -11.32 -23.94
C ALA D 81 9.99 -11.92 -25.24
N THR D 82 11.08 -11.39 -25.79
CA THR D 82 11.64 -11.96 -26.99
C THR D 82 12.16 -13.37 -26.76
N ILE D 83 12.77 -13.62 -25.60
CA ILE D 83 13.31 -14.94 -25.30
C ILE D 83 12.21 -15.95 -25.10
N ASP D 84 11.15 -15.57 -24.38
CA ASP D 84 10.04 -16.50 -24.15
C ASP D 84 9.34 -16.86 -25.44
N SER D 85 9.29 -15.94 -26.40
CA SER D 85 8.74 -16.27 -27.72
C SER D 85 9.68 -17.20 -28.47
N LEU D 86 10.99 -16.98 -28.36
CA LEU D 86 11.96 -17.81 -29.08
C LEU D 86 12.04 -19.22 -28.51
N LEU D 87 11.84 -19.38 -27.20
CA LEU D 87 12.15 -20.65 -26.54
C LEU D 87 11.40 -21.84 -27.13
N PRO D 88 10.08 -21.83 -27.28
CA PRO D 88 9.40 -23.03 -27.82
C PRO D 88 9.75 -23.34 -29.26
N LEU D 89 10.42 -22.44 -29.97
CA LEU D 89 10.69 -22.61 -31.39
C LEU D 89 12.10 -23.10 -31.69
N LEU D 90 12.94 -23.28 -30.68
CA LEU D 90 14.34 -23.58 -30.90
C LEU D 90 14.68 -25.00 -30.42
N ASP D 91 15.72 -25.57 -31.03
CA ASP D 91 16.18 -26.92 -30.73
C ASP D 91 17.14 -26.93 -29.55
N ASP D 92 17.37 -28.12 -29.01
CA ASP D 92 18.37 -28.27 -27.96
C ASP D 92 19.76 -28.10 -28.55
N GLY D 93 20.55 -27.19 -27.97
CA GLY D 93 21.88 -26.91 -28.44
C GLY D 93 22.04 -25.59 -29.17
N ASP D 94 20.96 -24.84 -29.39
CA ASP D 94 21.06 -23.56 -30.07
C ASP D 94 21.68 -22.51 -29.15
N ILE D 95 22.25 -21.47 -29.76
CA ILE D 95 23.05 -20.47 -29.05
C ILE D 95 22.31 -19.13 -29.11
N LEU D 96 21.88 -18.64 -27.95
CA LEU D 96 21.31 -17.31 -27.81
C LEU D 96 22.38 -16.38 -27.25
N ILE D 97 22.55 -15.21 -27.88
CA ILE D 97 23.54 -14.23 -27.47
C ILE D 97 22.82 -12.91 -27.22
N ASP D 98 22.77 -12.49 -25.94
CA ASP D 98 22.19 -11.21 -25.56
C ASP D 98 23.29 -10.16 -25.51
N GLY D 99 23.26 -9.22 -26.45
CA GLY D 99 24.25 -8.17 -26.54
C GLY D 99 23.83 -6.82 -25.99
N GLY D 100 22.67 -6.74 -25.34
CA GLY D 100 22.20 -5.48 -24.79
C GLY D 100 22.93 -5.10 -23.51
N ASN D 101 22.58 -3.92 -22.99
CA ASN D 101 23.09 -3.46 -21.70
C ASN D 101 22.20 -4.05 -20.61
N THR D 102 22.46 -5.32 -20.30
CA THR D 102 21.61 -6.12 -19.43
C THR D 102 22.21 -6.21 -18.04
N ASN D 103 21.36 -6.00 -17.03
CA ASN D 103 21.69 -6.33 -15.65
C ASN D 103 22.24 -7.75 -15.56
N TYR D 104 23.45 -7.88 -15.01
CA TYR D 104 24.13 -9.18 -15.02
C TYR D 104 23.38 -10.22 -14.22
N GLN D 105 22.61 -9.80 -13.22
CA GLN D 105 21.79 -10.76 -12.47
C GLN D 105 20.64 -11.28 -13.30
N ASP D 106 20.10 -10.47 -14.21
CA ASP D 106 19.12 -10.99 -15.16
C ASP D 106 19.76 -12.03 -16.06
N THR D 107 21.00 -11.81 -16.48
CA THR D 107 21.70 -12.78 -17.31
C THR D 107 21.95 -14.07 -16.53
N ILE D 108 22.28 -13.95 -15.24
CA ILE D 108 22.44 -15.14 -14.41
C ILE D 108 21.13 -15.92 -14.34
N ARG D 109 20.01 -15.22 -14.22
CA ARG D 109 18.72 -15.89 -14.12
C ARG D 109 18.32 -16.52 -15.45
N ARG D 110 18.51 -15.79 -16.56
CA ARG D 110 18.13 -16.32 -17.87
C ARG D 110 19.05 -17.45 -18.31
N ASN D 111 20.33 -17.37 -17.96
CA ASN D 111 21.24 -18.47 -18.27
C ASN D 111 20.91 -19.71 -17.46
N LYS D 112 20.46 -19.53 -16.22
CA LYS D 112 20.12 -20.68 -15.38
C LYS D 112 18.86 -21.39 -15.88
N ALA D 113 17.86 -20.62 -16.31
CA ALA D 113 16.60 -21.22 -16.74
C ALA D 113 16.73 -21.88 -18.11
N LEU D 114 17.51 -21.28 -19.01
CA LEU D 114 17.66 -21.84 -20.34
C LEU D 114 18.51 -23.10 -20.34
N ALA D 115 19.47 -23.19 -19.43
CA ALA D 115 20.30 -24.40 -19.35
C ALA D 115 19.45 -25.64 -19.04
N GLN D 116 18.38 -25.47 -18.25
CA GLN D 116 17.48 -26.58 -17.99
C GLN D 116 16.69 -26.98 -19.23
N SER D 117 16.59 -26.10 -20.22
CA SER D 117 15.96 -26.40 -21.49
C SER D 117 17.00 -26.75 -22.56
N ALA D 118 18.23 -27.04 -22.16
CA ALA D 118 19.32 -27.40 -23.08
C ALA D 118 19.55 -26.31 -24.12
N ILE D 119 19.37 -25.05 -23.73
CA ILE D 119 19.61 -23.89 -24.58
C ILE D 119 20.76 -23.10 -23.98
N ASN D 120 21.80 -22.88 -24.77
CA ASN D 120 22.92 -22.06 -24.32
C ASN D 120 22.57 -20.58 -24.42
N PHE D 121 23.09 -19.80 -23.48
CA PHE D 121 22.80 -18.37 -23.39
C PHE D 121 24.08 -17.62 -23.05
N ILE D 122 24.57 -16.85 -24.02
CA ILE D 122 25.75 -16.02 -23.82
C ILE D 122 25.30 -14.58 -23.58
N GLY D 123 25.66 -14.04 -22.42
CA GLY D 123 25.48 -12.62 -22.17
C GLY D 123 26.72 -11.86 -22.55
N MET D 124 26.63 -10.98 -23.54
CA MET D 124 27.80 -10.32 -24.11
C MET D 124 27.65 -8.81 -23.99
N GLY D 125 28.66 -8.17 -23.40
CA GLY D 125 28.72 -6.73 -23.42
C GLY D 125 29.34 -6.24 -24.73
N VAL D 126 28.80 -5.14 -25.24
CA VAL D 126 29.25 -4.55 -26.51
C VAL D 126 29.57 -3.09 -26.25
N SER D 127 30.81 -2.69 -26.48
CA SER D 127 31.25 -1.31 -26.30
C SER D 127 31.67 -0.74 -27.64
N GLY D 128 31.80 0.59 -27.68
CA GLY D 128 32.20 1.30 -28.88
C GLY D 128 31.10 2.11 -29.53
N GLY D 129 29.85 1.93 -29.11
CA GLY D 129 28.78 2.76 -29.62
C GLY D 129 28.35 2.38 -31.04
N GLU D 130 27.66 3.35 -31.67
CA GLU D 130 27.11 3.14 -33.00
C GLU D 130 28.20 2.82 -34.02
N ILE D 131 29.24 3.65 -34.08
CA ILE D 131 30.32 3.38 -35.03
C ILE D 131 30.96 2.04 -34.71
N GLY D 132 31.32 1.82 -33.44
CA GLY D 132 31.97 0.57 -33.06
C GLY D 132 31.19 -0.68 -33.45
N ALA D 133 29.87 -0.66 -33.30
CA ALA D 133 29.07 -1.83 -33.64
C ALA D 133 29.18 -2.18 -35.12
N LEU D 134 29.41 -1.18 -35.98
CA LEU D 134 29.53 -1.38 -37.41
C LEU D 134 30.96 -1.71 -37.83
N THR D 135 31.97 -1.07 -37.23
CA THR D 135 33.33 -1.26 -37.68
C THR D 135 34.12 -2.29 -36.88
N GLY D 136 33.82 -2.44 -35.59
CA GLY D 136 34.63 -3.25 -34.72
C GLY D 136 34.47 -2.84 -33.27
N PRO D 137 33.63 -3.57 -32.54
CA PRO D 137 33.40 -3.25 -31.13
C PRO D 137 34.24 -4.09 -30.21
N SER D 138 34.36 -3.66 -28.95
CA SER D 138 34.93 -4.50 -27.92
C SER D 138 33.84 -5.41 -27.38
N LEU D 139 34.12 -6.71 -27.33
CA LEU D 139 33.12 -7.71 -27.00
C LEU D 139 33.50 -8.43 -25.71
N MET D 140 32.54 -8.57 -24.80
CA MET D 140 32.75 -9.20 -23.50
C MET D 140 31.73 -10.31 -23.32
N PRO D 141 31.92 -11.45 -24.00
CA PRO D 141 30.94 -12.55 -23.92
C PRO D 141 31.14 -13.38 -22.66
N GLY D 142 30.04 -13.61 -21.95
CA GLY D 142 30.04 -14.51 -20.82
C GLY D 142 28.89 -15.49 -20.91
N GLY D 143 29.08 -16.64 -20.28
CA GLY D 143 28.08 -17.69 -20.34
C GLY D 143 28.72 -19.05 -20.48
N GLN D 144 28.06 -19.96 -21.20
CA GLN D 144 28.61 -21.29 -21.41
C GLN D 144 29.89 -21.20 -22.21
N GLU D 145 30.99 -21.69 -21.63
CA GLU D 145 32.27 -21.66 -22.32
C GLU D 145 32.24 -22.49 -23.59
N GLU D 146 31.51 -23.61 -23.57
CA GLU D 146 31.39 -24.42 -24.77
C GLU D 146 30.65 -23.67 -25.86
N ALA D 147 29.60 -22.92 -25.50
CA ALA D 147 28.87 -22.13 -26.49
C ALA D 147 29.74 -21.01 -27.06
N TYR D 148 30.59 -20.40 -26.22
CA TYR D 148 31.48 -19.36 -26.73
C TYR D 148 32.42 -19.88 -27.79
N ASN D 149 32.99 -21.06 -27.57
CA ASN D 149 33.95 -21.62 -28.52
C ASN D 149 33.30 -21.99 -29.84
N LYS D 150 31.98 -22.20 -29.87
CA LYS D 150 31.29 -22.46 -31.12
C LYS D 150 31.03 -21.20 -31.92
N VAL D 151 31.02 -20.04 -31.29
CA VAL D 151 30.82 -18.77 -31.97
C VAL D 151 32.05 -17.88 -31.90
N ALA D 152 33.17 -18.41 -31.38
CA ALA D 152 34.34 -17.56 -31.15
C ALA D 152 34.92 -17.02 -32.46
N ASP D 153 34.86 -17.80 -33.54
CA ASP D 153 35.41 -17.33 -34.81
C ASP D 153 34.60 -16.17 -35.36
N ILE D 154 33.28 -16.21 -35.19
CA ILE D 154 32.42 -15.13 -35.64
C ILE D 154 32.67 -13.87 -34.82
N LEU D 155 32.79 -14.03 -33.50
CA LEU D 155 33.06 -12.87 -32.64
C LEU D 155 34.44 -12.29 -32.93
N ASP D 156 35.42 -13.15 -33.23
CA ASP D 156 36.76 -12.66 -33.54
C ASP D 156 36.77 -11.87 -34.85
N ALA D 157 35.97 -12.29 -35.83
CA ALA D 157 35.97 -11.62 -37.13
C ALA D 157 35.39 -10.22 -37.04
N ILE D 158 34.34 -10.04 -36.24
CA ILE D 158 33.66 -8.75 -36.17
C ILE D 158 34.25 -7.83 -35.11
N ALA D 159 35.01 -8.36 -34.15
CA ALA D 159 35.53 -7.54 -33.07
C ALA D 159 36.59 -6.57 -33.59
N ALA D 160 36.81 -5.51 -32.82
CA ALA D 160 37.85 -4.56 -33.15
C ALA D 160 39.22 -5.22 -33.04
N LYS D 161 40.18 -4.71 -33.82
CA LYS D 161 41.54 -5.20 -33.82
C LYS D 161 42.47 -4.11 -33.29
N ALA D 162 43.22 -4.43 -32.25
CA ALA D 162 44.25 -3.52 -31.77
C ALA D 162 45.39 -3.44 -32.78
N LYS D 163 46.29 -2.48 -32.56
CA LYS D 163 47.38 -2.25 -33.50
C LYS D 163 48.32 -3.44 -33.59
N ASP D 164 48.39 -4.27 -32.55
CA ASP D 164 49.22 -5.46 -32.55
C ASP D 164 48.54 -6.66 -33.19
N GLY D 165 47.33 -6.51 -33.71
CA GLY D 165 46.62 -7.55 -34.41
C GLY D 165 45.63 -8.32 -33.57
N ALA D 166 45.80 -8.34 -32.25
CA ALA D 166 44.91 -9.11 -31.39
C ALA D 166 43.49 -8.54 -31.42
N SER D 167 42.51 -9.42 -31.61
CA SER D 167 41.12 -9.01 -31.62
C SER D 167 40.63 -8.67 -30.21
N CYS D 168 39.77 -7.67 -30.12
CA CYS D 168 39.31 -7.17 -28.82
C CYS D 168 38.07 -7.95 -28.35
N VAL D 169 38.29 -9.24 -28.12
CA VAL D 169 37.24 -10.12 -27.60
C VAL D 169 37.92 -11.29 -26.90
N THR D 170 37.36 -11.69 -25.76
CA THR D 170 37.84 -12.86 -25.05
C THR D 170 36.71 -13.39 -24.19
N TYR D 171 36.76 -14.68 -23.89
CA TYR D 171 35.79 -15.27 -22.98
C TYR D 171 35.98 -14.68 -21.58
N ILE D 172 34.94 -14.04 -21.06
CA ILE D 172 35.06 -13.40 -19.75
C ILE D 172 34.93 -14.43 -18.63
N GLY D 173 33.84 -15.22 -18.66
CA GLY D 173 33.62 -16.21 -17.64
C GLY D 173 32.20 -16.76 -17.68
N PRO D 174 31.86 -17.59 -16.69
CA PRO D 174 30.55 -18.24 -16.69
C PRO D 174 29.41 -17.24 -16.49
N ASN D 175 28.21 -17.68 -16.90
CA ASN D 175 26.94 -16.97 -16.80
C ASN D 175 27.05 -15.46 -17.01
N GLY D 176 26.83 -14.68 -15.96
CA GLY D 176 26.74 -13.23 -16.05
C GLY D 176 28.04 -12.48 -16.03
N ALA D 177 29.18 -13.16 -16.13
CA ALA D 177 30.47 -12.49 -16.03
C ALA D 177 30.65 -11.44 -17.12
N GLY D 178 30.23 -11.75 -18.35
CA GLY D 178 30.41 -10.81 -19.43
C GLY D 178 29.61 -9.54 -19.25
N HIS D 179 28.32 -9.67 -18.93
CA HIS D 179 27.52 -8.50 -18.65
C HIS D 179 27.96 -7.79 -17.38
N TYR D 180 28.65 -8.50 -16.48
CA TYR D 180 29.14 -7.84 -15.27
C TYR D 180 30.29 -6.89 -15.59
N VAL D 181 31.26 -7.34 -16.38
CA VAL D 181 32.41 -6.47 -16.65
C VAL D 181 31.98 -5.30 -17.52
N LYS D 182 30.96 -5.48 -18.36
CA LYS D 182 30.40 -4.37 -19.11
C LYS D 182 29.80 -3.32 -18.18
N MET D 183 29.14 -3.77 -17.11
CA MET D 183 28.61 -2.83 -16.12
C MET D 183 29.74 -2.06 -15.46
N VAL D 184 30.83 -2.74 -15.08
CA VAL D 184 31.96 -2.05 -14.47
C VAL D 184 32.62 -1.11 -15.48
N HIS D 185 32.71 -1.56 -16.73
CA HIS D 185 33.17 -0.70 -17.82
C HIS D 185 32.37 0.59 -17.87
N ASN D 186 31.05 0.50 -17.71
CA ASN D 186 30.22 1.70 -17.75
C ASN D 186 30.41 2.55 -16.49
N GLY D 187 30.68 1.92 -15.35
CA GLY D 187 31.00 2.70 -14.16
C GLY D 187 32.26 3.54 -14.35
N ILE D 188 33.31 2.94 -14.93
CA ILE D 188 34.52 3.70 -15.23
C ILE D 188 34.21 4.84 -16.20
N GLU D 189 33.33 4.57 -17.18
CA GLU D 189 32.95 5.60 -18.15
C GLU D 189 32.21 6.75 -17.51
N TYR D 190 31.32 6.46 -16.53
CA TYR D 190 30.65 7.52 -15.80
C TYR D 190 31.65 8.40 -15.06
N ALA D 191 32.63 7.79 -14.41
CA ALA D 191 33.61 8.55 -13.64
C ALA D 191 34.45 9.44 -14.56
N ASP D 192 34.93 8.87 -15.67
CA ASP D 192 35.77 9.64 -16.58
C ASP D 192 34.99 10.78 -17.22
N MET D 193 33.72 10.55 -17.56
CA MET D 193 32.90 11.62 -18.10
C MET D 193 32.68 12.73 -17.07
N GLN D 194 32.46 12.35 -15.81
CA GLN D 194 32.27 13.35 -14.77
C GLN D 194 33.56 14.14 -14.52
N LEU D 195 34.71 13.46 -14.55
CA LEU D 195 35.99 14.16 -14.37
C LEU D 195 36.25 15.11 -15.54
N ILE D 196 35.97 14.68 -16.77
CA ILE D 196 36.15 15.55 -17.92
C ILE D 196 35.19 16.75 -17.83
N ALA D 197 33.98 16.51 -17.35
CA ALA D 197 33.01 17.61 -17.21
C ALA D 197 33.46 18.60 -16.14
N GLU D 198 34.08 18.11 -15.06
CA GLU D 198 34.59 19.01 -14.03
C GLU D 198 35.76 19.83 -14.56
N SER D 199 36.64 19.22 -15.36
CA SER D 199 37.72 19.97 -15.99
C SER D 199 37.17 21.07 -16.88
N TYR D 200 36.15 20.74 -17.69
CA TYR D 200 35.52 21.73 -18.53
C TYR D 200 34.88 22.83 -17.70
N ALA D 201 34.26 22.47 -16.58
CA ALA D 201 33.63 23.46 -15.72
C ALA D 201 34.66 24.46 -15.19
N MET D 202 35.86 23.99 -14.86
CA MET D 202 36.89 24.89 -14.34
C MET D 202 37.58 25.67 -15.44
N MET D 203 37.72 25.10 -16.63
CA MET D 203 38.36 25.83 -17.72
C MET D 203 37.52 27.02 -18.17
N LYS D 204 36.20 26.94 -18.01
CA LYS D 204 35.32 28.04 -18.38
C LYS D 204 35.01 28.96 -17.21
N GLU D 205 34.68 28.40 -16.04
CA GLU D 205 34.29 29.24 -14.91
C GLU D 205 35.50 29.93 -14.29
N LEU D 206 36.61 29.21 -14.14
CA LEU D 206 37.78 29.75 -13.47
C LEU D 206 38.77 30.39 -14.43
N LEU D 207 38.99 29.79 -15.59
CA LEU D 207 39.98 30.30 -16.54
C LEU D 207 39.35 31.16 -17.64
N GLY D 208 38.02 31.21 -17.72
CA GLY D 208 37.36 32.05 -18.71
C GLY D 208 37.68 31.67 -20.15
N MET D 209 38.02 30.41 -20.39
CA MET D 209 38.43 29.99 -21.72
C MET D 209 37.24 29.88 -22.66
N SER D 210 37.49 30.21 -23.93
CA SER D 210 36.49 30.08 -24.97
C SER D 210 36.44 28.63 -25.46
N HIS D 211 35.42 28.34 -26.28
CA HIS D 211 35.22 26.96 -26.72
C HIS D 211 36.31 26.51 -27.68
N GLU D 212 36.91 27.44 -28.43
CA GLU D 212 38.03 27.07 -29.30
C GLU D 212 39.28 26.74 -28.50
N ASP D 213 39.53 27.49 -27.42
CA ASP D 213 40.67 27.17 -26.56
C ASP D 213 40.40 25.91 -25.74
N ILE D 214 39.14 25.64 -25.41
CA ILE D 214 38.81 24.40 -24.73
C ILE D 214 39.00 23.22 -25.68
N ALA D 215 38.58 23.36 -26.92
CA ALA D 215 38.74 22.29 -27.91
C ALA D 215 40.23 21.98 -28.13
N GLN D 216 41.04 23.02 -28.27
CA GLN D 216 42.47 22.83 -28.50
C GLN D 216 43.15 22.18 -27.29
N THR D 217 42.69 22.51 -26.07
CA THR D 217 43.29 21.93 -24.88
C THR D 217 43.06 20.43 -24.82
N PHE D 218 41.83 19.98 -25.11
CA PHE D 218 41.56 18.54 -25.10
C PHE D 218 42.28 17.84 -26.25
N LYS D 219 42.46 18.53 -27.37
CA LYS D 219 43.27 17.97 -28.45
C LYS D 219 44.72 17.79 -28.01
N ASP D 220 45.29 18.80 -27.35
CA ASP D 220 46.66 18.69 -26.86
C ASP D 220 46.78 17.61 -25.79
N TRP D 221 45.79 17.50 -24.91
CA TRP D 221 45.82 16.47 -23.89
C TRP D 221 45.73 15.07 -24.51
N ASN D 222 44.97 14.93 -25.59
CA ASN D 222 44.84 13.64 -26.25
C ASN D 222 46.15 13.19 -26.91
N ALA D 223 47.08 14.12 -27.12
CA ALA D 223 48.38 13.78 -27.69
C ALA D 223 49.37 13.25 -26.66
N GLY D 224 49.05 13.37 -25.37
CA GLY D 224 49.94 12.90 -24.33
C GLY D 224 49.42 11.71 -23.56
N GLU D 225 49.76 11.60 -22.28
CA GLU D 225 49.35 10.44 -21.49
C GLU D 225 47.84 10.35 -21.31
N LEU D 226 47.12 11.45 -21.47
CA LEU D 226 45.66 11.44 -21.36
C LEU D 226 44.97 10.89 -22.60
N GLU D 227 45.73 10.33 -23.54
CA GLU D 227 45.15 9.78 -24.77
C GLU D 227 44.08 8.76 -24.45
N SER D 228 42.87 8.99 -24.96
CA SER D 228 41.73 8.13 -24.69
C SER D 228 40.59 8.50 -25.62
N TYR D 229 39.60 7.62 -25.70
CA TYR D 229 38.44 7.88 -26.55
C TYR D 229 37.66 9.09 -26.07
N LEU D 230 37.38 9.16 -24.76
CA LEU D 230 36.56 10.24 -24.23
C LEU D 230 37.24 11.59 -24.36
N ILE D 231 38.54 11.66 -24.09
CA ILE D 231 39.28 12.90 -24.27
C ILE D 231 39.30 13.30 -25.73
N GLU D 232 39.42 12.32 -26.62
CA GLU D 232 39.45 12.61 -28.06
C GLU D 232 38.12 13.17 -28.55
N ILE D 233 37.01 12.50 -28.24
CA ILE D 233 35.72 12.97 -28.74
C ILE D 233 35.33 14.29 -28.12
N THR D 234 35.81 14.57 -26.91
CA THR D 234 35.53 15.86 -26.28
C THR D 234 36.16 17.01 -27.07
N GLY D 235 37.36 16.79 -27.61
CA GLY D 235 37.95 17.81 -28.46
C GLY D 235 37.14 18.10 -29.70
N ASP D 236 36.50 17.08 -30.26
CA ASP D 236 35.65 17.29 -31.43
C ASP D 236 34.32 17.94 -31.06
N ILE D 237 33.79 17.62 -29.88
CA ILE D 237 32.50 18.17 -29.47
C ILE D 237 32.57 19.68 -29.36
N PHE D 238 33.66 20.20 -28.81
CA PHE D 238 33.82 21.65 -28.66
C PHE D 238 34.17 22.35 -29.97
N MET D 239 34.38 21.60 -31.06
CA MET D 239 34.56 22.19 -32.37
C MET D 239 33.25 22.31 -33.14
N LYS D 240 32.21 21.59 -32.73
CA LYS D 240 30.93 21.64 -33.42
C LYS D 240 30.23 22.96 -33.12
N LEU D 241 30.00 23.75 -34.15
CA LEU D 241 29.37 25.06 -34.02
C LEU D 241 27.90 24.99 -34.43
N ASP D 242 27.13 25.99 -33.98
CA ASP D 242 25.70 26.02 -34.25
C ASP D 242 25.39 26.81 -35.52
N GLU D 243 24.24 27.49 -35.53
CA GLU D 243 23.83 28.31 -36.66
C GLU D 243 24.41 29.72 -36.58
N ASN D 244 24.63 30.24 -35.36
CA ASN D 244 25.21 31.55 -35.15
C ASN D 244 26.69 31.49 -34.78
N LYS D 245 27.37 30.40 -35.15
CA LYS D 245 28.81 30.22 -34.94
C LYS D 245 29.19 30.17 -33.45
N GLU D 246 28.27 29.74 -32.60
CA GLU D 246 28.58 29.49 -31.20
C GLU D 246 28.68 28.00 -30.94
N ALA D 247 29.24 27.64 -29.79
CA ALA D 247 29.43 26.24 -29.44
C ALA D 247 28.07 25.57 -29.21
N LEU D 248 27.83 24.47 -29.92
CA LEU D 248 26.55 23.78 -29.81
C LEU D 248 26.38 23.15 -28.43
N VAL D 249 27.46 22.67 -27.83
CA VAL D 249 27.38 22.04 -26.51
C VAL D 249 26.89 23.02 -25.45
N GLU D 250 27.03 24.33 -25.69
CA GLU D 250 26.55 25.32 -24.73
C GLU D 250 25.03 25.44 -24.74
N LYS D 251 24.36 25.04 -25.81
CA LYS D 251 22.91 25.08 -25.88
C LYS D 251 22.25 23.83 -25.31
N ILE D 252 23.02 22.77 -25.06
CA ILE D 252 22.44 21.50 -24.62
C ILE D 252 22.02 21.60 -23.16
N LEU D 253 20.80 21.14 -22.88
CA LEU D 253 20.28 21.15 -21.52
C LEU D 253 21.12 20.25 -20.61
N ASP D 254 21.53 20.79 -19.47
CA ASP D 254 22.43 20.07 -18.57
C ASP D 254 21.70 19.11 -17.65
N THR D 255 20.91 18.20 -18.23
CA THR D 255 20.25 17.13 -17.50
C THR D 255 20.76 15.82 -18.05
N ALA D 256 21.66 15.18 -17.32
CA ALA D 256 22.29 13.95 -17.78
C ALA D 256 21.31 12.79 -17.66
N GLY D 257 20.94 12.22 -18.79
CA GLY D 257 20.16 11.00 -18.78
C GLY D 257 21.00 9.82 -18.31
N GLN D 258 20.31 8.74 -17.98
CA GLN D 258 21.00 7.57 -17.43
C GLN D 258 20.11 6.35 -17.51
N LYS D 259 20.72 5.22 -17.90
CA LYS D 259 20.11 3.91 -17.74
C LYS D 259 20.68 3.24 -16.50
N GLY D 260 20.11 2.08 -16.16
CA GLY D 260 20.37 1.47 -14.87
C GLY D 260 21.81 1.09 -14.60
N THR D 261 22.68 1.07 -15.63
CA THR D 261 24.01 0.50 -15.45
C THR D 261 24.84 1.31 -14.46
N GLY D 262 24.59 2.61 -14.34
CA GLY D 262 25.33 3.40 -13.36
C GLY D 262 24.95 3.04 -11.94
N LYS D 263 23.64 3.02 -11.65
CA LYS D 263 23.16 2.56 -10.35
C LYS D 263 23.71 1.19 -10.01
N TRP D 264 23.66 0.27 -10.98
CA TRP D 264 23.90 -1.14 -10.68
C TRP D 264 25.33 -1.38 -10.23
N THR D 265 26.30 -0.72 -10.87
CA THR D 265 27.69 -0.95 -10.48
C THR D 265 27.97 -0.39 -9.09
N SER D 266 27.36 0.75 -8.75
CA SER D 266 27.52 1.29 -7.40
C SER D 266 26.81 0.41 -6.38
N ILE D 267 25.61 -0.06 -6.71
CA ILE D 267 24.91 -0.99 -5.83
C ILE D 267 25.75 -2.24 -5.64
N ASN D 268 26.38 -2.74 -6.70
CA ASN D 268 27.19 -3.94 -6.59
C ASN D 268 28.38 -3.73 -5.67
N ALA D 269 29.07 -2.60 -5.81
CA ALA D 269 30.24 -2.34 -4.96
C ALA D 269 29.84 -2.26 -3.50
N LEU D 270 28.66 -1.70 -3.21
CA LEU D 270 28.19 -1.64 -1.84
C LEU D 270 27.93 -3.05 -1.30
N GLU D 271 27.30 -3.91 -2.11
CA GLU D 271 27.08 -5.29 -1.70
C GLU D 271 28.40 -6.01 -1.48
N LEU D 272 29.41 -5.72 -2.29
CA LEU D 272 30.70 -6.40 -2.18
C LEU D 272 31.63 -5.77 -1.15
N GLY D 273 31.27 -4.62 -0.59
CA GLY D 273 32.13 -3.96 0.37
C GLY D 273 33.34 -3.30 -0.23
N ILE D 274 33.23 -2.79 -1.46
CA ILE D 274 34.34 -2.18 -2.18
C ILE D 274 34.12 -0.67 -2.20
N PRO D 275 35.12 0.13 -1.82
CA PRO D 275 34.95 1.59 -1.85
C PRO D 275 35.00 2.16 -3.25
N LEU D 276 33.84 2.33 -3.87
CA LEU D 276 33.74 2.84 -5.24
C LEU D 276 33.33 4.31 -5.22
N THR D 277 34.15 5.13 -4.56
CA THR D 277 33.75 6.50 -4.23
C THR D 277 33.65 7.37 -5.48
N ILE D 278 34.63 7.28 -6.39
CA ILE D 278 34.65 8.17 -7.54
C ILE D 278 33.52 7.85 -8.50
N ILE D 279 33.33 6.56 -8.79
CA ILE D 279 32.26 6.16 -9.71
C ILE D 279 30.89 6.48 -9.11
N THR D 280 30.72 6.24 -7.80
CA THR D 280 29.43 6.46 -7.18
C THR D 280 29.09 7.95 -7.10
N GLU D 281 30.08 8.80 -6.80
CA GLU D 281 29.83 10.23 -6.82
C GLU D 281 29.44 10.69 -8.22
N SER D 282 29.97 10.05 -9.26
CA SER D 282 29.59 10.40 -10.62
C SER D 282 28.15 9.99 -10.91
N VAL D 283 27.72 8.83 -10.39
CA VAL D 283 26.33 8.43 -10.51
C VAL D 283 25.43 9.42 -9.79
N PHE D 284 25.79 9.79 -8.56
CA PHE D 284 25.00 10.76 -7.80
C PHE D 284 24.99 12.11 -8.51
N ALA D 285 26.11 12.49 -9.12
CA ALA D 285 26.17 13.77 -9.84
C ALA D 285 25.17 13.78 -10.99
N ARG D 286 24.95 12.63 -11.63
CA ARG D 286 23.93 12.57 -12.68
C ARG D 286 22.53 12.72 -12.10
N PHE D 287 22.29 12.18 -10.89
CA PHE D 287 21.01 12.41 -10.22
C PHE D 287 20.75 13.89 -10.00
N ILE D 288 21.77 14.63 -9.54
CA ILE D 288 21.59 16.03 -9.19
C ILE D 288 21.33 16.86 -10.44
N SER D 289 21.98 16.53 -11.55
CA SER D 289 21.73 17.29 -12.78
C SER D 289 20.34 17.03 -13.34
N SER D 290 19.71 15.91 -12.95
CA SER D 290 18.39 15.57 -13.48
C SER D 290 17.30 16.52 -12.98
N ILE D 291 17.47 17.07 -11.78
CA ILE D 291 16.47 17.97 -11.22
C ILE D 291 16.81 19.41 -11.61
N LYS D 292 16.71 19.71 -12.91
CA LYS D 292 17.07 21.03 -13.41
C LYS D 292 16.18 22.12 -12.82
N GLU D 293 14.86 21.88 -12.79
CA GLU D 293 13.94 22.89 -12.26
C GLU D 293 14.22 23.17 -10.79
N GLU D 294 14.52 22.14 -10.01
CA GLU D 294 14.83 22.32 -8.60
C GLU D 294 16.11 23.13 -8.42
N ARG D 295 17.12 22.87 -9.24
CA ARG D 295 18.39 23.58 -9.11
C ARG D 295 18.25 25.05 -9.45
N VAL D 296 17.46 25.38 -10.47
CA VAL D 296 17.25 26.77 -10.84
C VAL D 296 16.56 27.52 -9.70
N ASN D 297 15.57 26.89 -9.08
CA ASN D 297 14.93 27.51 -7.93
C ASN D 297 15.89 27.65 -6.76
N ALA D 298 16.76 26.64 -6.57
CA ALA D 298 17.73 26.70 -5.48
C ALA D 298 18.82 27.74 -5.73
N SER D 299 19.12 28.03 -7.00
CA SER D 299 20.15 29.01 -7.31
C SER D 299 19.74 30.41 -6.87
N LYS D 300 18.45 30.70 -6.86
CA LYS D 300 17.96 32.02 -6.47
C LYS D 300 17.86 32.20 -4.96
N GLU D 301 18.04 31.14 -4.18
CA GLU D 301 17.94 31.19 -2.73
C GLU D 301 19.24 30.88 -2.00
N LEU D 302 20.08 30.02 -2.56
CA LEU D 302 21.35 29.63 -1.95
C LEU D 302 22.48 30.32 -2.71
N ASN D 303 23.12 31.29 -2.05
CA ASN D 303 24.20 32.04 -2.67
C ASN D 303 25.52 31.31 -2.49
N GLY D 304 26.57 31.88 -3.09
CA GLY D 304 27.89 31.32 -2.99
C GLY D 304 28.95 32.30 -3.45
N PRO D 305 30.22 31.94 -3.30
CA PRO D 305 31.30 32.84 -3.72
C PRO D 305 31.34 32.98 -5.23
N LYS D 306 31.77 34.16 -5.68
CA LYS D 306 31.97 34.39 -7.11
C LYS D 306 33.33 33.84 -7.53
N ALA D 307 33.33 33.05 -8.60
CA ALA D 307 34.56 32.40 -9.06
C ALA D 307 35.55 33.45 -9.54
N SER D 308 36.72 33.47 -8.91
CA SER D 308 37.79 34.39 -9.28
C SER D 308 39.12 33.69 -9.15
N PHE D 309 40.00 33.88 -10.13
CA PHE D 309 41.32 33.26 -10.14
C PHE D 309 42.34 34.28 -10.66
N ASP D 310 43.29 34.65 -9.81
CA ASP D 310 44.28 35.66 -10.13
C ASP D 310 45.64 35.09 -10.47
N GLY D 311 45.83 33.78 -10.36
CA GLY D 311 47.10 33.15 -10.68
C GLY D 311 47.31 33.06 -12.18
N ASP D 312 48.36 32.31 -12.55
CA ASP D 312 48.64 32.06 -13.95
C ASP D 312 47.67 31.02 -14.50
N LYS D 313 46.95 31.39 -15.57
CA LYS D 313 45.95 30.50 -16.13
C LYS D 313 46.57 29.25 -16.74
N LYS D 314 47.71 29.40 -17.43
CA LYS D 314 48.34 28.25 -18.07
C LYS D 314 48.96 27.30 -17.05
N ASP D 315 49.50 27.84 -15.95
CA ASP D 315 50.05 26.98 -14.92
C ASP D 315 48.95 26.17 -14.23
N PHE D 316 47.79 26.79 -14.00
CA PHE D 316 46.68 26.07 -13.40
C PHE D 316 46.03 25.12 -14.39
N LEU D 317 46.04 25.47 -15.68
CA LEU D 317 45.53 24.56 -16.70
C LEU D 317 46.32 23.27 -16.73
N GLU D 318 47.63 23.35 -16.51
CA GLU D 318 48.45 22.15 -16.42
C GLU D 318 48.12 21.35 -15.17
N LYS D 319 47.78 22.03 -14.07
CA LYS D 319 47.39 21.32 -12.85
C LYS D 319 46.09 20.55 -13.07
N ILE D 320 45.16 21.10 -13.85
CA ILE D 320 43.92 20.38 -14.15
C ILE D 320 44.23 19.13 -14.95
N ARG D 321 45.18 19.21 -15.88
CA ARG D 321 45.58 18.03 -16.64
C ARG D 321 46.14 16.95 -15.73
N LYS D 322 47.01 17.34 -14.80
CA LYS D 322 47.57 16.37 -13.85
C LYS D 322 46.48 15.79 -12.97
N ALA D 323 45.58 16.64 -12.47
CA ALA D 323 44.49 16.16 -11.61
C ALA D 323 43.53 15.26 -12.38
N LEU D 324 43.30 15.58 -13.66
CA LEU D 324 42.41 14.74 -14.47
C LEU D 324 43.00 13.37 -14.71
N TYR D 325 44.32 13.31 -14.96
CA TYR D 325 44.96 12.02 -15.21
C TYR D 325 45.01 11.17 -13.95
N MET D 326 45.35 11.77 -12.81
CA MET D 326 45.44 11.00 -11.58
C MET D 326 44.07 10.48 -11.16
N SER D 327 43.05 11.35 -11.22
CA SER D 327 41.71 10.93 -10.83
C SER D 327 41.19 9.85 -11.78
N LYS D 328 41.50 9.98 -13.07
CA LYS D 328 41.16 8.95 -14.03
C LYS D 328 41.79 7.62 -13.66
N ILE D 329 43.05 7.64 -13.23
CA ILE D 329 43.71 6.41 -12.82
C ILE D 329 43.07 5.84 -11.56
N CYS D 330 42.70 6.70 -10.62
CA CYS D 330 42.04 6.22 -9.41
C CYS D 330 40.68 5.59 -9.74
N SER D 331 40.01 6.07 -10.78
CA SER D 331 38.74 5.47 -11.20
C SER D 331 38.94 4.07 -11.73
N TYR D 332 39.95 3.88 -12.59
CA TYR D 332 40.26 2.54 -13.09
C TYR D 332 40.70 1.63 -11.94
N ALA D 333 41.46 2.17 -10.98
CA ALA D 333 41.89 1.36 -9.85
C ALA D 333 40.70 0.85 -9.05
N GLN D 334 39.71 1.70 -8.83
CA GLN D 334 38.52 1.27 -8.10
C GLN D 334 37.72 0.24 -8.89
N GLY D 335 37.58 0.44 -10.21
CA GLY D 335 36.83 -0.49 -11.02
C GLY D 335 37.49 -1.86 -11.08
N PHE D 336 38.82 -1.90 -11.15
CA PHE D 336 39.52 -3.17 -11.22
C PHE D 336 39.57 -3.87 -9.86
N ALA D 337 39.64 -3.10 -8.77
CA ALA D 337 39.46 -3.72 -7.45
C ALA D 337 38.07 -4.31 -7.32
N GLN D 338 37.07 -3.63 -7.89
CA GLN D 338 35.70 -4.15 -7.86
C GLN D 338 35.60 -5.48 -8.59
N MET D 339 36.16 -5.56 -9.80
CA MET D 339 36.07 -6.79 -10.58
C MET D 339 36.79 -7.94 -9.90
N ARG D 340 37.91 -7.66 -9.25
CA ARG D 340 38.64 -8.70 -8.53
C ARG D 340 37.77 -9.29 -7.42
N LYS D 341 37.12 -8.43 -6.63
CA LYS D 341 36.26 -8.92 -5.57
C LYS D 341 35.05 -9.67 -6.13
N ALA D 342 34.51 -9.19 -7.25
CA ALA D 342 33.38 -9.89 -7.87
C ALA D 342 33.79 -11.26 -8.40
N SER D 343 34.97 -11.35 -9.01
CA SER D 343 35.47 -12.65 -9.46
C SER D 343 35.56 -13.63 -8.31
N GLU D 344 36.03 -13.16 -7.15
CA GLU D 344 36.18 -14.03 -5.99
C GLU D 344 34.82 -14.47 -5.44
N ASP D 345 33.87 -13.55 -5.36
CA ASP D 345 32.58 -13.87 -4.75
C ASP D 345 31.68 -14.68 -5.68
N ASN D 346 31.76 -14.44 -6.98
CA ASN D 346 30.95 -15.17 -7.96
C ASN D 346 31.67 -16.38 -8.54
N GLU D 347 32.93 -16.60 -8.17
CA GLU D 347 33.73 -17.73 -8.66
C GLU D 347 33.83 -17.72 -10.18
N TRP D 348 34.18 -16.56 -10.72
CA TRP D 348 34.26 -16.39 -12.17
C TRP D 348 35.66 -16.60 -12.73
N ASN D 349 36.69 -16.60 -11.88
CA ASN D 349 38.07 -16.81 -12.31
C ASN D 349 38.47 -15.79 -13.38
N LEU D 350 38.12 -14.52 -13.15
CA LEU D 350 38.36 -13.48 -14.15
C LEU D 350 39.85 -13.21 -14.34
N LYS D 351 40.23 -12.97 -15.60
CA LYS D 351 41.61 -12.61 -15.94
C LYS D 351 41.62 -11.11 -16.24
N LEU D 352 42.00 -10.31 -15.23
CA LEU D 352 41.83 -8.87 -15.33
C LEU D 352 42.82 -8.27 -16.33
N GLY D 353 44.04 -8.81 -16.40
CA GLY D 353 44.99 -8.33 -17.39
C GLY D 353 44.50 -8.54 -18.80
N ASP D 354 43.96 -9.73 -19.09
CA ASP D 354 43.45 -9.99 -20.43
C ASP D 354 42.24 -9.11 -20.75
N LEU D 355 41.48 -8.73 -19.73
CA LEU D 355 40.34 -7.85 -19.96
C LEU D 355 40.77 -6.45 -20.34
N ALA D 356 41.85 -5.96 -19.72
CA ALA D 356 42.36 -4.64 -20.08
C ALA D 356 42.75 -4.56 -21.55
N MET D 357 43.29 -5.66 -22.09
CA MET D 357 43.79 -5.63 -23.46
C MET D 357 42.67 -5.57 -24.49
N ILE D 358 41.50 -6.15 -24.18
CA ILE D 358 40.39 -6.07 -25.13
C ILE D 358 39.66 -4.74 -25.08
N TRP D 359 39.95 -3.91 -24.08
CA TRP D 359 39.41 -2.56 -24.01
C TRP D 359 40.27 -1.55 -24.77
N ARG D 360 41.29 -2.02 -25.51
CA ARG D 360 42.25 -1.12 -26.13
C ARG D 360 41.74 -0.46 -27.39
N GLU D 361 40.75 -1.04 -28.06
CA GLU D 361 40.16 -0.44 -29.26
C GLU D 361 38.68 -0.77 -29.29
N GLY D 362 37.96 0.00 -30.10
CA GLY D 362 36.51 -0.16 -30.21
C GLY D 362 35.80 -0.11 -28.88
N CYS D 363 36.25 0.75 -27.98
CA CYS D 363 35.80 0.73 -26.59
C CYS D 363 35.73 2.15 -26.07
N ILE D 364 34.65 2.46 -25.35
CA ILE D 364 34.43 3.83 -24.89
C ILE D 364 35.52 4.25 -23.89
N ILE D 365 36.04 3.31 -23.10
CA ILE D 365 37.03 3.66 -22.10
C ILE D 365 38.43 3.24 -22.56
N ARG D 366 38.63 3.21 -23.88
CA ARG D 366 39.97 3.01 -24.41
C ARG D 366 40.91 4.08 -23.88
N ALA D 367 42.01 3.67 -23.25
CA ALA D 367 42.98 4.60 -22.72
C ALA D 367 44.38 4.06 -23.02
N GLN D 368 45.34 4.98 -23.09
CA GLN D 368 46.68 4.62 -23.50
C GLN D 368 47.33 3.63 -22.52
N PHE D 369 47.04 3.79 -21.23
CA PHE D 369 47.72 3.01 -20.20
C PHE D 369 47.16 1.61 -20.00
N LEU D 370 46.23 1.16 -20.87
CA LEU D 370 45.62 -0.15 -20.67
C LEU D 370 46.66 -1.25 -20.70
N GLN D 371 47.68 -1.12 -21.57
CA GLN D 371 48.75 -2.10 -21.60
C GLN D 371 49.48 -2.17 -20.26
N LYS D 372 49.60 -1.05 -19.56
CA LYS D 372 50.26 -1.06 -18.25
C LYS D 372 49.44 -1.82 -17.22
N ILE D 373 48.10 -1.75 -17.30
CA ILE D 373 47.27 -2.54 -16.42
C ILE D 373 47.53 -4.03 -16.64
N LYS D 374 47.71 -4.43 -17.89
CA LYS D 374 48.06 -5.82 -18.18
C LYS D 374 49.42 -6.17 -17.58
N ASP D 375 50.42 -5.32 -17.80
CA ASP D 375 51.74 -5.56 -17.23
C ASP D 375 51.68 -5.60 -15.71
N ALA D 376 50.85 -4.75 -15.11
CA ALA D 376 50.72 -4.74 -13.65
C ALA D 376 50.24 -6.10 -13.14
N TYR D 377 49.22 -6.66 -13.77
CA TYR D 377 48.71 -7.96 -13.35
C TYR D 377 49.59 -9.11 -13.81
N ASP D 378 50.37 -8.92 -14.88
CA ASP D 378 51.33 -9.94 -15.29
C ASP D 378 52.51 -10.00 -14.34
N ASN D 379 52.92 -8.85 -13.80
CA ASN D 379 54.01 -8.85 -12.82
C ASN D 379 53.55 -9.32 -11.46
N ASN D 380 52.29 -9.07 -11.11
CA ASN D 380 51.75 -9.45 -9.81
C ASN D 380 50.27 -9.72 -9.95
N PRO D 381 49.88 -10.98 -10.18
CA PRO D 381 48.45 -11.28 -10.38
C PRO D 381 47.60 -11.02 -9.15
N GLY D 382 48.17 -11.14 -7.95
CA GLY D 382 47.43 -10.89 -6.73
C GLY D 382 47.46 -9.45 -6.28
N LEU D 383 47.82 -8.54 -7.19
CA LEU D 383 47.84 -7.11 -6.88
C LEU D 383 46.52 -6.65 -6.28
N GLN D 384 46.60 -6.04 -5.09
CA GLN D 384 45.40 -5.64 -4.37
C GLN D 384 44.86 -4.29 -4.84
N ASN D 385 45.70 -3.45 -5.43
CA ASN D 385 45.24 -2.15 -5.92
C ASN D 385 46.21 -1.67 -6.97
N LEU D 386 45.66 -1.19 -8.09
CA LEU D 386 46.50 -0.70 -9.19
C LEU D 386 47.37 0.47 -8.76
N LEU D 387 46.95 1.22 -7.73
CA LEU D 387 47.73 2.35 -7.25
C LEU D 387 49.10 1.94 -6.74
N LEU D 388 49.28 0.68 -6.37
CA LEU D 388 50.55 0.18 -5.86
C LEU D 388 51.48 -0.33 -6.94
N ASP D 389 51.00 -0.50 -8.17
CA ASP D 389 51.89 -0.90 -9.25
C ASP D 389 52.86 0.24 -9.55
N PRO D 390 54.14 -0.09 -9.81
CA PRO D 390 55.15 0.98 -9.98
C PRO D 390 54.80 2.04 -11.00
N TYR D 391 54.15 1.67 -12.10
CA TYR D 391 53.82 2.65 -13.13
C TYR D 391 52.78 3.65 -12.64
N PHE D 392 51.69 3.17 -12.05
CA PHE D 392 50.64 4.06 -11.57
C PHE D 392 51.03 4.75 -10.27
N LYS D 393 51.80 4.07 -9.41
CA LYS D 393 52.29 4.70 -8.20
C LYS D 393 53.18 5.90 -8.54
N ASN D 394 54.01 5.76 -9.56
CA ASN D 394 54.86 6.89 -9.98
C ASN D 394 54.02 8.08 -10.41
N ILE D 395 52.83 7.82 -10.97
CA ILE D 395 52.00 8.92 -11.46
C ILE D 395 51.27 9.61 -10.33
N VAL D 396 50.61 8.84 -9.46
CA VAL D 396 49.78 9.45 -8.42
C VAL D 396 50.65 10.12 -7.35
N THR D 397 51.83 9.57 -7.08
CA THR D 397 52.70 10.19 -6.07
C THR D 397 53.23 11.54 -6.54
N GLU D 398 53.35 11.73 -7.85
CA GLU D 398 53.81 12.99 -8.41
C GLU D 398 52.69 13.99 -8.64
N TYR D 399 51.57 13.53 -9.19
CA TYR D 399 50.46 14.41 -9.55
C TYR D 399 49.56 14.77 -8.38
N GLN D 400 49.83 14.26 -7.18
CA GLN D 400 48.89 14.45 -6.08
C GLN D 400 48.79 15.91 -5.64
N ASP D 401 49.87 16.69 -5.76
CA ASP D 401 49.83 18.08 -5.29
C ASP D 401 49.07 18.98 -6.28
N ALA D 402 49.17 18.67 -7.58
CA ALA D 402 48.30 19.34 -8.54
C ALA D 402 46.84 19.04 -8.25
N LEU D 403 46.52 17.78 -7.92
CA LEU D 403 45.16 17.42 -7.58
C LEU D 403 44.67 18.18 -6.34
N ARG D 404 45.55 18.33 -5.34
CA ARG D 404 45.16 19.07 -4.14
C ARG D 404 44.88 20.53 -4.45
N ASP D 405 45.73 21.16 -5.28
CA ASP D 405 45.53 22.55 -5.63
C ASP D 405 44.25 22.74 -6.45
N VAL D 406 43.94 21.78 -7.32
CA VAL D 406 42.73 21.88 -8.13
C VAL D 406 41.49 21.76 -7.24
N VAL D 407 41.49 20.78 -6.33
CA VAL D 407 40.34 20.60 -5.44
C VAL D 407 40.18 21.81 -4.53
N ALA D 408 41.28 22.27 -3.92
CA ALA D 408 41.18 23.41 -3.02
C ALA D 408 40.68 24.66 -3.74
N THR D 409 41.13 24.85 -4.99
CA THR D 409 40.70 26.03 -5.75
C THR D 409 39.25 25.91 -6.18
N GLY D 410 38.82 24.70 -6.58
CA GLY D 410 37.42 24.51 -6.94
C GLY D 410 36.49 24.73 -5.77
N VAL D 411 36.88 24.27 -4.58
CA VAL D 411 36.03 24.42 -3.40
C VAL D 411 35.93 25.89 -2.98
N GLN D 412 37.06 26.61 -3.02
CA GLN D 412 37.05 28.00 -2.61
C GLN D 412 36.31 28.92 -3.56
N ASN D 413 36.01 28.45 -4.78
CA ASN D 413 35.30 29.26 -5.77
C ASN D 413 33.90 28.75 -6.05
N GLY D 414 33.43 27.74 -5.29
CA GLY D 414 32.07 27.27 -5.44
C GLY D 414 31.82 26.44 -6.68
N VAL D 415 32.86 25.90 -7.30
CA VAL D 415 32.73 25.02 -8.46
C VAL D 415 32.70 23.60 -7.95
N PRO D 416 31.61 22.85 -8.15
CA PRO D 416 31.53 21.49 -7.59
C PRO D 416 32.52 20.56 -8.26
N THR D 417 33.27 19.82 -7.45
CA THR D 417 34.23 18.83 -7.94
C THR D 417 34.06 17.50 -7.20
N PRO D 418 32.88 16.86 -7.34
CA PRO D 418 32.70 15.57 -6.64
C PRO D 418 33.69 14.50 -7.06
N GLY D 419 34.06 14.44 -8.34
CA GLY D 419 35.01 13.43 -8.78
C GLY D 419 36.42 13.69 -8.29
N PHE D 420 36.89 14.94 -8.44
CA PHE D 420 38.21 15.29 -7.97
C PHE D 420 38.33 15.18 -6.45
N SER D 421 37.30 15.67 -5.73
CA SER D 421 37.31 15.55 -4.27
C SER D 421 37.36 14.10 -3.83
N SER D 422 36.54 13.23 -4.45
CA SER D 422 36.54 11.81 -4.10
C SER D 422 37.88 11.16 -4.42
N SER D 423 38.54 11.59 -5.49
CA SER D 423 39.81 11.00 -5.86
C SER D 423 40.88 11.28 -4.81
N ILE D 424 41.02 12.55 -4.40
CA ILE D 424 42.04 12.89 -3.42
C ILE D 424 41.68 12.32 -2.06
N ASN D 425 40.39 12.26 -1.73
CA ASN D 425 39.97 11.65 -0.47
C ASN D 425 40.20 10.14 -0.48
N TYR D 426 39.99 9.51 -1.64
CA TYR D 426 40.32 8.09 -1.77
C TYR D 426 41.82 7.86 -1.61
N TYR D 427 42.63 8.71 -2.24
CA TYR D 427 44.08 8.56 -2.13
C TYR D 427 44.54 8.77 -0.69
N ASP D 428 44.00 9.77 -0.01
CA ASP D 428 44.45 10.06 1.34
C ASP D 428 43.91 9.05 2.35
N SER D 429 42.76 8.43 2.06
CA SER D 429 42.22 7.41 2.96
C SER D 429 42.90 6.07 2.75
N TYR D 430 43.16 5.68 1.50
CA TYR D 430 43.79 4.40 1.24
C TYR D 430 45.21 4.35 1.77
N ARG D 431 45.92 5.48 1.79
CA ARG D 431 47.30 5.52 2.25
C ARG D 431 47.43 5.83 3.74
N ALA D 432 46.33 6.12 4.43
CA ALA D 432 46.41 6.49 5.85
C ALA D 432 46.56 5.23 6.70
N ALA D 433 47.71 5.11 7.37
CA ALA D 433 47.89 3.97 8.27
C ALA D 433 46.93 4.02 9.45
N ASP D 434 46.54 5.22 9.88
CA ASP D 434 45.65 5.40 11.02
C ASP D 434 44.53 6.35 10.62
N LEU D 435 43.32 5.85 10.57
CA LEU D 435 42.13 6.63 10.29
C LEU D 435 41.40 6.95 11.59
N PRO D 436 40.52 7.96 11.60
CA PRO D 436 39.79 8.30 12.83
C PRO D 436 38.61 7.38 13.11
N ALA D 437 38.63 6.18 12.51
CA ALA D 437 37.55 5.23 12.74
C ALA D 437 37.60 4.60 14.12
N ASN D 438 38.69 4.79 14.87
CA ASN D 438 38.73 4.31 16.25
C ASN D 438 37.68 5.01 17.11
N LEU D 439 37.42 6.29 16.84
CA LEU D 439 36.35 6.99 17.54
C LEU D 439 34.99 6.42 17.17
N ILE D 440 34.80 6.03 15.91
CA ILE D 440 33.56 5.39 15.50
C ILE D 440 33.36 4.08 16.26
N GLN D 441 34.44 3.30 16.41
CA GLN D 441 34.34 2.06 17.18
C GLN D 441 34.00 2.34 18.63
N ALA D 442 34.56 3.40 19.22
CA ALA D 442 34.25 3.74 20.60
C ALA D 442 32.79 4.13 20.76
N GLN D 443 32.26 4.91 19.81
CA GLN D 443 30.85 5.30 19.86
C GLN D 443 29.94 4.09 19.74
N ARG D 444 30.24 3.18 18.81
CA ARG D 444 29.42 1.98 18.65
C ARG D 444 29.44 1.12 19.91
N ASP D 445 30.54 1.13 20.64
CA ASP D 445 30.59 0.41 21.91
C ASP D 445 29.80 1.14 22.99
N TYR D 446 29.73 2.47 22.91
CA TYR D 446 28.99 3.25 23.90
C TYR D 446 27.50 2.90 23.88
N PHE D 447 26.85 3.10 22.74
CA PHE D 447 25.40 2.92 22.67
C PHE D 447 24.98 1.54 22.20
N GLY D 448 25.85 0.82 21.50
CA GLY D 448 25.46 -0.45 20.92
C GLY D 448 26.12 -1.66 21.52
N ALA D 449 27.15 -1.45 22.33
CA ALA D 449 27.91 -2.53 22.97
C ALA D 449 28.43 -3.52 21.93
N HIS D 450 28.86 -3.00 20.78
CA HIS D 450 29.34 -3.83 19.68
C HIS D 450 30.76 -4.33 19.88
N THR D 451 31.40 -4.01 21.01
CA THR D 451 32.78 -4.36 21.32
C THR D 451 33.76 -3.75 20.34
N TYR D 452 35.06 -3.84 20.64
CA TYR D 452 36.08 -3.23 19.81
C TYR D 452 37.39 -3.97 20.02
N GLU D 453 38.30 -3.79 19.09
CA GLU D 453 39.65 -4.34 19.17
C GLU D 453 40.63 -3.22 19.47
N ARG D 454 41.78 -3.61 20.02
CA ARG D 454 42.82 -2.67 20.41
C ARG D 454 44.07 -2.86 19.55
N LYS D 455 44.77 -1.76 19.29
CA LYS D 455 45.99 -1.83 18.49
C LYS D 455 47.08 -2.59 19.25
N ASP D 456 47.33 -2.21 20.51
CA ASP D 456 48.10 -3.06 21.39
C ASP D 456 47.21 -4.18 21.92
N LYS D 457 47.79 -5.10 22.69
CA LYS D 457 47.08 -6.28 23.17
C LYS D 457 46.45 -7.04 22.02
N GLU D 458 45.41 -7.82 22.31
CA GLU D 458 44.63 -8.50 21.28
C GLU D 458 43.36 -9.02 21.94
N GLY D 459 42.42 -9.44 21.10
CA GLY D 459 41.11 -9.89 21.57
C GLY D 459 40.07 -8.79 21.49
N VAL D 460 38.86 -9.14 21.91
CA VAL D 460 37.72 -8.23 21.89
C VAL D 460 37.60 -7.58 23.26
N PHE D 461 37.09 -6.35 23.27
CA PHE D 461 36.96 -5.59 24.51
C PHE D 461 35.63 -4.86 24.54
N HIS D 462 35.07 -4.73 25.74
CA HIS D 462 33.86 -3.95 25.99
C HIS D 462 34.11 -3.08 27.21
N THR D 463 33.81 -1.79 27.08
CA THR D 463 34.18 -0.79 28.06
C THR D 463 32.96 -0.05 28.57
N GLN D 464 32.91 0.15 29.90
CA GLN D 464 31.88 0.95 30.55
C GLN D 464 32.33 2.41 30.51
N TRP D 465 31.74 3.20 29.61
CA TRP D 465 32.27 4.54 29.33
C TRP D 465 31.77 5.61 30.30
N ILE D 466 30.57 5.47 30.86
CA ILE D 466 30.01 6.51 31.73
C ILE D 466 29.49 5.94 33.04
PA NAP E . -13.38 -29.37 2.67
O1A NAP E . -12.96 -30.67 3.34
O2A NAP E . -12.50 -28.15 2.78
O5B NAP E . -13.65 -29.67 1.12
C5B NAP E . -14.36 -30.82 0.71
C4B NAP E . -13.84 -31.34 -0.64
O4B NAP E . -13.21 -30.29 -1.38
C3B NAP E . -12.80 -32.41 -0.40
O3B NAP E . -13.05 -33.50 -1.29
C2B NAP E . -11.49 -31.72 -0.74
O2B NAP E . -10.52 -32.65 -1.20
C1B NAP E . -11.92 -30.74 -1.81
N9A NAP E . -10.95 -29.62 -1.94
C8A NAP E . -10.62 -28.74 -0.97
N7A NAP E . -9.70 -27.85 -1.44
C5A NAP E . -9.42 -28.17 -2.71
C6A NAP E . -8.55 -27.65 -3.78
N6A NAP E . -7.76 -26.56 -3.56
N1A NAP E . -8.56 -28.27 -4.98
C2A NAP E . -9.35 -29.34 -5.21
N3A NAP E . -10.17 -29.88 -4.28
C4A NAP E . -10.25 -29.34 -3.04
O3 NAP E . -14.86 -28.99 3.20
PN NAP E . -15.76 -27.91 2.43
O1N NAP E . -16.58 -28.63 1.39
O2N NAP E . -14.89 -26.75 2.03
O5D NAP E . -16.77 -27.41 3.58
P2B NAP E . -9.43 -33.19 -0.14
O1X NAP E . -10.16 -34.29 0.60
O2X NAP E . -8.29 -33.68 -1.00
O3X NAP E . -9.12 -31.98 0.70
N NO3 F . -40.30 -28.57 -14.93
O1 NO3 F . -40.31 -29.62 -14.31
O2 NO3 F . -40.45 -27.34 -14.25
O3 NO3 F . -40.05 -28.56 -16.32
N NO3 G . -45.64 -12.60 -10.16
O1 NO3 G . -45.65 -13.69 -10.69
O2 NO3 G . -44.50 -11.79 -10.27
O3 NO3 G . -46.82 -12.07 -9.62
PA NAP H . -23.55 15.02 -17.38
O1A NAP H . -24.05 16.45 -17.37
O2A NAP H . -24.43 13.92 -17.95
O5B NAP H . -22.13 14.96 -18.14
C5B NAP H . -21.16 15.99 -17.95
C4B NAP H . -20.06 15.93 -18.99
O4B NAP H . -19.81 14.60 -19.46
C3B NAP H . -20.45 16.76 -20.21
O3B NAP H . -19.37 17.61 -20.57
C2B NAP H . -20.68 15.74 -21.30
O2B NAP H . -20.34 16.32 -22.55
C1B NAP H . -19.77 14.59 -20.89
N9A NAP H . -20.25 13.30 -21.43
C8A NAP H . -21.45 12.72 -21.19
N7A NAP H . -21.56 11.53 -21.84
C5A NAP H . -20.42 11.33 -22.52
C6A NAP H . -19.89 10.28 -23.42
N6A NAP H . -20.61 9.19 -23.72
N1A NAP H . -18.64 10.46 -23.92
C2A NAP H . -17.91 11.55 -23.63
N3A NAP H . -18.33 12.54 -22.83
C4A NAP H . -19.56 12.50 -22.25
O3 NAP H . -23.16 14.59 -15.88
C5D NAP H . -26.32 17.78 -12.79
P2B NAP H . -21.56 16.88 -23.45
O1X NAP H . -22.76 16.10 -22.93
O2X NAP H . -21.60 18.35 -23.16
O3X NAP H . -21.16 16.52 -24.86
N NO3 I . 2.93 15.14 0.83
O1 NO3 I . 3.93 14.50 0.55
O2 NO3 I . 2.93 16.54 0.66
O3 NO3 I . 1.84 14.50 1.44
PA NAP J . 22.20 -12.12 19.65
O1A NAP J . 23.06 -12.56 20.80
O2A NAP J . 22.38 -12.78 18.30
O5B NAP J . 20.66 -12.25 20.07
C5B NAP J . 19.78 -13.03 19.27
C4B NAP J . 18.66 -13.62 20.11
O4B NAP J . 17.93 -14.54 19.29
C3B NAP J . 19.26 -14.42 21.24
O3B NAP J . 18.43 -14.29 22.40
C2B NAP J . 19.26 -15.85 20.76
O2B NAP J . 18.94 -16.75 21.82
C1B NAP J . 18.23 -15.89 19.64
N9A NAP J . 18.83 -16.55 18.45
C8A NAP J . 20.08 -16.33 17.99
N7A NAP J . 20.34 -17.09 16.89
C5A NAP J . 19.23 -17.82 16.65
C6A NAP J . 18.82 -18.83 15.63
N6A NAP J . 19.67 -19.21 14.66
N1A NAP J . 17.57 -19.34 15.74
C2A NAP J . 16.72 -18.97 16.71
N3A NAP J . 17.03 -18.06 17.66
C4A NAP J . 18.24 -17.46 17.68
O3 NAP J . 22.34 -10.52 19.46
PN NAP J . 23.54 -9.68 20.14
O1N NAP J . 24.83 -10.00 19.42
O2N NAP J . 23.46 -9.86 21.63
O5D NAP J . 23.13 -8.16 19.79
P2B NAP J . 20.08 -17.70 22.44
O1X NAP J . 21.38 -16.98 22.15
O2X NAP J . 19.73 -17.79 23.89
O3X NAP J . 19.94 -19.00 21.67
C1 CIT K . 22.79 -0.07 15.71
O1 CIT K . 21.60 0.29 15.48
O2 CIT K . 23.35 0.11 16.81
C2 CIT K . 23.56 -0.75 14.59
C3 CIT K . 24.45 0.16 13.73
O7 CIT K . 23.66 1.18 13.15
C4 CIT K . 25.53 0.79 14.62
C5 CIT K . 26.58 1.61 13.91
O3 CIT K . 26.63 2.84 14.13
O4 CIT K . 27.39 1.01 13.15
C6 CIT K . 25.13 -0.69 12.63
O5 CIT K . 25.96 -1.54 12.98
O6 CIT K . 24.79 -0.45 11.44
PA NAP L . 14.87 0.64 -28.74
O1A NAP L . 15.38 1.63 -29.77
O2A NAP L . 13.75 1.04 -27.82
O5B NAP L . 14.42 -0.71 -29.49
C5B NAP L . 15.41 -1.63 -29.96
C4B NAP L . 14.72 -2.91 -30.43
O4B NAP L . 13.96 -3.47 -29.35
C3B NAP L . 13.73 -2.56 -31.53
O3B NAP L . 13.87 -3.51 -32.59
C2B NAP L . 12.37 -2.69 -30.88
O2B NAP L . 11.41 -3.14 -31.83
C1B NAP L . 12.61 -3.68 -29.75
N9A NAP L . 11.68 -3.46 -28.61
C8A NAP L . 11.58 -2.33 -27.89
N7A NAP L . 10.62 -2.46 -26.92
C5A NAP L . 10.11 -3.69 -27.03
C6A NAP L . 9.07 -4.47 -26.31
N6A NAP L . 8.38 -3.95 -25.27
N1A NAP L . 8.84 -5.74 -26.73
C2A NAP L . 9.52 -6.28 -27.76
N3A NAP L . 10.46 -5.63 -28.45
C4A NAP L . 10.81 -4.36 -28.14
O3 NAP L . 16.10 0.07 -27.86
PN NAP L . 17.59 0.63 -28.09
O1N NAP L . 17.73 1.94 -27.36
O2N NAP L . 17.88 0.58 -29.57
O5D NAP L . 18.60 -0.43 -27.42
C5D NAP L . 19.97 -0.24 -27.75
C4D NAP L . 20.91 -1.31 -27.22
O4D NAP L . 22.21 -1.02 -27.76
C3D NAP L . 21.03 -1.30 -25.70
O3D NAP L . 20.56 -2.53 -25.16
C2D NAP L . 22.51 -1.14 -25.42
O2D NAP L . 23.00 -2.29 -24.71
C1D NAP L . 23.22 -1.09 -26.76
N1N NAP L . 24.10 0.08 -26.80
C2N NAP L . 25.42 -0.08 -26.58
C3N NAP L . 26.29 1.01 -26.62
C7N NAP L . 27.76 0.81 -26.37
O7N NAP L . 28.39 0.09 -27.12
N7N NAP L . 28.33 1.45 -25.35
C4N NAP L . 25.78 2.28 -26.87
C5N NAP L . 24.42 2.42 -27.09
C6N NAP L . 23.60 1.30 -27.05
P2B NAP L . 10.53 -2.04 -32.60
O1X NAP L . 11.51 -1.38 -33.55
O2X NAP L . 9.46 -2.86 -33.28
O3X NAP L . 10.03 -1.14 -31.50
C1 CIT M . 26.42 3.62 -23.32
O1 CIT M . 25.36 3.20 -23.85
O2 CIT M . 27.52 3.04 -23.43
C2 CIT M . 26.34 4.90 -22.51
C3 CIT M . 25.20 4.96 -21.48
O7 CIT M . 23.95 4.92 -22.15
C4 CIT M . 25.32 3.76 -20.55
C5 CIT M . 24.08 3.44 -19.72
O3 CIT M . 23.69 4.29 -18.89
O4 CIT M . 23.52 2.34 -19.89
C6 CIT M . 25.32 6.27 -20.66
O5 CIT M . 24.31 6.67 -20.05
O6 CIT M . 26.43 6.86 -20.67
#